data_1KON
# 
_entry.id   1KON 
# 
_audit_conform.dict_name       mmcif_pdbx.dic 
_audit_conform.dict_version    5.386 
_audit_conform.dict_location   http://mmcif.pdb.org/dictionaries/ascii/mmcif_pdbx.dic 
# 
loop_
_database_2.database_id 
_database_2.database_code 
_database_2.pdbx_database_accession 
_database_2.pdbx_DOI 
PDB   1KON         pdb_00001kon 10.2210/pdb1kon/pdb 
RCSB  RCSB015177   ?            ?                   
WWPDB D_1000015177 ?            ?                   
# 
loop_
_pdbx_audit_revision_history.ordinal 
_pdbx_audit_revision_history.data_content_type 
_pdbx_audit_revision_history.major_revision 
_pdbx_audit_revision_history.minor_revision 
_pdbx_audit_revision_history.revision_date 
1 'Structure model' 1 0 2002-07-17 
2 'Structure model' 1 1 2008-04-27 
3 'Structure model' 1 2 2011-07-13 
4 'Structure model' 1 3 2018-01-31 
5 'Structure model' 1 4 2024-02-14 
# 
_pdbx_audit_revision_details.ordinal             1 
_pdbx_audit_revision_details.revision_ordinal    1 
_pdbx_audit_revision_details.data_content_type   'Structure model' 
_pdbx_audit_revision_details.provider            repository 
_pdbx_audit_revision_details.type                'Initial release' 
_pdbx_audit_revision_details.description         ? 
_pdbx_audit_revision_details.details             ? 
# 
loop_
_pdbx_audit_revision_group.ordinal 
_pdbx_audit_revision_group.revision_ordinal 
_pdbx_audit_revision_group.data_content_type 
_pdbx_audit_revision_group.group 
1 2 'Structure model' 'Version format compliance' 
2 3 'Structure model' 'Version format compliance' 
3 4 'Structure model' 'Experimental preparation'  
4 5 'Structure model' 'Data collection'           
5 5 'Structure model' 'Database references'       
# 
loop_
_pdbx_audit_revision_category.ordinal 
_pdbx_audit_revision_category.revision_ordinal 
_pdbx_audit_revision_category.data_content_type 
_pdbx_audit_revision_category.category 
1 4 'Structure model' exptl_crystal_grow 
2 5 'Structure model' chem_comp_atom     
3 5 'Structure model' chem_comp_bond     
4 5 'Structure model' database_2         
5 5 'Structure model' struct_ref_seq_dif 
# 
loop_
_pdbx_audit_revision_item.ordinal 
_pdbx_audit_revision_item.revision_ordinal 
_pdbx_audit_revision_item.data_content_type 
_pdbx_audit_revision_item.item 
1 4 'Structure model' '_exptl_crystal_grow.temp'            
2 5 'Structure model' '_database_2.pdbx_DOI'                
3 5 'Structure model' '_database_2.pdbx_database_accession' 
4 5 'Structure model' '_struct_ref_seq_dif.details'         
# 
_pdbx_database_status.status_code                     REL 
_pdbx_database_status.entry_id                        1KON 
_pdbx_database_status.recvd_initial_deposition_date   2001-12-21 
_pdbx_database_status.deposit_site                    RCSB 
_pdbx_database_status.process_site                    RCSB 
_pdbx_database_status.SG_entry                        Y 
_pdbx_database_status.pdb_format_compatible           Y 
_pdbx_database_status.status_code_mr                  ? 
_pdbx_database_status.status_code_sf                  ? 
_pdbx_database_status.status_code_cs                  ? 
_pdbx_database_status.methods_development_category    ? 
_pdbx_database_status.status_code_nmr_data            ? 
# 
_pdbx_database_related.db_name        TargetDB 
_pdbx_database_related.db_id          YEBC_ECOLI 
_pdbx_database_related.details        . 
_pdbx_database_related.content_type   unspecified 
# 
loop_
_audit_author.name 
_audit_author.pdbx_ordinal 
'Jia, J.'                                                           1 
'Smith, C.'                                                         2 
'Lunin, V.V.'                                                       3 
'Matte, A.'                                                         4 
'Cygler, M.'                                                        5 
'Montreal-Kingston Bacterial Structural Genomics Initiative (BSGI)' 6 
# 
_citation.id                        primary 
_citation.title                     UNPUBLISHED 
_citation.journal_abbrev            'TO BE PUBLISHED' 
_citation.journal_volume            ? 
_citation.page_first                ? 
_citation.page_last                 ? 
_citation.year                      ? 
_citation.journal_id_ASTM           ? 
_citation.country                   ? 
_citation.journal_id_ISSN           ? 
_citation.journal_id_CSD            0353 
_citation.book_publisher            ? 
_citation.pdbx_database_id_PubMed   ? 
_citation.pdbx_database_id_DOI      ? 
# 
_entity.id                         1 
_entity.type                       polymer 
_entity.src_method                 man 
_entity.pdbx_description           'Protein yebC' 
_entity.formula_weight             26737.881 
_entity.pdbx_number_of_molecules   1 
_entity.pdbx_ec                    ? 
_entity.pdbx_mutation              ? 
_entity.pdbx_fragment              ? 
_entity.details                    ? 
# 
_entity_name_com.entity_id   1 
_entity_name_com.name        YebC 
# 
_entity_poly.entity_id                      1 
_entity_poly.type                           'polypeptide(L)' 
_entity_poly.nstd_linkage                   no 
_entity_poly.nstd_monomer                   no 
_entity_poly.pdbx_seq_one_letter_code       
;GSHMAGHSKWANTRHRKAAQDAKRGKIFTKIIRELVTAAKLGGGDPDANPRLRAAVDKALSNNMTRDTLNRAIARGVGGD
DDANMETIIYEGYGPGGTAIMIECLSDNRNRTVAEVRHAFSKCGGNLGTDGSVAYLFSKKGVISFEKGDEDTIMEAALEA
GAEDVVTYDDGAIDVYTAWEEMGKVRDALEAAGLKADSAEVSMIPSTKADMDAETAPKLMRLIDMLEDCDDVQEVYHNGE
ISDEVAATL
;
_entity_poly.pdbx_seq_one_letter_code_can   
;GSHMAGHSKWANTRHRKAAQDAKRGKIFTKIIRELVTAAKLGGGDPDANPRLRAAVDKALSNNMTRDTLNRAIARGVGGD
DDANMETIIYEGYGPGGTAIMIECLSDNRNRTVAEVRHAFSKCGGNLGTDGSVAYLFSKKGVISFEKGDEDTIMEAALEA
GAEDVVTYDDGAIDVYTAWEEMGKVRDALEAAGLKADSAEVSMIPSTKADMDAETAPKLMRLIDMLEDCDDVQEVYHNGE
ISDEVAATL
;
_entity_poly.pdbx_strand_id                 A 
_entity_poly.pdbx_target_identifier         YEBC_ECOLI 
# 
loop_
_entity_poly_seq.entity_id 
_entity_poly_seq.num 
_entity_poly_seq.mon_id 
_entity_poly_seq.hetero 
1 1   GLY n 
1 2   SER n 
1 3   HIS n 
1 4   MET n 
1 5   ALA n 
1 6   GLY n 
1 7   HIS n 
1 8   SER n 
1 9   LYS n 
1 10  TRP n 
1 11  ALA n 
1 12  ASN n 
1 13  THR n 
1 14  ARG n 
1 15  HIS n 
1 16  ARG n 
1 17  LYS n 
1 18  ALA n 
1 19  ALA n 
1 20  GLN n 
1 21  ASP n 
1 22  ALA n 
1 23  LYS n 
1 24  ARG n 
1 25  GLY n 
1 26  LYS n 
1 27  ILE n 
1 28  PHE n 
1 29  THR n 
1 30  LYS n 
1 31  ILE n 
1 32  ILE n 
1 33  ARG n 
1 34  GLU n 
1 35  LEU n 
1 36  VAL n 
1 37  THR n 
1 38  ALA n 
1 39  ALA n 
1 40  LYS n 
1 41  LEU n 
1 42  GLY n 
1 43  GLY n 
1 44  GLY n 
1 45  ASP n 
1 46  PRO n 
1 47  ASP n 
1 48  ALA n 
1 49  ASN n 
1 50  PRO n 
1 51  ARG n 
1 52  LEU n 
1 53  ARG n 
1 54  ALA n 
1 55  ALA n 
1 56  VAL n 
1 57  ASP n 
1 58  LYS n 
1 59  ALA n 
1 60  LEU n 
1 61  SER n 
1 62  ASN n 
1 63  ASN n 
1 64  MET n 
1 65  THR n 
1 66  ARG n 
1 67  ASP n 
1 68  THR n 
1 69  LEU n 
1 70  ASN n 
1 71  ARG n 
1 72  ALA n 
1 73  ILE n 
1 74  ALA n 
1 75  ARG n 
1 76  GLY n 
1 77  VAL n 
1 78  GLY n 
1 79  GLY n 
1 80  ASP n 
1 81  ASP n 
1 82  ASP n 
1 83  ALA n 
1 84  ASN n 
1 85  MET n 
1 86  GLU n 
1 87  THR n 
1 88  ILE n 
1 89  ILE n 
1 90  TYR n 
1 91  GLU n 
1 92  GLY n 
1 93  TYR n 
1 94  GLY n 
1 95  PRO n 
1 96  GLY n 
1 97  GLY n 
1 98  THR n 
1 99  ALA n 
1 100 ILE n 
1 101 MET n 
1 102 ILE n 
1 103 GLU n 
1 104 CYS n 
1 105 LEU n 
1 106 SER n 
1 107 ASP n 
1 108 ASN n 
1 109 ARG n 
1 110 ASN n 
1 111 ARG n 
1 112 THR n 
1 113 VAL n 
1 114 ALA n 
1 115 GLU n 
1 116 VAL n 
1 117 ARG n 
1 118 HIS n 
1 119 ALA n 
1 120 PHE n 
1 121 SER n 
1 122 LYS n 
1 123 CYS n 
1 124 GLY n 
1 125 GLY n 
1 126 ASN n 
1 127 LEU n 
1 128 GLY n 
1 129 THR n 
1 130 ASP n 
1 131 GLY n 
1 132 SER n 
1 133 VAL n 
1 134 ALA n 
1 135 TYR n 
1 136 LEU n 
1 137 PHE n 
1 138 SER n 
1 139 LYS n 
1 140 LYS n 
1 141 GLY n 
1 142 VAL n 
1 143 ILE n 
1 144 SER n 
1 145 PHE n 
1 146 GLU n 
1 147 LYS n 
1 148 GLY n 
1 149 ASP n 
1 150 GLU n 
1 151 ASP n 
1 152 THR n 
1 153 ILE n 
1 154 MET n 
1 155 GLU n 
1 156 ALA n 
1 157 ALA n 
1 158 LEU n 
1 159 GLU n 
1 160 ALA n 
1 161 GLY n 
1 162 ALA n 
1 163 GLU n 
1 164 ASP n 
1 165 VAL n 
1 166 VAL n 
1 167 THR n 
1 168 TYR n 
1 169 ASP n 
1 170 ASP n 
1 171 GLY n 
1 172 ALA n 
1 173 ILE n 
1 174 ASP n 
1 175 VAL n 
1 176 TYR n 
1 177 THR n 
1 178 ALA n 
1 179 TRP n 
1 180 GLU n 
1 181 GLU n 
1 182 MET n 
1 183 GLY n 
1 184 LYS n 
1 185 VAL n 
1 186 ARG n 
1 187 ASP n 
1 188 ALA n 
1 189 LEU n 
1 190 GLU n 
1 191 ALA n 
1 192 ALA n 
1 193 GLY n 
1 194 LEU n 
1 195 LYS n 
1 196 ALA n 
1 197 ASP n 
1 198 SER n 
1 199 ALA n 
1 200 GLU n 
1 201 VAL n 
1 202 SER n 
1 203 MET n 
1 204 ILE n 
1 205 PRO n 
1 206 SER n 
1 207 THR n 
1 208 LYS n 
1 209 ALA n 
1 210 ASP n 
1 211 MET n 
1 212 ASP n 
1 213 ALA n 
1 214 GLU n 
1 215 THR n 
1 216 ALA n 
1 217 PRO n 
1 218 LYS n 
1 219 LEU n 
1 220 MET n 
1 221 ARG n 
1 222 LEU n 
1 223 ILE n 
1 224 ASP n 
1 225 MET n 
1 226 LEU n 
1 227 GLU n 
1 228 ASP n 
1 229 CYS n 
1 230 ASP n 
1 231 ASP n 
1 232 VAL n 
1 233 GLN n 
1 234 GLU n 
1 235 VAL n 
1 236 TYR n 
1 237 HIS n 
1 238 ASN n 
1 239 GLY n 
1 240 GLU n 
1 241 ILE n 
1 242 SER n 
1 243 ASP n 
1 244 GLU n 
1 245 VAL n 
1 246 ALA n 
1 247 ALA n 
1 248 THR n 
1 249 LEU n 
# 
_entity_src_gen.entity_id                          1 
_entity_src_gen.pdbx_src_id                        1 
_entity_src_gen.pdbx_alt_source_flag               sample 
_entity_src_gen.pdbx_seq_type                      ? 
_entity_src_gen.pdbx_beg_seq_num                   ? 
_entity_src_gen.pdbx_end_seq_num                   ? 
_entity_src_gen.gene_src_common_name               ? 
_entity_src_gen.gene_src_genus                     Escherichia 
_entity_src_gen.pdbx_gene_src_gene                 yebC 
_entity_src_gen.gene_src_species                   ? 
_entity_src_gen.gene_src_strain                    ? 
_entity_src_gen.gene_src_tissue                    ? 
_entity_src_gen.gene_src_tissue_fraction           ? 
_entity_src_gen.gene_src_details                   ? 
_entity_src_gen.pdbx_gene_src_fragment             ? 
_entity_src_gen.pdbx_gene_src_scientific_name      'Escherichia coli' 
_entity_src_gen.pdbx_gene_src_ncbi_taxonomy_id     562 
_entity_src_gen.pdbx_gene_src_variant              ? 
_entity_src_gen.pdbx_gene_src_cell_line            ? 
_entity_src_gen.pdbx_gene_src_atcc                 ? 
_entity_src_gen.pdbx_gene_src_organ                ? 
_entity_src_gen.pdbx_gene_src_organelle            ? 
_entity_src_gen.pdbx_gene_src_cell                 ? 
_entity_src_gen.pdbx_gene_src_cellular_location    ? 
_entity_src_gen.host_org_common_name               ? 
_entity_src_gen.pdbx_host_org_scientific_name      'Escherichia coli BL21' 
_entity_src_gen.pdbx_host_org_ncbi_taxonomy_id     511693 
_entity_src_gen.host_org_genus                     Escherichia 
_entity_src_gen.pdbx_host_org_gene                 ? 
_entity_src_gen.pdbx_host_org_organ                ? 
_entity_src_gen.host_org_species                   'Escherichia coli' 
_entity_src_gen.pdbx_host_org_tissue               ? 
_entity_src_gen.pdbx_host_org_tissue_fraction      ? 
_entity_src_gen.pdbx_host_org_strain               BL21 
_entity_src_gen.pdbx_host_org_variant              ? 
_entity_src_gen.pdbx_host_org_cell_line            ? 
_entity_src_gen.pdbx_host_org_atcc                 ? 
_entity_src_gen.pdbx_host_org_culture_collection   ? 
_entity_src_gen.pdbx_host_org_cell                 ? 
_entity_src_gen.pdbx_host_org_organelle            ? 
_entity_src_gen.pdbx_host_org_cellular_location    ? 
_entity_src_gen.pdbx_host_org_vector_type          PLASMID 
_entity_src_gen.pdbx_host_org_vector               ? 
_entity_src_gen.host_org_details                   ? 
_entity_src_gen.expression_system_id               ? 
_entity_src_gen.plasmid_name                       ? 
_entity_src_gen.plasmid_details                    ? 
_entity_src_gen.pdbx_description                   ? 
# 
loop_
_chem_comp.id 
_chem_comp.type 
_chem_comp.mon_nstd_flag 
_chem_comp.name 
_chem_comp.pdbx_synonyms 
_chem_comp.formula 
_chem_comp.formula_weight 
ALA 'L-peptide linking' y ALANINE         ? 'C3 H7 N O2'     89.093  
ARG 'L-peptide linking' y ARGININE        ? 'C6 H15 N4 O2 1' 175.209 
ASN 'L-peptide linking' y ASPARAGINE      ? 'C4 H8 N2 O3'    132.118 
ASP 'L-peptide linking' y 'ASPARTIC ACID' ? 'C4 H7 N O4'     133.103 
CYS 'L-peptide linking' y CYSTEINE        ? 'C3 H7 N O2 S'   121.158 
GLN 'L-peptide linking' y GLUTAMINE       ? 'C5 H10 N2 O3'   146.144 
GLU 'L-peptide linking' y 'GLUTAMIC ACID' ? 'C5 H9 N O4'     147.129 
GLY 'peptide linking'   y GLYCINE         ? 'C2 H5 N O2'     75.067  
HIS 'L-peptide linking' y HISTIDINE       ? 'C6 H10 N3 O2 1' 156.162 
ILE 'L-peptide linking' y ISOLEUCINE      ? 'C6 H13 N O2'    131.173 
LEU 'L-peptide linking' y LEUCINE         ? 'C6 H13 N O2'    131.173 
LYS 'L-peptide linking' y LYSINE          ? 'C6 H15 N2 O2 1' 147.195 
MET 'L-peptide linking' y METHIONINE      ? 'C5 H11 N O2 S'  149.211 
PHE 'L-peptide linking' y PHENYLALANINE   ? 'C9 H11 N O2'    165.189 
PRO 'L-peptide linking' y PROLINE         ? 'C5 H9 N O2'     115.130 
SER 'L-peptide linking' y SERINE          ? 'C3 H7 N O3'     105.093 
THR 'L-peptide linking' y THREONINE       ? 'C4 H9 N O3'     119.119 
TRP 'L-peptide linking' y TRYPTOPHAN      ? 'C11 H12 N2 O2'  204.225 
TYR 'L-peptide linking' y TYROSINE        ? 'C9 H11 N O3'    181.189 
VAL 'L-peptide linking' y VALINE          ? 'C5 H11 N O2'    117.146 
# 
loop_
_pdbx_poly_seq_scheme.asym_id 
_pdbx_poly_seq_scheme.entity_id 
_pdbx_poly_seq_scheme.seq_id 
_pdbx_poly_seq_scheme.mon_id 
_pdbx_poly_seq_scheme.ndb_seq_num 
_pdbx_poly_seq_scheme.pdb_seq_num 
_pdbx_poly_seq_scheme.auth_seq_num 
_pdbx_poly_seq_scheme.pdb_mon_id 
_pdbx_poly_seq_scheme.auth_mon_id 
_pdbx_poly_seq_scheme.pdb_strand_id 
_pdbx_poly_seq_scheme.pdb_ins_code 
_pdbx_poly_seq_scheme.hetero 
A 1 1   GLY 1   -2  ?   ?   ?   A . n 
A 1 2   SER 2   -1  ?   ?   ?   A . n 
A 1 3   HIS 3   0   ?   ?   ?   A . n 
A 1 4   MET 4   1   ?   ?   ?   A . n 
A 1 5   ALA 5   2   ?   ?   ?   A . n 
A 1 6   GLY 6   3   3   GLY GLY A . n 
A 1 7   HIS 7   4   4   HIS HIS A . n 
A 1 8   SER 8   5   5   SER SER A . n 
A 1 9   LYS 9   6   6   LYS LYS A . n 
A 1 10  TRP 10  7   7   TRP TRP A . n 
A 1 11  ALA 11  8   8   ALA ALA A . n 
A 1 12  ASN 12  9   9   ASN ASN A . n 
A 1 13  THR 13  10  10  THR THR A . n 
A 1 14  ARG 14  11  11  ARG ARG A . n 
A 1 15  HIS 15  12  12  HIS HIS A . n 
A 1 16  ARG 16  13  13  ARG ARG A . n 
A 1 17  LYS 17  14  14  LYS LYS A . n 
A 1 18  ALA 18  15  15  ALA ALA A . n 
A 1 19  ALA 19  16  16  ALA ALA A . n 
A 1 20  GLN 20  17  17  GLN GLN A . n 
A 1 21  ASP 21  18  18  ASP ASP A . n 
A 1 22  ALA 22  19  19  ALA ALA A . n 
A 1 23  LYS 23  20  20  LYS LYS A . n 
A 1 24  ARG 24  21  21  ARG ARG A . n 
A 1 25  GLY 25  22  22  GLY GLY A . n 
A 1 26  LYS 26  23  23  LYS LYS A . n 
A 1 27  ILE 27  24  24  ILE ILE A . n 
A 1 28  PHE 28  25  25  PHE PHE A . n 
A 1 29  THR 29  26  26  THR THR A . n 
A 1 30  LYS 30  27  27  LYS LYS A . n 
A 1 31  ILE 31  28  28  ILE ILE A . n 
A 1 32  ILE 32  29  29  ILE ILE A . n 
A 1 33  ARG 33  30  30  ARG ARG A . n 
A 1 34  GLU 34  31  31  GLU GLU A . n 
A 1 35  LEU 35  32  32  LEU LEU A . n 
A 1 36  VAL 36  33  33  VAL VAL A . n 
A 1 37  THR 37  34  34  THR THR A . n 
A 1 38  ALA 38  35  35  ALA ALA A . n 
A 1 39  ALA 39  36  36  ALA ALA A . n 
A 1 40  LYS 40  37  37  LYS LYS A . n 
A 1 41  LEU 41  38  38  LEU LEU A . n 
A 1 42  GLY 42  39  ?   ?   ?   A . n 
A 1 43  GLY 43  40  ?   ?   ?   A . n 
A 1 44  GLY 44  41  ?   ?   ?   A . n 
A 1 45  ASP 45  42  ?   ?   ?   A . n 
A 1 46  PRO 46  43  ?   ?   ?   A . n 
A 1 47  ASP 47  44  44  ASP ASP A . n 
A 1 48  ALA 48  45  45  ALA ALA A . n 
A 1 49  ASN 49  46  46  ASN ASN A . n 
A 1 50  PRO 50  47  47  PRO PRO A . n 
A 1 51  ARG 51  48  48  ARG ARG A . n 
A 1 52  LEU 52  49  49  LEU LEU A . n 
A 1 53  ARG 53  50  50  ARG ARG A . n 
A 1 54  ALA 54  51  51  ALA ALA A . n 
A 1 55  ALA 55  52  52  ALA ALA A . n 
A 1 56  VAL 56  53  53  VAL VAL A . n 
A 1 57  ASP 57  54  54  ASP ASP A . n 
A 1 58  LYS 58  55  55  LYS LYS A . n 
A 1 59  ALA 59  56  56  ALA ALA A . n 
A 1 60  LEU 60  57  57  LEU LEU A . n 
A 1 61  SER 61  58  58  SER SER A . n 
A 1 62  ASN 62  59  59  ASN ASN A . n 
A 1 63  ASN 63  60  60  ASN ASN A . n 
A 1 64  MET 64  61  61  MET MET A . n 
A 1 65  THR 65  62  62  THR THR A . n 
A 1 66  ARG 66  63  63  ARG ARG A . n 
A 1 67  ASP 67  64  64  ASP ASP A . n 
A 1 68  THR 68  65  65  THR THR A . n 
A 1 69  LEU 69  66  66  LEU LEU A . n 
A 1 70  ASN 70  67  67  ASN ASN A . n 
A 1 71  ARG 71  68  68  ARG ARG A . n 
A 1 72  ALA 72  69  69  ALA ALA A . n 
A 1 73  ILE 73  70  70  ILE ILE A . n 
A 1 74  ALA 74  71  71  ALA ALA A . n 
A 1 75  ARG 75  72  72  ARG ARG A . n 
A 1 76  GLY 76  73  73  GLY GLY A . n 
A 1 77  VAL 77  74  ?   ?   ?   A . n 
A 1 78  GLY 78  75  ?   ?   ?   A . n 
A 1 79  GLY 79  76  ?   ?   ?   A . n 
A 1 80  ASP 80  77  ?   ?   ?   A . n 
A 1 81  ASP 81  78  ?   ?   ?   A . n 
A 1 82  ASP 82  79  ?   ?   ?   A . n 
A 1 83  ALA 83  80  80  ALA ALA A . n 
A 1 84  ASN 84  81  81  ASN ASN A . n 
A 1 85  MET 85  82  82  MET MET A . n 
A 1 86  GLU 86  83  83  GLU GLU A . n 
A 1 87  THR 87  84  84  THR THR A . n 
A 1 88  ILE 88  85  85  ILE ILE A . n 
A 1 89  ILE 89  86  86  ILE ILE A . n 
A 1 90  TYR 90  87  87  TYR TYR A . n 
A 1 91  GLU 91  88  88  GLU GLU A . n 
A 1 92  GLY 92  89  89  GLY GLY A . n 
A 1 93  TYR 93  90  90  TYR TYR A . n 
A 1 94  GLY 94  91  91  GLY GLY A . n 
A 1 95  PRO 95  92  92  PRO PRO A . n 
A 1 96  GLY 96  93  93  GLY GLY A . n 
A 1 97  GLY 97  94  94  GLY GLY A . n 
A 1 98  THR 98  95  95  THR THR A . n 
A 1 99  ALA 99  96  96  ALA ALA A . n 
A 1 100 ILE 100 97  97  ILE ILE A . n 
A 1 101 MET 101 98  98  MET MET A . n 
A 1 102 ILE 102 99  99  ILE ILE A . n 
A 1 103 GLU 103 100 100 GLU GLU A . n 
A 1 104 CYS 104 101 101 CYS CYS A . n 
A 1 105 LEU 105 102 102 LEU LEU A . n 
A 1 106 SER 106 103 103 SER SER A . n 
A 1 107 ASP 107 104 104 ASP ASP A . n 
A 1 108 ASN 108 105 105 ASN ASN A . n 
A 1 109 ARG 109 106 106 ARG ARG A . n 
A 1 110 ASN 110 107 107 ASN ASN A . n 
A 1 111 ARG 111 108 108 ARG ARG A . n 
A 1 112 THR 112 109 109 THR THR A . n 
A 1 113 VAL 113 110 110 VAL VAL A . n 
A 1 114 ALA 114 111 111 ALA ALA A . n 
A 1 115 GLU 115 112 112 GLU GLU A . n 
A 1 116 VAL 116 113 113 VAL VAL A . n 
A 1 117 ARG 117 114 114 ARG ARG A . n 
A 1 118 HIS 118 115 115 HIS HIS A . n 
A 1 119 ALA 119 116 116 ALA ALA A . n 
A 1 120 PHE 120 117 117 PHE PHE A . n 
A 1 121 SER 121 118 118 SER SER A . n 
A 1 122 LYS 122 119 119 LYS LYS A . n 
A 1 123 CYS 123 120 120 CYS CYS A . n 
A 1 124 GLY 124 121 121 GLY GLY A . n 
A 1 125 GLY 125 122 122 GLY GLY A . n 
A 1 126 ASN 126 123 123 ASN ASN A . n 
A 1 127 LEU 127 124 124 LEU LEU A . n 
A 1 128 GLY 128 125 125 GLY GLY A . n 
A 1 129 THR 129 126 126 THR THR A . n 
A 1 130 ASP 130 127 127 ASP ASP A . n 
A 1 131 GLY 131 128 128 GLY GLY A . n 
A 1 132 SER 132 129 129 SER SER A . n 
A 1 133 VAL 133 130 130 VAL VAL A . n 
A 1 134 ALA 134 131 131 ALA ALA A . n 
A 1 135 TYR 135 132 132 TYR TYR A . n 
A 1 136 LEU 136 133 133 LEU LEU A . n 
A 1 137 PHE 137 134 134 PHE PHE A . n 
A 1 138 SER 138 135 135 SER SER A . n 
A 1 139 LYS 139 136 136 LYS LYS A . n 
A 1 140 LYS 140 137 137 LYS LYS A . n 
A 1 141 GLY 141 138 138 GLY GLY A . n 
A 1 142 VAL 142 139 139 VAL VAL A . n 
A 1 143 ILE 143 140 140 ILE ILE A . n 
A 1 144 SER 144 141 141 SER SER A . n 
A 1 145 PHE 145 142 142 PHE PHE A . n 
A 1 146 GLU 146 143 143 GLU GLU A . n 
A 1 147 LYS 147 144 144 LYS LYS A . n 
A 1 148 GLY 148 145 145 GLY GLY A . n 
A 1 149 ASP 149 146 146 ASP ASP A . n 
A 1 150 GLU 150 147 147 GLU GLU A . n 
A 1 151 ASP 151 148 148 ASP ASP A . n 
A 1 152 THR 152 149 149 THR THR A . n 
A 1 153 ILE 153 150 150 ILE ILE A . n 
A 1 154 MET 154 151 151 MET MET A . n 
A 1 155 GLU 155 152 152 GLU GLU A . n 
A 1 156 ALA 156 153 153 ALA ALA A . n 
A 1 157 ALA 157 154 154 ALA ALA A . n 
A 1 158 LEU 158 155 155 LEU LEU A . n 
A 1 159 GLU 159 156 156 GLU GLU A . n 
A 1 160 ALA 160 157 157 ALA ALA A . n 
A 1 161 GLY 161 158 158 GLY GLY A . n 
A 1 162 ALA 162 159 159 ALA ALA A . n 
A 1 163 GLU 163 160 160 GLU GLU A . n 
A 1 164 ASP 164 161 161 ASP ASP A . n 
A 1 165 VAL 165 162 162 VAL VAL A . n 
A 1 166 VAL 166 163 163 VAL VAL A . n 
A 1 167 THR 167 164 164 THR THR A . n 
A 1 168 TYR 168 165 165 TYR TYR A . n 
A 1 169 ASP 169 166 166 ASP ASP A . n 
A 1 170 ASP 170 167 167 ASP ASP A . n 
A 1 171 GLY 171 168 168 GLY GLY A . n 
A 1 172 ALA 172 169 169 ALA ALA A . n 
A 1 173 ILE 173 170 170 ILE ILE A . n 
A 1 174 ASP 174 171 171 ASP ASP A . n 
A 1 175 VAL 175 172 172 VAL VAL A . n 
A 1 176 TYR 176 173 173 TYR TYR A . n 
A 1 177 THR 177 174 174 THR THR A . n 
A 1 178 ALA 178 175 175 ALA ALA A . n 
A 1 179 TRP 179 176 176 TRP TRP A . n 
A 1 180 GLU 180 177 177 GLU GLU A . n 
A 1 181 GLU 181 178 178 GLU GLU A . n 
A 1 182 MET 182 179 179 MET MET A . n 
A 1 183 GLY 183 180 180 GLY GLY A . n 
A 1 184 LYS 184 181 181 LYS LYS A . n 
A 1 185 VAL 185 182 182 VAL VAL A . n 
A 1 186 ARG 186 183 183 ARG ARG A . n 
A 1 187 ASP 187 184 184 ASP ASP A . n 
A 1 188 ALA 188 185 185 ALA ALA A . n 
A 1 189 LEU 189 186 186 LEU LEU A . n 
A 1 190 GLU 190 187 187 GLU GLU A . n 
A 1 191 ALA 191 188 188 ALA ALA A . n 
A 1 192 ALA 192 189 189 ALA ALA A . n 
A 1 193 GLY 193 190 190 GLY GLY A . n 
A 1 194 LEU 194 191 191 LEU LEU A . n 
A 1 195 LYS 195 192 192 LYS LYS A . n 
A 1 196 ALA 196 193 193 ALA ALA A . n 
A 1 197 ASP 197 194 194 ASP ASP A . n 
A 1 198 SER 198 195 195 SER SER A . n 
A 1 199 ALA 199 196 196 ALA ALA A . n 
A 1 200 GLU 200 197 197 GLU GLU A . n 
A 1 201 VAL 201 198 198 VAL VAL A . n 
A 1 202 SER 202 199 199 SER SER A . n 
A 1 203 MET 203 200 200 MET MET A . n 
A 1 204 ILE 204 201 201 ILE ILE A . n 
A 1 205 PRO 205 202 202 PRO PRO A . n 
A 1 206 SER 206 203 203 SER SER A . n 
A 1 207 THR 207 204 204 THR THR A . n 
A 1 208 LYS 208 205 205 LYS LYS A . n 
A 1 209 ALA 209 206 206 ALA ALA A . n 
A 1 210 ASP 210 207 207 ASP ASP A . n 
A 1 211 MET 211 208 208 MET MET A . n 
A 1 212 ASP 212 209 209 ASP ASP A . n 
A 1 213 ALA 213 210 210 ALA ALA A . n 
A 1 214 GLU 214 211 211 GLU GLU A . n 
A 1 215 THR 215 212 212 THR THR A . n 
A 1 216 ALA 216 213 213 ALA ALA A . n 
A 1 217 PRO 217 214 214 PRO PRO A . n 
A 1 218 LYS 218 215 215 LYS LYS A . n 
A 1 219 LEU 219 216 216 LEU LEU A . n 
A 1 220 MET 220 217 217 MET MET A . n 
A 1 221 ARG 221 218 218 ARG ARG A . n 
A 1 222 LEU 222 219 219 LEU LEU A . n 
A 1 223 ILE 223 220 220 ILE ILE A . n 
A 1 224 ASP 224 221 221 ASP ASP A . n 
A 1 225 MET 225 222 222 MET MET A . n 
A 1 226 LEU 226 223 223 LEU LEU A . n 
A 1 227 GLU 227 224 224 GLU GLU A . n 
A 1 228 ASP 228 225 225 ASP ASP A . n 
A 1 229 CYS 229 226 226 CYS CYS A . n 
A 1 230 ASP 230 227 227 ASP ASP A . n 
A 1 231 ASP 231 228 228 ASP ASP A . n 
A 1 232 VAL 232 229 229 VAL VAL A . n 
A 1 233 GLN 233 230 230 GLN GLN A . n 
A 1 234 GLU 234 231 231 GLU GLU A . n 
A 1 235 VAL 235 232 232 VAL VAL A . n 
A 1 236 TYR 236 233 233 TYR TYR A . n 
A 1 237 HIS 237 234 234 HIS HIS A . n 
A 1 238 ASN 238 235 235 ASN ASN A . n 
A 1 239 GLY 239 236 236 GLY GLY A . n 
A 1 240 GLU 240 237 237 GLU GLU A . n 
A 1 241 ILE 241 238 238 ILE ILE A . n 
A 1 242 SER 242 239 239 SER SER A . n 
A 1 243 ASP 243 240 240 ASP ASP A . n 
A 1 244 GLU 244 241 241 GLU GLU A . n 
A 1 245 VAL 245 242 242 VAL VAL A . n 
A 1 246 ALA 246 243 243 ALA ALA A . n 
A 1 247 ALA 247 244 244 ALA ALA A . n 
A 1 248 THR 248 245 245 THR THR A . n 
A 1 249 LEU 249 246 246 LEU LEU A . n 
# 
loop_
_pdbx_unobs_or_zero_occ_atoms.id 
_pdbx_unobs_or_zero_occ_atoms.PDB_model_num 
_pdbx_unobs_or_zero_occ_atoms.polymer_flag 
_pdbx_unobs_or_zero_occ_atoms.occupancy_flag 
_pdbx_unobs_or_zero_occ_atoms.auth_asym_id 
_pdbx_unobs_or_zero_occ_atoms.auth_comp_id 
_pdbx_unobs_or_zero_occ_atoms.auth_seq_id 
_pdbx_unobs_or_zero_occ_atoms.PDB_ins_code 
_pdbx_unobs_or_zero_occ_atoms.auth_atom_id 
_pdbx_unobs_or_zero_occ_atoms.label_alt_id 
_pdbx_unobs_or_zero_occ_atoms.label_asym_id 
_pdbx_unobs_or_zero_occ_atoms.label_comp_id 
_pdbx_unobs_or_zero_occ_atoms.label_seq_id 
_pdbx_unobs_or_zero_occ_atoms.label_atom_id 
1  1 Y 1 A LYS 14 ? CG  ? A LYS 17 CG  
2  1 Y 1 A LYS 14 ? CD  ? A LYS 17 CD  
3  1 Y 1 A LYS 14 ? CE  ? A LYS 17 CE  
4  1 Y 1 A LYS 14 ? NZ  ? A LYS 17 NZ  
5  1 Y 1 A LYS 37 ? CG  ? A LYS 40 CG  
6  1 Y 1 A LYS 37 ? CD  ? A LYS 40 CD  
7  1 Y 1 A LYS 37 ? CE  ? A LYS 40 CE  
8  1 Y 1 A LYS 37 ? NZ  ? A LYS 40 NZ  
9  1 Y 1 A LEU 38 ? CG  ? A LEU 41 CG  
10 1 Y 1 A LEU 38 ? CD1 ? A LEU 41 CD1 
11 1 Y 1 A LEU 38 ? CD2 ? A LEU 41 CD2 
12 1 Y 1 A ASP 44 ? CG  ? A ASP 47 CG  
13 1 Y 1 A ASP 44 ? OD1 ? A ASP 47 OD1 
14 1 Y 1 A ASP 44 ? OD2 ? A ASP 47 OD2 
15 1 Y 1 A ASN 46 ? CG  ? A ASN 49 CG  
16 1 Y 1 A ASN 46 ? OD1 ? A ASN 49 OD1 
17 1 Y 1 A ASN 46 ? ND2 ? A ASN 49 ND2 
18 1 Y 1 A ARG 48 ? CG  ? A ARG 51 CG  
19 1 Y 1 A ARG 48 ? CD  ? A ARG 51 CD  
20 1 Y 1 A ARG 48 ? NE  ? A ARG 51 NE  
21 1 Y 1 A ARG 48 ? CZ  ? A ARG 51 CZ  
22 1 Y 1 A ARG 48 ? NH1 ? A ARG 51 NH1 
23 1 Y 1 A ARG 48 ? NH2 ? A ARG 51 NH2 
24 1 Y 1 A ARG 50 ? CG  ? A ARG 53 CG  
25 1 Y 1 A ARG 50 ? CD  ? A ARG 53 CD  
26 1 Y 1 A ARG 50 ? NE  ? A ARG 53 NE  
27 1 Y 1 A ARG 50 ? CZ  ? A ARG 53 CZ  
28 1 Y 1 A ARG 50 ? NH1 ? A ARG 53 NH1 
29 1 Y 1 A ARG 50 ? NH2 ? A ARG 53 NH2 
30 1 Y 1 A ARG 72 ? CG  ? A ARG 75 CG  
31 1 Y 1 A ARG 72 ? CD  ? A ARG 75 CD  
32 1 Y 1 A ARG 72 ? NE  ? A ARG 75 NE  
33 1 Y 1 A ARG 72 ? CZ  ? A ARG 75 CZ  
34 1 Y 1 A ARG 72 ? NH1 ? A ARG 75 NH1 
35 1 Y 1 A ARG 72 ? NH2 ? A ARG 75 NH2 
# 
loop_
_software.name 
_software.classification 
_software.version 
_software.citation_id 
_software.pdbx_ordinal 
SOLVE    phasing          .   ? 1 
CNS      refinement       1.0 ? 2 
HKL-2000 'data reduction' .   ? 3 
HKL-2000 'data scaling'   .   ? 4 
# 
_cell.entry_id           1KON 
_cell.length_a           39.560 
_cell.length_b           73.480 
_cell.length_c           39.260 
_cell.angle_alpha        90.00 
_cell.angle_beta         97.89 
_cell.angle_gamma        90.00 
_cell.Z_PDB              2 
_cell.pdbx_unique_axis   ? 
# 
_symmetry.entry_id                         1KON 
_symmetry.space_group_name_H-M             'P 1 21 1' 
_symmetry.pdbx_full_space_group_name_H-M   ? 
_symmetry.cell_setting                     ? 
_symmetry.Int_Tables_number                4 
# 
_exptl.entry_id          1KON 
_exptl.method            'X-RAY DIFFRACTION' 
_exptl.crystals_number   2 
# 
_exptl_crystal.id                    1 
_exptl_crystal.density_meas          ? 
_exptl_crystal.density_percent_sol   41.80 
_exptl_crystal.density_Matthews      2.11 
_exptl_crystal.description           ? 
# 
_exptl_crystal_grow.crystal_id      1 
_exptl_crystal_grow.method          'VAPOR DIFFUSION, HANGING DROP' 
_exptl_crystal_grow.temp            295.0 
_exptl_crystal_grow.temp_details    ? 
_exptl_crystal_grow.pH              8 
_exptl_crystal_grow.pdbx_details    
'Tris-Cl, postassium chloride, dithiothreitol, pH 8, VAPOR DIFFUSION, HANGING DROP, temperature 22K' 
_exptl_crystal_grow.pdbx_pH_range   . 
# 
_diffrn.id                     1 
_diffrn.ambient_temp           100 
_diffrn.ambient_temp_details   ? 
_diffrn.crystal_id             1 
# 
_diffrn_detector.diffrn_id              1 
_diffrn_detector.detector               CCD 
_diffrn_detector.type                   'ADSC QUANTUM 4' 
_diffrn_detector.pdbx_collection_date   2001-02-08 
_diffrn_detector.details                'collimating mirror' 
# 
_diffrn_radiation.diffrn_id                        1 
_diffrn_radiation.wavelength_id                    1 
_diffrn_radiation.pdbx_monochromatic_or_laue_m_l   M 
_diffrn_radiation.monochromator                    ? 
_diffrn_radiation.pdbx_diffrn_protocol             MAD 
_diffrn_radiation.pdbx_scattering_type             x-ray 
# 
loop_
_diffrn_radiation_wavelength.id 
_diffrn_radiation_wavelength.wavelength 
_diffrn_radiation_wavelength.wt 
1 0.96404 1.0 
2 0.97927 1.0 
3 0.97941 1.0 
4 0.97945 1.0 
# 
_diffrn_source.diffrn_id                   1 
_diffrn_source.source                      SYNCHROTRON 
_diffrn_source.type                        'NSLS BEAMLINE X8C' 
_diffrn_source.pdbx_synchrotron_site       NSLS 
_diffrn_source.pdbx_synchrotron_beamline   X8C 
_diffrn_source.pdbx_wavelength             ? 
_diffrn_source.pdbx_wavelength_list        0.96404,0.97927,0.97941,0.97945 
# 
_reflns.entry_id                     1KON 
_reflns.observed_criterion_sigma_I   ? 
_reflns.observed_criterion_sigma_F   ? 
_reflns.d_resolution_low             45 
_reflns.d_resolution_high            2.2 
_reflns.number_obs                   11468 
_reflns.number_all                   11468 
_reflns.percent_possible_obs         99.5 
_reflns.pdbx_Rmerge_I_obs            ? 
_reflns.pdbx_Rsym_value              0.0580000 
_reflns.pdbx_netI_over_sigmaI        ? 
_reflns.B_iso_Wilson_estimate        ? 
_reflns.pdbx_redundancy              7.5 
_reflns.R_free_details               ? 
_reflns.limit_h_max                  ? 
_reflns.limit_h_min                  ? 
_reflns.limit_k_max                  ? 
_reflns.limit_k_min                  ? 
_reflns.limit_l_max                  ? 
_reflns.limit_l_min                  ? 
_reflns.observed_criterion_F_max     ? 
_reflns.observed_criterion_F_min     ? 
_reflns.pdbx_diffrn_id               1 
_reflns.pdbx_ordinal                 1 
# 
_reflns_shell.d_res_high             2.20 
_reflns_shell.d_res_low              2.28 
_reflns_shell.percent_possible_all   99 
_reflns_shell.Rmerge_I_obs           ? 
_reflns_shell.pdbx_Rsym_value        ? 
_reflns_shell.meanI_over_sigI_obs    ? 
_reflns_shell.pdbx_redundancy        ? 
_reflns_shell.percent_possible_obs   ? 
_reflns_shell.number_unique_all      ? 
_reflns_shell.pdbx_diffrn_id         ? 
_reflns_shell.pdbx_ordinal           1 
# 
_refine.entry_id                                 1KON 
_refine.ls_number_reflns_obs                     11468 
_refine.ls_number_reflns_all                     11468 
_refine.pdbx_ls_sigma_I                          0 
_refine.pdbx_ls_sigma_F                          0 
_refine.pdbx_data_cutoff_high_absF               ? 
_refine.pdbx_data_cutoff_low_absF                ? 
_refine.ls_d_res_low                             45 
_refine.ls_d_res_high                            2.2 
_refine.ls_percent_reflns_obs                    99.5 
_refine.ls_R_factor_obs                          0.2730000 
_refine.ls_R_factor_all                          0.2730000 
_refine.ls_R_factor_R_work                       0.2730000 
_refine.ls_R_factor_R_free                       0.3170000 
_refine.ls_R_factor_R_free_error                 ? 
_refine.ls_R_factor_R_free_error_details         ? 
_refine.ls_percent_reflns_R_free                 ? 
_refine.ls_number_reflns_R_free                  115 
_refine.ls_number_parameters                     ? 
_refine.ls_number_restraints                     ? 
_refine.occupancy_min                            ? 
_refine.occupancy_max                            ? 
_refine.B_iso_mean                               54 
_refine.aniso_B[1][1]                            ? 
_refine.aniso_B[2][2]                            ? 
_refine.aniso_B[3][3]                            ? 
_refine.aniso_B[1][2]                            ? 
_refine.aniso_B[1][3]                            ? 
_refine.aniso_B[2][3]                            ? 
_refine.solvent_model_details                    ? 
_refine.solvent_model_param_ksol                 ? 
_refine.solvent_model_param_bsol                 ? 
_refine.pdbx_ls_cross_valid_method               ? 
_refine.details                                  ? 
_refine.pdbx_starting_model                      ? 
_refine.pdbx_method_to_determine_struct          MAD 
_refine.pdbx_isotropic_thermal_model             Isotropic 
_refine.pdbx_stereochemistry_target_values       'Engh & Huber' 
_refine.pdbx_stereochem_target_val_spec_case     ? 
_refine.pdbx_R_Free_selection_details            random 
_refine.pdbx_overall_ESU_R_Free                  ? 
_refine.overall_SU_B                             ? 
_refine.ls_redundancy_reflns_obs                 ? 
_refine.B_iso_min                                ? 
_refine.B_iso_max                                ? 
_refine.correlation_coeff_Fo_to_Fc               ? 
_refine.overall_SU_R_Cruickshank_DPI             ? 
_refine.overall_SU_R_free                        ? 
_refine.overall_SU_ML                            ? 
_refine.pdbx_overall_ESU_R                       ? 
_refine.pdbx_data_cutoff_high_rms_absF           ? 
_refine.correlation_coeff_Fo_to_Fc_free          ? 
_refine.pdbx_solvent_vdw_probe_radii             ? 
_refine.pdbx_solvent_ion_probe_radii             ? 
_refine.pdbx_solvent_shrinkage_radii             ? 
_refine.pdbx_refine_id                           'X-RAY DIFFRACTION' 
_refine.pdbx_diffrn_id                           1 
_refine.pdbx_TLS_residual_ADP_flag               ? 
_refine.pdbx_overall_phase_error                 ? 
_refine.pdbx_overall_SU_R_free_Cruickshank_DPI   ? 
_refine.pdbx_overall_SU_R_Blow_DPI               ? 
_refine.pdbx_overall_SU_R_free_Blow_DPI          ? 
# 
_refine_hist.pdbx_refine_id                   'X-RAY DIFFRACTION' 
_refine_hist.cycle_id                         LAST 
_refine_hist.pdbx_number_atoms_protein        1732 
_refine_hist.pdbx_number_atoms_nucleic_acid   0 
_refine_hist.pdbx_number_atoms_ligand         0 
_refine_hist.number_atoms_solvent             0 
_refine_hist.number_atoms_total               1732 
_refine_hist.d_res_high                       2.2 
_refine_hist.d_res_low                        45 
# 
loop_
_refine_ls_restr.type 
_refine_ls_restr.dev_ideal 
_refine_ls_restr.dev_ideal_target 
_refine_ls_restr.weight 
_refine_ls_restr.number 
_refine_ls_restr.pdbx_refine_id 
_refine_ls_restr.pdbx_restraint_function 
c_bond_d    0.010 ? ? ? 'X-RAY DIFFRACTION' ? 
c_angle_deg 1.331 ? ? ? 'X-RAY DIFFRACTION' ? 
# 
_struct.entry_id                  1KON 
_struct.title                     'CRYSTAL STRUCTURE OF E.COLI YEBC' 
_struct.pdbx_model_details        ? 
_struct.pdbx_CASP_flag            ? 
_struct.pdbx_model_type_details   ? 
# 
_struct_keywords.entry_id        1KON 
_struct_keywords.pdbx_keywords   'UNKNOWN FUNCTION' 
_struct_keywords.text            
'alpha/beta, two-domains, Montreal-Kingston Bacterial Structural Genomics Initiative, BSGI, Structural Genomics, UNKNOWN FUNCTION' 
# 
_struct_asym.id                            A 
_struct_asym.pdbx_blank_PDB_chainid_flag   N 
_struct_asym.pdbx_modified                 N 
_struct_asym.entity_id                     1 
_struct_asym.details                       ? 
# 
_struct_ref.id                         1 
_struct_ref.db_name                    UNP 
_struct_ref.db_code                    YEBC_ECOLI 
_struct_ref.entity_id                  1 
_struct_ref.pdbx_seq_one_letter_code   
;MAGHSKWANTRHRKAAQDAKRGKIFTKIIRELVTAAKLGGGDPDANPRLRAAVDKALSNNMTRDTLNRAIARGVGGDDDA
NMETIIYEGYGPGGTAIMIECLSDNRNRTVAEVRHAFSKCGGNLGTDGSVAYLFSKKGVISFEKGDEDTIMEAALEAGAE
DVVTYDDGAIDVYTAWEEMGKVRDALEAAGLKADSAEVSMIPSTKADMDAETAPKLMRLIDMLEDCDDVQEVYHNGEISD
EVAATL
;
_struct_ref.pdbx_align_begin           1 
_struct_ref.pdbx_db_accession          P0A8A0 
_struct_ref.pdbx_db_isoform            ? 
# 
_struct_ref_seq.align_id                      1 
_struct_ref_seq.ref_id                        1 
_struct_ref_seq.pdbx_PDB_id_code              1KON 
_struct_ref_seq.pdbx_strand_id                A 
_struct_ref_seq.seq_align_beg                 4 
_struct_ref_seq.pdbx_seq_align_beg_ins_code   ? 
_struct_ref_seq.seq_align_end                 249 
_struct_ref_seq.pdbx_seq_align_end_ins_code   ? 
_struct_ref_seq.pdbx_db_accession             P0A8A0 
_struct_ref_seq.db_align_beg                  1 
_struct_ref_seq.pdbx_db_align_beg_ins_code    ? 
_struct_ref_seq.db_align_end                  246 
_struct_ref_seq.pdbx_db_align_end_ins_code    ? 
_struct_ref_seq.pdbx_auth_seq_align_beg       1 
_struct_ref_seq.pdbx_auth_seq_align_end       246 
# 
loop_
_struct_ref_seq_dif.align_id 
_struct_ref_seq_dif.pdbx_pdb_id_code 
_struct_ref_seq_dif.mon_id 
_struct_ref_seq_dif.pdbx_pdb_strand_id 
_struct_ref_seq_dif.seq_num 
_struct_ref_seq_dif.pdbx_pdb_ins_code 
_struct_ref_seq_dif.pdbx_seq_db_name 
_struct_ref_seq_dif.pdbx_seq_db_accession_code 
_struct_ref_seq_dif.db_mon_id 
_struct_ref_seq_dif.pdbx_seq_db_seq_num 
_struct_ref_seq_dif.details 
_struct_ref_seq_dif.pdbx_auth_seq_num 
_struct_ref_seq_dif.pdbx_ordinal 
1 1KON GLY A 1 ? UNP P0A8A0 ? ? 'cloning artifact' -2 1 
1 1KON SER A 2 ? UNP P0A8A0 ? ? 'cloning artifact' -1 2 
1 1KON HIS A 3 ? UNP P0A8A0 ? ? 'cloning artifact' 0  3 
# 
_pdbx_struct_assembly.id                   1 
_pdbx_struct_assembly.details              author_defined_assembly 
_pdbx_struct_assembly.method_details       ? 
_pdbx_struct_assembly.oligomeric_details   monomeric 
_pdbx_struct_assembly.oligomeric_count     1 
# 
_pdbx_struct_assembly_gen.assembly_id       1 
_pdbx_struct_assembly_gen.oper_expression   1 
_pdbx_struct_assembly_gen.asym_id_list      A 
# 
_pdbx_struct_oper_list.id                   1 
_pdbx_struct_oper_list.type                 'identity operation' 
_pdbx_struct_oper_list.name                 1_555 
_pdbx_struct_oper_list.symmetry_operation   x,y,z 
_pdbx_struct_oper_list.matrix[1][1]         1.0000000000 
_pdbx_struct_oper_list.matrix[1][2]         0.0000000000 
_pdbx_struct_oper_list.matrix[1][3]         0.0000000000 
_pdbx_struct_oper_list.vector[1]            0.0000000000 
_pdbx_struct_oper_list.matrix[2][1]         0.0000000000 
_pdbx_struct_oper_list.matrix[2][2]         1.0000000000 
_pdbx_struct_oper_list.matrix[2][3]         0.0000000000 
_pdbx_struct_oper_list.vector[2]            0.0000000000 
_pdbx_struct_oper_list.matrix[3][1]         0.0000000000 
_pdbx_struct_oper_list.matrix[3][2]         0.0000000000 
_pdbx_struct_oper_list.matrix[3][3]         1.0000000000 
_pdbx_struct_oper_list.vector[3]            0.0000000000 
# 
_struct_biol.id                    1 
_struct_biol.pdbx_parent_biol_id   ? 
_struct_biol.details               ? 
# 
loop_
_struct_conf.conf_type_id 
_struct_conf.id 
_struct_conf.pdbx_PDB_helix_id 
_struct_conf.beg_label_comp_id 
_struct_conf.beg_label_asym_id 
_struct_conf.beg_label_seq_id 
_struct_conf.pdbx_beg_PDB_ins_code 
_struct_conf.end_label_comp_id 
_struct_conf.end_label_asym_id 
_struct_conf.end_label_seq_id 
_struct_conf.pdbx_end_PDB_ins_code 
_struct_conf.beg_auth_comp_id 
_struct_conf.beg_auth_asym_id 
_struct_conf.beg_auth_seq_id 
_struct_conf.end_auth_comp_id 
_struct_conf.end_auth_asym_id 
_struct_conf.end_auth_seq_id 
_struct_conf.pdbx_PDB_helix_class 
_struct_conf.details 
_struct_conf.pdbx_PDB_helix_length 
HELX_P HELX_P1  1  LYS A 9   ? THR A 13  ? LYS A 6   THR A 10  5 ? 5  
HELX_P HELX_P2  2  LYS A 23  ? LEU A 41  ? LYS A 20  LEU A 38  1 ? 19 
HELX_P HELX_P3  3  LEU A 52  ? ASN A 62  ? LEU A 49  ASN A 59  1 ? 11 
HELX_P HELX_P4  4  THR A 65  ? ALA A 74  ? THR A 62  ALA A 71  1 ? 10 
HELX_P HELX_P5  5  ASN A 108 ? LYS A 122 ? ASN A 105 LYS A 119 1 ? 15 
HELX_P HELX_P6  6  VAL A 133 ? TYR A 135 ? VAL A 130 TYR A 132 5 ? 3  
HELX_P HELX_P7  7  ASP A 149 ? GLY A 161 ? ASP A 146 GLY A 158 1 ? 13 
HELX_P HELX_P8  8  GLU A 181 ? ALA A 192 ? GLU A 178 ALA A 189 1 ? 12 
HELX_P HELX_P9  9  ALA A 216 ? CYS A 229 ? ALA A 213 CYS A 226 1 ? 14 
HELX_P HELX_P10 10 SER A 242 ? ALA A 247 ? SER A 239 ALA A 244 1 ? 6  
# 
_struct_conf_type.id          HELX_P 
_struct_conf_type.criteria    ? 
_struct_conf_type.reference   ? 
# 
loop_
_struct_sheet.id 
_struct_sheet.type 
_struct_sheet.number_strands 
_struct_sheet.details 
A ? 4 ? 
B ? 4 ? 
# 
loop_
_struct_sheet_order.sheet_id 
_struct_sheet_order.range_id_1 
_struct_sheet_order.range_id_2 
_struct_sheet_order.offset 
_struct_sheet_order.sense 
A 1 2 ? anti-parallel 
A 2 3 ? anti-parallel 
A 3 4 ? anti-parallel 
B 1 2 ? anti-parallel 
B 2 3 ? anti-parallel 
B 3 4 ? anti-parallel 
# 
loop_
_struct_sheet_range.sheet_id 
_struct_sheet_range.id 
_struct_sheet_range.beg_label_comp_id 
_struct_sheet_range.beg_label_asym_id 
_struct_sheet_range.beg_label_seq_id 
_struct_sheet_range.pdbx_beg_PDB_ins_code 
_struct_sheet_range.end_label_comp_id 
_struct_sheet_range.end_label_asym_id 
_struct_sheet_range.end_label_seq_id 
_struct_sheet_range.pdbx_end_PDB_ins_code 
_struct_sheet_range.beg_auth_comp_id 
_struct_sheet_range.beg_auth_asym_id 
_struct_sheet_range.beg_auth_seq_id 
_struct_sheet_range.end_auth_comp_id 
_struct_sheet_range.end_auth_asym_id 
_struct_sheet_range.end_auth_seq_id 
A 1 ASN A 126 ? LEU A 127 ? ASN A 123 LEU A 124 
A 2 GLU A 86  ? GLY A 94  ? GLU A 83  GLY A 91  
A 3 THR A 98  ? SER A 106 ? THR A 95  SER A 103 
A 4 VAL A 232 ? HIS A 237 ? VAL A 229 HIS A 234 
B 1 ASP A 164 ? THR A 167 ? ASP A 161 THR A 164 
B 2 ILE A 173 ? ALA A 178 ? ILE A 170 ALA A 175 
B 3 PHE A 137 ? PHE A 145 ? PHE A 134 PHE A 142 
B 4 SER A 198 ? PRO A 205 ? SER A 195 PRO A 202 
# 
loop_
_pdbx_struct_sheet_hbond.sheet_id 
_pdbx_struct_sheet_hbond.range_id_1 
_pdbx_struct_sheet_hbond.range_id_2 
_pdbx_struct_sheet_hbond.range_1_label_atom_id 
_pdbx_struct_sheet_hbond.range_1_label_comp_id 
_pdbx_struct_sheet_hbond.range_1_label_asym_id 
_pdbx_struct_sheet_hbond.range_1_label_seq_id 
_pdbx_struct_sheet_hbond.range_1_PDB_ins_code 
_pdbx_struct_sheet_hbond.range_1_auth_atom_id 
_pdbx_struct_sheet_hbond.range_1_auth_comp_id 
_pdbx_struct_sheet_hbond.range_1_auth_asym_id 
_pdbx_struct_sheet_hbond.range_1_auth_seq_id 
_pdbx_struct_sheet_hbond.range_2_label_atom_id 
_pdbx_struct_sheet_hbond.range_2_label_comp_id 
_pdbx_struct_sheet_hbond.range_2_label_asym_id 
_pdbx_struct_sheet_hbond.range_2_label_seq_id 
_pdbx_struct_sheet_hbond.range_2_PDB_ins_code 
_pdbx_struct_sheet_hbond.range_2_auth_atom_id 
_pdbx_struct_sheet_hbond.range_2_auth_comp_id 
_pdbx_struct_sheet_hbond.range_2_auth_asym_id 
_pdbx_struct_sheet_hbond.range_2_auth_seq_id 
A 1 2 O ASN A 126 ? O ASN A 123 N TYR A 93  ? N TYR A 90  
A 2 3 N GLU A 86  ? N GLU A 83  O SER A 106 ? O SER A 103 
A 3 4 N GLU A 103 ? N GLU A 100 O GLU A 234 ? O GLU A 231 
B 1 2 N VAL A 166 ? N VAL A 163 O ASP A 174 ? O ASP A 171 
B 2 3 O ILE A 173 ? O ILE A 170 N PHE A 145 ? N PHE A 142 
B 3 4 N VAL A 142 ? N VAL A 139 O GLU A 200 ? O GLU A 197 
# 
_pdbx_validate_close_contact.id               1 
_pdbx_validate_close_contact.PDB_model_num    1 
_pdbx_validate_close_contact.auth_atom_id_1   O 
_pdbx_validate_close_contact.auth_asym_id_1   A 
_pdbx_validate_close_contact.auth_comp_id_1   ARG 
_pdbx_validate_close_contact.auth_seq_id_1    50 
_pdbx_validate_close_contact.PDB_ins_code_1   ? 
_pdbx_validate_close_contact.label_alt_id_1   ? 
_pdbx_validate_close_contact.auth_atom_id_2   OD2 
_pdbx_validate_close_contact.auth_asym_id_2   A 
_pdbx_validate_close_contact.auth_comp_id_2   ASP 
_pdbx_validate_close_contact.auth_seq_id_2    54 
_pdbx_validate_close_contact.PDB_ins_code_2   ? 
_pdbx_validate_close_contact.label_alt_id_2   ? 
_pdbx_validate_close_contact.dist             2.19 
# 
loop_
_pdbx_validate_torsion.id 
_pdbx_validate_torsion.PDB_model_num 
_pdbx_validate_torsion.auth_comp_id 
_pdbx_validate_torsion.auth_asym_id 
_pdbx_validate_torsion.auth_seq_id 
_pdbx_validate_torsion.PDB_ins_code 
_pdbx_validate_torsion.label_alt_id 
_pdbx_validate_torsion.phi 
_pdbx_validate_torsion.psi 
1  1 THR A 10  ? ? -150.56 -9.05   
2  1 ARG A 11  ? ? -62.97  -72.39  
3  1 ARG A 13  ? ? 70.93   -45.85  
4  1 ASP A 18  ? ? -92.77  30.05   
5  1 PRO A 47  ? ? -68.03  49.47   
6  1 ARG A 48  ? ? -156.15 -9.67   
7  1 ALA A 71  ? ? -63.36  31.84   
8  1 PRO A 92  ? ? -29.74  120.31  
9  1 LYS A 119 ? ? -67.39  12.46   
10 1 CYS A 120 ? ? -152.31 27.19   
11 1 SER A 129 ? ? -65.67  -91.66  
12 1 ALA A 159 ? ? -41.96  150.57  
13 1 TRP A 176 ? ? -27.88  -40.39  
14 1 SER A 199 ? ? -121.96 -168.76 
15 1 ASP A 207 ? ? -46.02  151.87  
16 1 ALA A 210 ? ? -59.74  -7.33   
17 1 ALA A 213 ? ? -108.79 -60.69  
18 1 ALA A 244 ? ? -98.00  43.18   
19 1 THR A 245 ? ? -134.15 -35.07  
# 
_pdbx_SG_project.id                    1 
_pdbx_SG_project.project_name          ? 
_pdbx_SG_project.full_name_of_center   'Montreal-Kingston Bacterial Structural Genomics Initiative' 
_pdbx_SG_project.initial_of_center     BSGI 
# 
loop_
_pdbx_unobs_or_zero_occ_residues.id 
_pdbx_unobs_or_zero_occ_residues.PDB_model_num 
_pdbx_unobs_or_zero_occ_residues.polymer_flag 
_pdbx_unobs_or_zero_occ_residues.occupancy_flag 
_pdbx_unobs_or_zero_occ_residues.auth_asym_id 
_pdbx_unobs_or_zero_occ_residues.auth_comp_id 
_pdbx_unobs_or_zero_occ_residues.auth_seq_id 
_pdbx_unobs_or_zero_occ_residues.PDB_ins_code 
_pdbx_unobs_or_zero_occ_residues.label_asym_id 
_pdbx_unobs_or_zero_occ_residues.label_comp_id 
_pdbx_unobs_or_zero_occ_residues.label_seq_id 
1  1 Y 1 A GLY -2 ? A GLY 1  
2  1 Y 1 A SER -1 ? A SER 2  
3  1 Y 1 A HIS 0  ? A HIS 3  
4  1 Y 1 A MET 1  ? A MET 4  
5  1 Y 1 A ALA 2  ? A ALA 5  
6  1 Y 1 A GLY 39 ? A GLY 42 
7  1 Y 1 A GLY 40 ? A GLY 43 
8  1 Y 1 A GLY 41 ? A GLY 44 
9  1 Y 1 A ASP 42 ? A ASP 45 
10 1 Y 1 A PRO 43 ? A PRO 46 
11 1 Y 1 A VAL 74 ? A VAL 77 
12 1 Y 1 A GLY 75 ? A GLY 78 
13 1 Y 1 A GLY 76 ? A GLY 79 
14 1 Y 1 A ASP 77 ? A ASP 80 
15 1 Y 1 A ASP 78 ? A ASP 81 
16 1 Y 1 A ASP 79 ? A ASP 82 
# 
loop_
_chem_comp_atom.comp_id 
_chem_comp_atom.atom_id 
_chem_comp_atom.type_symbol 
_chem_comp_atom.pdbx_aromatic_flag 
_chem_comp_atom.pdbx_stereo_config 
_chem_comp_atom.pdbx_ordinal 
ALA N    N N N 1   
ALA CA   C N S 2   
ALA C    C N N 3   
ALA O    O N N 4   
ALA CB   C N N 5   
ALA OXT  O N N 6   
ALA H    H N N 7   
ALA H2   H N N 8   
ALA HA   H N N 9   
ALA HB1  H N N 10  
ALA HB2  H N N 11  
ALA HB3  H N N 12  
ALA HXT  H N N 13  
ARG N    N N N 14  
ARG CA   C N S 15  
ARG C    C N N 16  
ARG O    O N N 17  
ARG CB   C N N 18  
ARG CG   C N N 19  
ARG CD   C N N 20  
ARG NE   N N N 21  
ARG CZ   C N N 22  
ARG NH1  N N N 23  
ARG NH2  N N N 24  
ARG OXT  O N N 25  
ARG H    H N N 26  
ARG H2   H N N 27  
ARG HA   H N N 28  
ARG HB2  H N N 29  
ARG HB3  H N N 30  
ARG HG2  H N N 31  
ARG HG3  H N N 32  
ARG HD2  H N N 33  
ARG HD3  H N N 34  
ARG HE   H N N 35  
ARG HH11 H N N 36  
ARG HH12 H N N 37  
ARG HH21 H N N 38  
ARG HH22 H N N 39  
ARG HXT  H N N 40  
ASN N    N N N 41  
ASN CA   C N S 42  
ASN C    C N N 43  
ASN O    O N N 44  
ASN CB   C N N 45  
ASN CG   C N N 46  
ASN OD1  O N N 47  
ASN ND2  N N N 48  
ASN OXT  O N N 49  
ASN H    H N N 50  
ASN H2   H N N 51  
ASN HA   H N N 52  
ASN HB2  H N N 53  
ASN HB3  H N N 54  
ASN HD21 H N N 55  
ASN HD22 H N N 56  
ASN HXT  H N N 57  
ASP N    N N N 58  
ASP CA   C N S 59  
ASP C    C N N 60  
ASP O    O N N 61  
ASP CB   C N N 62  
ASP CG   C N N 63  
ASP OD1  O N N 64  
ASP OD2  O N N 65  
ASP OXT  O N N 66  
ASP H    H N N 67  
ASP H2   H N N 68  
ASP HA   H N N 69  
ASP HB2  H N N 70  
ASP HB3  H N N 71  
ASP HD2  H N N 72  
ASP HXT  H N N 73  
CYS N    N N N 74  
CYS CA   C N R 75  
CYS C    C N N 76  
CYS O    O N N 77  
CYS CB   C N N 78  
CYS SG   S N N 79  
CYS OXT  O N N 80  
CYS H    H N N 81  
CYS H2   H N N 82  
CYS HA   H N N 83  
CYS HB2  H N N 84  
CYS HB3  H N N 85  
CYS HG   H N N 86  
CYS HXT  H N N 87  
GLN N    N N N 88  
GLN CA   C N S 89  
GLN C    C N N 90  
GLN O    O N N 91  
GLN CB   C N N 92  
GLN CG   C N N 93  
GLN CD   C N N 94  
GLN OE1  O N N 95  
GLN NE2  N N N 96  
GLN OXT  O N N 97  
GLN H    H N N 98  
GLN H2   H N N 99  
GLN HA   H N N 100 
GLN HB2  H N N 101 
GLN HB3  H N N 102 
GLN HG2  H N N 103 
GLN HG3  H N N 104 
GLN HE21 H N N 105 
GLN HE22 H N N 106 
GLN HXT  H N N 107 
GLU N    N N N 108 
GLU CA   C N S 109 
GLU C    C N N 110 
GLU O    O N N 111 
GLU CB   C N N 112 
GLU CG   C N N 113 
GLU CD   C N N 114 
GLU OE1  O N N 115 
GLU OE2  O N N 116 
GLU OXT  O N N 117 
GLU H    H N N 118 
GLU H2   H N N 119 
GLU HA   H N N 120 
GLU HB2  H N N 121 
GLU HB3  H N N 122 
GLU HG2  H N N 123 
GLU HG3  H N N 124 
GLU HE2  H N N 125 
GLU HXT  H N N 126 
GLY N    N N N 127 
GLY CA   C N N 128 
GLY C    C N N 129 
GLY O    O N N 130 
GLY OXT  O N N 131 
GLY H    H N N 132 
GLY H2   H N N 133 
GLY HA2  H N N 134 
GLY HA3  H N N 135 
GLY HXT  H N N 136 
HIS N    N N N 137 
HIS CA   C N S 138 
HIS C    C N N 139 
HIS O    O N N 140 
HIS CB   C N N 141 
HIS CG   C Y N 142 
HIS ND1  N Y N 143 
HIS CD2  C Y N 144 
HIS CE1  C Y N 145 
HIS NE2  N Y N 146 
HIS OXT  O N N 147 
HIS H    H N N 148 
HIS H2   H N N 149 
HIS HA   H N N 150 
HIS HB2  H N N 151 
HIS HB3  H N N 152 
HIS HD1  H N N 153 
HIS HD2  H N N 154 
HIS HE1  H N N 155 
HIS HE2  H N N 156 
HIS HXT  H N N 157 
ILE N    N N N 158 
ILE CA   C N S 159 
ILE C    C N N 160 
ILE O    O N N 161 
ILE CB   C N S 162 
ILE CG1  C N N 163 
ILE CG2  C N N 164 
ILE CD1  C N N 165 
ILE OXT  O N N 166 
ILE H    H N N 167 
ILE H2   H N N 168 
ILE HA   H N N 169 
ILE HB   H N N 170 
ILE HG12 H N N 171 
ILE HG13 H N N 172 
ILE HG21 H N N 173 
ILE HG22 H N N 174 
ILE HG23 H N N 175 
ILE HD11 H N N 176 
ILE HD12 H N N 177 
ILE HD13 H N N 178 
ILE HXT  H N N 179 
LEU N    N N N 180 
LEU CA   C N S 181 
LEU C    C N N 182 
LEU O    O N N 183 
LEU CB   C N N 184 
LEU CG   C N N 185 
LEU CD1  C N N 186 
LEU CD2  C N N 187 
LEU OXT  O N N 188 
LEU H    H N N 189 
LEU H2   H N N 190 
LEU HA   H N N 191 
LEU HB2  H N N 192 
LEU HB3  H N N 193 
LEU HG   H N N 194 
LEU HD11 H N N 195 
LEU HD12 H N N 196 
LEU HD13 H N N 197 
LEU HD21 H N N 198 
LEU HD22 H N N 199 
LEU HD23 H N N 200 
LEU HXT  H N N 201 
LYS N    N N N 202 
LYS CA   C N S 203 
LYS C    C N N 204 
LYS O    O N N 205 
LYS CB   C N N 206 
LYS CG   C N N 207 
LYS CD   C N N 208 
LYS CE   C N N 209 
LYS NZ   N N N 210 
LYS OXT  O N N 211 
LYS H    H N N 212 
LYS H2   H N N 213 
LYS HA   H N N 214 
LYS HB2  H N N 215 
LYS HB3  H N N 216 
LYS HG2  H N N 217 
LYS HG3  H N N 218 
LYS HD2  H N N 219 
LYS HD3  H N N 220 
LYS HE2  H N N 221 
LYS HE3  H N N 222 
LYS HZ1  H N N 223 
LYS HZ2  H N N 224 
LYS HZ3  H N N 225 
LYS HXT  H N N 226 
MET N    N N N 227 
MET CA   C N S 228 
MET C    C N N 229 
MET O    O N N 230 
MET CB   C N N 231 
MET CG   C N N 232 
MET SD   S N N 233 
MET CE   C N N 234 
MET OXT  O N N 235 
MET H    H N N 236 
MET H2   H N N 237 
MET HA   H N N 238 
MET HB2  H N N 239 
MET HB3  H N N 240 
MET HG2  H N N 241 
MET HG3  H N N 242 
MET HE1  H N N 243 
MET HE2  H N N 244 
MET HE3  H N N 245 
MET HXT  H N N 246 
PHE N    N N N 247 
PHE CA   C N S 248 
PHE C    C N N 249 
PHE O    O N N 250 
PHE CB   C N N 251 
PHE CG   C Y N 252 
PHE CD1  C Y N 253 
PHE CD2  C Y N 254 
PHE CE1  C Y N 255 
PHE CE2  C Y N 256 
PHE CZ   C Y N 257 
PHE OXT  O N N 258 
PHE H    H N N 259 
PHE H2   H N N 260 
PHE HA   H N N 261 
PHE HB2  H N N 262 
PHE HB3  H N N 263 
PHE HD1  H N N 264 
PHE HD2  H N N 265 
PHE HE1  H N N 266 
PHE HE2  H N N 267 
PHE HZ   H N N 268 
PHE HXT  H N N 269 
PRO N    N N N 270 
PRO CA   C N S 271 
PRO C    C N N 272 
PRO O    O N N 273 
PRO CB   C N N 274 
PRO CG   C N N 275 
PRO CD   C N N 276 
PRO OXT  O N N 277 
PRO H    H N N 278 
PRO HA   H N N 279 
PRO HB2  H N N 280 
PRO HB3  H N N 281 
PRO HG2  H N N 282 
PRO HG3  H N N 283 
PRO HD2  H N N 284 
PRO HD3  H N N 285 
PRO HXT  H N N 286 
SER N    N N N 287 
SER CA   C N S 288 
SER C    C N N 289 
SER O    O N N 290 
SER CB   C N N 291 
SER OG   O N N 292 
SER OXT  O N N 293 
SER H    H N N 294 
SER H2   H N N 295 
SER HA   H N N 296 
SER HB2  H N N 297 
SER HB3  H N N 298 
SER HG   H N N 299 
SER HXT  H N N 300 
THR N    N N N 301 
THR CA   C N S 302 
THR C    C N N 303 
THR O    O N N 304 
THR CB   C N R 305 
THR OG1  O N N 306 
THR CG2  C N N 307 
THR OXT  O N N 308 
THR H    H N N 309 
THR H2   H N N 310 
THR HA   H N N 311 
THR HB   H N N 312 
THR HG1  H N N 313 
THR HG21 H N N 314 
THR HG22 H N N 315 
THR HG23 H N N 316 
THR HXT  H N N 317 
TRP N    N N N 318 
TRP CA   C N S 319 
TRP C    C N N 320 
TRP O    O N N 321 
TRP CB   C N N 322 
TRP CG   C Y N 323 
TRP CD1  C Y N 324 
TRP CD2  C Y N 325 
TRP NE1  N Y N 326 
TRP CE2  C Y N 327 
TRP CE3  C Y N 328 
TRP CZ2  C Y N 329 
TRP CZ3  C Y N 330 
TRP CH2  C Y N 331 
TRP OXT  O N N 332 
TRP H    H N N 333 
TRP H2   H N N 334 
TRP HA   H N N 335 
TRP HB2  H N N 336 
TRP HB3  H N N 337 
TRP HD1  H N N 338 
TRP HE1  H N N 339 
TRP HE3  H N N 340 
TRP HZ2  H N N 341 
TRP HZ3  H N N 342 
TRP HH2  H N N 343 
TRP HXT  H N N 344 
TYR N    N N N 345 
TYR CA   C N S 346 
TYR C    C N N 347 
TYR O    O N N 348 
TYR CB   C N N 349 
TYR CG   C Y N 350 
TYR CD1  C Y N 351 
TYR CD2  C Y N 352 
TYR CE1  C Y N 353 
TYR CE2  C Y N 354 
TYR CZ   C Y N 355 
TYR OH   O N N 356 
TYR OXT  O N N 357 
TYR H    H N N 358 
TYR H2   H N N 359 
TYR HA   H N N 360 
TYR HB2  H N N 361 
TYR HB3  H N N 362 
TYR HD1  H N N 363 
TYR HD2  H N N 364 
TYR HE1  H N N 365 
TYR HE2  H N N 366 
TYR HH   H N N 367 
TYR HXT  H N N 368 
VAL N    N N N 369 
VAL CA   C N S 370 
VAL C    C N N 371 
VAL O    O N N 372 
VAL CB   C N N 373 
VAL CG1  C N N 374 
VAL CG2  C N N 375 
VAL OXT  O N N 376 
VAL H    H N N 377 
VAL H2   H N N 378 
VAL HA   H N N 379 
VAL HB   H N N 380 
VAL HG11 H N N 381 
VAL HG12 H N N 382 
VAL HG13 H N N 383 
VAL HG21 H N N 384 
VAL HG22 H N N 385 
VAL HG23 H N N 386 
VAL HXT  H N N 387 
# 
loop_
_chem_comp_bond.comp_id 
_chem_comp_bond.atom_id_1 
_chem_comp_bond.atom_id_2 
_chem_comp_bond.value_order 
_chem_comp_bond.pdbx_aromatic_flag 
_chem_comp_bond.pdbx_stereo_config 
_chem_comp_bond.pdbx_ordinal 
ALA N   CA   sing N N 1   
ALA N   H    sing N N 2   
ALA N   H2   sing N N 3   
ALA CA  C    sing N N 4   
ALA CA  CB   sing N N 5   
ALA CA  HA   sing N N 6   
ALA C   O    doub N N 7   
ALA C   OXT  sing N N 8   
ALA CB  HB1  sing N N 9   
ALA CB  HB2  sing N N 10  
ALA CB  HB3  sing N N 11  
ALA OXT HXT  sing N N 12  
ARG N   CA   sing N N 13  
ARG N   H    sing N N 14  
ARG N   H2   sing N N 15  
ARG CA  C    sing N N 16  
ARG CA  CB   sing N N 17  
ARG CA  HA   sing N N 18  
ARG C   O    doub N N 19  
ARG C   OXT  sing N N 20  
ARG CB  CG   sing N N 21  
ARG CB  HB2  sing N N 22  
ARG CB  HB3  sing N N 23  
ARG CG  CD   sing N N 24  
ARG CG  HG2  sing N N 25  
ARG CG  HG3  sing N N 26  
ARG CD  NE   sing N N 27  
ARG CD  HD2  sing N N 28  
ARG CD  HD3  sing N N 29  
ARG NE  CZ   sing N N 30  
ARG NE  HE   sing N N 31  
ARG CZ  NH1  sing N N 32  
ARG CZ  NH2  doub N N 33  
ARG NH1 HH11 sing N N 34  
ARG NH1 HH12 sing N N 35  
ARG NH2 HH21 sing N N 36  
ARG NH2 HH22 sing N N 37  
ARG OXT HXT  sing N N 38  
ASN N   CA   sing N N 39  
ASN N   H    sing N N 40  
ASN N   H2   sing N N 41  
ASN CA  C    sing N N 42  
ASN CA  CB   sing N N 43  
ASN CA  HA   sing N N 44  
ASN C   O    doub N N 45  
ASN C   OXT  sing N N 46  
ASN CB  CG   sing N N 47  
ASN CB  HB2  sing N N 48  
ASN CB  HB3  sing N N 49  
ASN CG  OD1  doub N N 50  
ASN CG  ND2  sing N N 51  
ASN ND2 HD21 sing N N 52  
ASN ND2 HD22 sing N N 53  
ASN OXT HXT  sing N N 54  
ASP N   CA   sing N N 55  
ASP N   H    sing N N 56  
ASP N   H2   sing N N 57  
ASP CA  C    sing N N 58  
ASP CA  CB   sing N N 59  
ASP CA  HA   sing N N 60  
ASP C   O    doub N N 61  
ASP C   OXT  sing N N 62  
ASP CB  CG   sing N N 63  
ASP CB  HB2  sing N N 64  
ASP CB  HB3  sing N N 65  
ASP CG  OD1  doub N N 66  
ASP CG  OD2  sing N N 67  
ASP OD2 HD2  sing N N 68  
ASP OXT HXT  sing N N 69  
CYS N   CA   sing N N 70  
CYS N   H    sing N N 71  
CYS N   H2   sing N N 72  
CYS CA  C    sing N N 73  
CYS CA  CB   sing N N 74  
CYS CA  HA   sing N N 75  
CYS C   O    doub N N 76  
CYS C   OXT  sing N N 77  
CYS CB  SG   sing N N 78  
CYS CB  HB2  sing N N 79  
CYS CB  HB3  sing N N 80  
CYS SG  HG   sing N N 81  
CYS OXT HXT  sing N N 82  
GLN N   CA   sing N N 83  
GLN N   H    sing N N 84  
GLN N   H2   sing N N 85  
GLN CA  C    sing N N 86  
GLN CA  CB   sing N N 87  
GLN CA  HA   sing N N 88  
GLN C   O    doub N N 89  
GLN C   OXT  sing N N 90  
GLN CB  CG   sing N N 91  
GLN CB  HB2  sing N N 92  
GLN CB  HB3  sing N N 93  
GLN CG  CD   sing N N 94  
GLN CG  HG2  sing N N 95  
GLN CG  HG3  sing N N 96  
GLN CD  OE1  doub N N 97  
GLN CD  NE2  sing N N 98  
GLN NE2 HE21 sing N N 99  
GLN NE2 HE22 sing N N 100 
GLN OXT HXT  sing N N 101 
GLU N   CA   sing N N 102 
GLU N   H    sing N N 103 
GLU N   H2   sing N N 104 
GLU CA  C    sing N N 105 
GLU CA  CB   sing N N 106 
GLU CA  HA   sing N N 107 
GLU C   O    doub N N 108 
GLU C   OXT  sing N N 109 
GLU CB  CG   sing N N 110 
GLU CB  HB2  sing N N 111 
GLU CB  HB3  sing N N 112 
GLU CG  CD   sing N N 113 
GLU CG  HG2  sing N N 114 
GLU CG  HG3  sing N N 115 
GLU CD  OE1  doub N N 116 
GLU CD  OE2  sing N N 117 
GLU OE2 HE2  sing N N 118 
GLU OXT HXT  sing N N 119 
GLY N   CA   sing N N 120 
GLY N   H    sing N N 121 
GLY N   H2   sing N N 122 
GLY CA  C    sing N N 123 
GLY CA  HA2  sing N N 124 
GLY CA  HA3  sing N N 125 
GLY C   O    doub N N 126 
GLY C   OXT  sing N N 127 
GLY OXT HXT  sing N N 128 
HIS N   CA   sing N N 129 
HIS N   H    sing N N 130 
HIS N   H2   sing N N 131 
HIS CA  C    sing N N 132 
HIS CA  CB   sing N N 133 
HIS CA  HA   sing N N 134 
HIS C   O    doub N N 135 
HIS C   OXT  sing N N 136 
HIS CB  CG   sing N N 137 
HIS CB  HB2  sing N N 138 
HIS CB  HB3  sing N N 139 
HIS CG  ND1  sing Y N 140 
HIS CG  CD2  doub Y N 141 
HIS ND1 CE1  doub Y N 142 
HIS ND1 HD1  sing N N 143 
HIS CD2 NE2  sing Y N 144 
HIS CD2 HD2  sing N N 145 
HIS CE1 NE2  sing Y N 146 
HIS CE1 HE1  sing N N 147 
HIS NE2 HE2  sing N N 148 
HIS OXT HXT  sing N N 149 
ILE N   CA   sing N N 150 
ILE N   H    sing N N 151 
ILE N   H2   sing N N 152 
ILE CA  C    sing N N 153 
ILE CA  CB   sing N N 154 
ILE CA  HA   sing N N 155 
ILE C   O    doub N N 156 
ILE C   OXT  sing N N 157 
ILE CB  CG1  sing N N 158 
ILE CB  CG2  sing N N 159 
ILE CB  HB   sing N N 160 
ILE CG1 CD1  sing N N 161 
ILE CG1 HG12 sing N N 162 
ILE CG1 HG13 sing N N 163 
ILE CG2 HG21 sing N N 164 
ILE CG2 HG22 sing N N 165 
ILE CG2 HG23 sing N N 166 
ILE CD1 HD11 sing N N 167 
ILE CD1 HD12 sing N N 168 
ILE CD1 HD13 sing N N 169 
ILE OXT HXT  sing N N 170 
LEU N   CA   sing N N 171 
LEU N   H    sing N N 172 
LEU N   H2   sing N N 173 
LEU CA  C    sing N N 174 
LEU CA  CB   sing N N 175 
LEU CA  HA   sing N N 176 
LEU C   O    doub N N 177 
LEU C   OXT  sing N N 178 
LEU CB  CG   sing N N 179 
LEU CB  HB2  sing N N 180 
LEU CB  HB3  sing N N 181 
LEU CG  CD1  sing N N 182 
LEU CG  CD2  sing N N 183 
LEU CG  HG   sing N N 184 
LEU CD1 HD11 sing N N 185 
LEU CD1 HD12 sing N N 186 
LEU CD1 HD13 sing N N 187 
LEU CD2 HD21 sing N N 188 
LEU CD2 HD22 sing N N 189 
LEU CD2 HD23 sing N N 190 
LEU OXT HXT  sing N N 191 
LYS N   CA   sing N N 192 
LYS N   H    sing N N 193 
LYS N   H2   sing N N 194 
LYS CA  C    sing N N 195 
LYS CA  CB   sing N N 196 
LYS CA  HA   sing N N 197 
LYS C   O    doub N N 198 
LYS C   OXT  sing N N 199 
LYS CB  CG   sing N N 200 
LYS CB  HB2  sing N N 201 
LYS CB  HB3  sing N N 202 
LYS CG  CD   sing N N 203 
LYS CG  HG2  sing N N 204 
LYS CG  HG3  sing N N 205 
LYS CD  CE   sing N N 206 
LYS CD  HD2  sing N N 207 
LYS CD  HD3  sing N N 208 
LYS CE  NZ   sing N N 209 
LYS CE  HE2  sing N N 210 
LYS CE  HE3  sing N N 211 
LYS NZ  HZ1  sing N N 212 
LYS NZ  HZ2  sing N N 213 
LYS NZ  HZ3  sing N N 214 
LYS OXT HXT  sing N N 215 
MET N   CA   sing N N 216 
MET N   H    sing N N 217 
MET N   H2   sing N N 218 
MET CA  C    sing N N 219 
MET CA  CB   sing N N 220 
MET CA  HA   sing N N 221 
MET C   O    doub N N 222 
MET C   OXT  sing N N 223 
MET CB  CG   sing N N 224 
MET CB  HB2  sing N N 225 
MET CB  HB3  sing N N 226 
MET CG  SD   sing N N 227 
MET CG  HG2  sing N N 228 
MET CG  HG3  sing N N 229 
MET SD  CE   sing N N 230 
MET CE  HE1  sing N N 231 
MET CE  HE2  sing N N 232 
MET CE  HE3  sing N N 233 
MET OXT HXT  sing N N 234 
PHE N   CA   sing N N 235 
PHE N   H    sing N N 236 
PHE N   H2   sing N N 237 
PHE CA  C    sing N N 238 
PHE CA  CB   sing N N 239 
PHE CA  HA   sing N N 240 
PHE C   O    doub N N 241 
PHE C   OXT  sing N N 242 
PHE CB  CG   sing N N 243 
PHE CB  HB2  sing N N 244 
PHE CB  HB3  sing N N 245 
PHE CG  CD1  doub Y N 246 
PHE CG  CD2  sing Y N 247 
PHE CD1 CE1  sing Y N 248 
PHE CD1 HD1  sing N N 249 
PHE CD2 CE2  doub Y N 250 
PHE CD2 HD2  sing N N 251 
PHE CE1 CZ   doub Y N 252 
PHE CE1 HE1  sing N N 253 
PHE CE2 CZ   sing Y N 254 
PHE CE2 HE2  sing N N 255 
PHE CZ  HZ   sing N N 256 
PHE OXT HXT  sing N N 257 
PRO N   CA   sing N N 258 
PRO N   CD   sing N N 259 
PRO N   H    sing N N 260 
PRO CA  C    sing N N 261 
PRO CA  CB   sing N N 262 
PRO CA  HA   sing N N 263 
PRO C   O    doub N N 264 
PRO C   OXT  sing N N 265 
PRO CB  CG   sing N N 266 
PRO CB  HB2  sing N N 267 
PRO CB  HB3  sing N N 268 
PRO CG  CD   sing N N 269 
PRO CG  HG2  sing N N 270 
PRO CG  HG3  sing N N 271 
PRO CD  HD2  sing N N 272 
PRO CD  HD3  sing N N 273 
PRO OXT HXT  sing N N 274 
SER N   CA   sing N N 275 
SER N   H    sing N N 276 
SER N   H2   sing N N 277 
SER CA  C    sing N N 278 
SER CA  CB   sing N N 279 
SER CA  HA   sing N N 280 
SER C   O    doub N N 281 
SER C   OXT  sing N N 282 
SER CB  OG   sing N N 283 
SER CB  HB2  sing N N 284 
SER CB  HB3  sing N N 285 
SER OG  HG   sing N N 286 
SER OXT HXT  sing N N 287 
THR N   CA   sing N N 288 
THR N   H    sing N N 289 
THR N   H2   sing N N 290 
THR CA  C    sing N N 291 
THR CA  CB   sing N N 292 
THR CA  HA   sing N N 293 
THR C   O    doub N N 294 
THR C   OXT  sing N N 295 
THR CB  OG1  sing N N 296 
THR CB  CG2  sing N N 297 
THR CB  HB   sing N N 298 
THR OG1 HG1  sing N N 299 
THR CG2 HG21 sing N N 300 
THR CG2 HG22 sing N N 301 
THR CG2 HG23 sing N N 302 
THR OXT HXT  sing N N 303 
TRP N   CA   sing N N 304 
TRP N   H    sing N N 305 
TRP N   H2   sing N N 306 
TRP CA  C    sing N N 307 
TRP CA  CB   sing N N 308 
TRP CA  HA   sing N N 309 
TRP C   O    doub N N 310 
TRP C   OXT  sing N N 311 
TRP CB  CG   sing N N 312 
TRP CB  HB2  sing N N 313 
TRP CB  HB3  sing N N 314 
TRP CG  CD1  doub Y N 315 
TRP CG  CD2  sing Y N 316 
TRP CD1 NE1  sing Y N 317 
TRP CD1 HD1  sing N N 318 
TRP CD2 CE2  doub Y N 319 
TRP CD2 CE3  sing Y N 320 
TRP NE1 CE2  sing Y N 321 
TRP NE1 HE1  sing N N 322 
TRP CE2 CZ2  sing Y N 323 
TRP CE3 CZ3  doub Y N 324 
TRP CE3 HE3  sing N N 325 
TRP CZ2 CH2  doub Y N 326 
TRP CZ2 HZ2  sing N N 327 
TRP CZ3 CH2  sing Y N 328 
TRP CZ3 HZ3  sing N N 329 
TRP CH2 HH2  sing N N 330 
TRP OXT HXT  sing N N 331 
TYR N   CA   sing N N 332 
TYR N   H    sing N N 333 
TYR N   H2   sing N N 334 
TYR CA  C    sing N N 335 
TYR CA  CB   sing N N 336 
TYR CA  HA   sing N N 337 
TYR C   O    doub N N 338 
TYR C   OXT  sing N N 339 
TYR CB  CG   sing N N 340 
TYR CB  HB2  sing N N 341 
TYR CB  HB3  sing N N 342 
TYR CG  CD1  doub Y N 343 
TYR CG  CD2  sing Y N 344 
TYR CD1 CE1  sing Y N 345 
TYR CD1 HD1  sing N N 346 
TYR CD2 CE2  doub Y N 347 
TYR CD2 HD2  sing N N 348 
TYR CE1 CZ   doub Y N 349 
TYR CE1 HE1  sing N N 350 
TYR CE2 CZ   sing Y N 351 
TYR CE2 HE2  sing N N 352 
TYR CZ  OH   sing N N 353 
TYR OH  HH   sing N N 354 
TYR OXT HXT  sing N N 355 
VAL N   CA   sing N N 356 
VAL N   H    sing N N 357 
VAL N   H2   sing N N 358 
VAL CA  C    sing N N 359 
VAL CA  CB   sing N N 360 
VAL CA  HA   sing N N 361 
VAL C   O    doub N N 362 
VAL C   OXT  sing N N 363 
VAL CB  CG1  sing N N 364 
VAL CB  CG2  sing N N 365 
VAL CB  HB   sing N N 366 
VAL CG1 HG11 sing N N 367 
VAL CG1 HG12 sing N N 368 
VAL CG1 HG13 sing N N 369 
VAL CG2 HG21 sing N N 370 
VAL CG2 HG22 sing N N 371 
VAL CG2 HG23 sing N N 372 
VAL OXT HXT  sing N N 373 
# 
_atom_sites.entry_id                    1KON 
_atom_sites.fract_transf_matrix[1][1]   -0.02212176 
_atom_sites.fract_transf_matrix[1][2]   -0.01272223 
_atom_sites.fract_transf_matrix[1][3]   -0.00014378 
_atom_sites.fract_transf_matrix[2][1]   0.00653902 
_atom_sites.fract_transf_matrix[2][2]   -0.01132776 
_atom_sites.fract_transf_matrix[2][3]   -0.00375872 
_atom_sites.fract_transf_matrix[3][1]   0.00032790 
_atom_sites.fract_transf_matrix[3][2]   -0.00792708 
_atom_sites.fract_transf_matrix[3][3]   0.02446048 
_atom_sites.fract_transf_vector[1]      0.770302 
_atom_sites.fract_transf_vector[2]      0.402295 
_atom_sites.fract_transf_vector[3]      0.558485 
# 
loop_
_atom_type.symbol 
C 
N 
O 
S 
# 
loop_
_atom_site.group_PDB 
_atom_site.id 
_atom_site.type_symbol 
_atom_site.label_atom_id 
_atom_site.label_alt_id 
_atom_site.label_comp_id 
_atom_site.label_asym_id 
_atom_site.label_entity_id 
_atom_site.label_seq_id 
_atom_site.pdbx_PDB_ins_code 
_atom_site.Cartn_x 
_atom_site.Cartn_y 
_atom_site.Cartn_z 
_atom_site.occupancy 
_atom_site.B_iso_or_equiv 
_atom_site.pdbx_formal_charge 
_atom_site.auth_seq_id 
_atom_site.auth_comp_id 
_atom_site.auth_asym_id 
_atom_site.auth_atom_id 
_atom_site.pdbx_PDB_model_num 
ATOM 1    N N   . GLY A 1 6   ? -9.465  19.416  -7.805  1.00 59.88 ? 3   GLY A N   1 
ATOM 2    C CA  . GLY A 1 6   ? -9.437  19.466  -6.316  1.00 61.08 ? 3   GLY A CA  1 
ATOM 3    C C   . GLY A 1 6   ? -8.854  18.178  -5.727  1.00 61.06 ? 3   GLY A C   1 
ATOM 4    O O   . GLY A 1 6   ? -9.283  17.719  -4.663  1.00 60.91 ? 3   GLY A O   1 
ATOM 5    N N   . HIS A 1 7   ? -7.866  17.605  -6.403  1.00 59.96 ? 4   HIS A N   1 
ATOM 6    C CA  . HIS A 1 7   ? -7.277  16.368  -5.919  1.00 59.38 ? 4   HIS A CA  1 
ATOM 7    C C   . HIS A 1 7   ? -5.748  16.333  -5.964  1.00 57.26 ? 4   HIS A C   1 
ATOM 8    O O   . HIS A 1 7   ? -5.124  16.204  -7.029  1.00 55.43 ? 4   HIS A O   1 
ATOM 9    C CB  . HIS A 1 7   ? -7.882  15.195  -6.699  1.00 61.74 ? 4   HIS A CB  1 
ATOM 10   C CG  . HIS A 1 7   ? -7.392  13.847  -6.269  1.00 63.72 ? 4   HIS A CG  1 
ATOM 11   N ND1 . HIS A 1 7   ? -6.326  13.215  -6.873  1.00 64.35 ? 4   HIS A ND1 1 
ATOM 12   C CD2 . HIS A 1 7   ? -7.854  12.985  -5.330  1.00 65.50 ? 4   HIS A CD2 1 
ATOM 13   C CE1 . HIS A 1 7   ? -6.154  12.023  -6.330  1.00 64.86 ? 4   HIS A CE1 1 
ATOM 14   N NE2 . HIS A 1 7   ? -7.070  11.859  -5.391  1.00 65.64 ? 4   HIS A NE2 1 
ATOM 15   N N   . SER A 1 8   ? -5.159  16.461  -4.779  1.00 54.70 ? 5   SER A N   1 
ATOM 16   C CA  . SER A 1 8   ? -3.714  16.427  -4.620  1.00 52.42 ? 5   SER A CA  1 
ATOM 17   C C   . SER A 1 8   ? -3.302  15.044  -4.108  1.00 51.30 ? 5   SER A C   1 
ATOM 18   O O   . SER A 1 8   ? -4.153  14.222  -3.753  1.00 50.02 ? 5   SER A O   1 
ATOM 19   C CB  . SER A 1 8   ? -3.274  17.504  -3.632  1.00 51.27 ? 5   SER A CB  1 
ATOM 20   O OG  . SER A 1 8   ? -3.877  17.312  -2.364  1.00 52.77 ? 5   SER A OG  1 
ATOM 21   N N   . LYS A 1 9   ? -1.996  14.799  -4.060  1.00 50.29 ? 6   LYS A N   1 
ATOM 22   C CA  . LYS A 1 9   ? -1.470  13.522  -3.604  1.00 49.91 ? 6   LYS A CA  1 
ATOM 23   C C   . LYS A 1 9   ? -1.483  13.392  -2.077  1.00 50.62 ? 6   LYS A C   1 
ATOM 24   O O   . LYS A 1 9   ? -1.848  12.342  -1.551  1.00 50.07 ? 6   LYS A O   1 
ATOM 25   C CB  . LYS A 1 9   ? -0.047  13.334  -4.139  1.00 51.44 ? 6   LYS A CB  1 
ATOM 26   C CG  . LYS A 1 9   ? 0.323   11.884  -4.493  1.00 50.47 ? 6   LYS A CG  1 
ATOM 27   C CD  . LYS A 1 9   ? 1.031   11.183  -3.349  1.00 51.64 ? 6   LYS A CD  1 
ATOM 28   C CE  . LYS A 1 9   ? 1.725   9.909   -3.827  1.00 49.46 ? 6   LYS A CE  1 
ATOM 29   N NZ  . LYS A 1 9   ? 0.775   8.934   -4.440  1.00 50.03 ? 6   LYS A NZ  1 
ATOM 30   N N   . TRP A 1 10  ? -1.094  14.445  -1.361  1.00 51.74 ? 7   TRP A N   1 
ATOM 31   C CA  . TRP A 1 10  ? -1.092  14.374  0.103   1.00 52.95 ? 7   TRP A CA  1 
ATOM 32   C C   . TRP A 1 10  ? -2.504  14.206  0.655   1.00 54.86 ? 7   TRP A C   1 
ATOM 33   O O   . TRP A 1 10  ? -2.673  13.877  1.828   1.00 55.20 ? 7   TRP A O   1 
ATOM 34   C CB  . TRP A 1 10  ? -0.465  15.623  0.721   1.00 52.36 ? 7   TRP A CB  1 
ATOM 35   C CG  . TRP A 1 10  ? -1.148  16.899  0.332   1.00 54.27 ? 7   TRP A CG  1 
ATOM 36   C CD1 . TRP A 1 10  ? -0.819  17.724  -0.708  1.00 53.37 ? 7   TRP A CD1 1 
ATOM 37   C CD2 . TRP A 1 10  ? -2.297  17.488  0.962   1.00 55.58 ? 7   TRP A CD2 1 
ATOM 38   N NE1 . TRP A 1 10  ? -1.688  18.785  -0.766  1.00 52.69 ? 7   TRP A NE1 1 
ATOM 39   C CE2 . TRP A 1 10  ? -2.607  18.665  0.242   1.00 55.58 ? 7   TRP A CE2 1 
ATOM 40   C CE3 . TRP A 1 10  ? -3.099  17.130  2.057   1.00 55.65 ? 7   TRP A CE3 1 
ATOM 41   C CZ2 . TRP A 1 10  ? -3.687  19.496  0.589   1.00 55.23 ? 7   TRP A CZ2 1 
ATOM 42   C CZ3 . TRP A 1 10  ? -4.175  17.957  2.401   1.00 55.67 ? 7   TRP A CZ3 1 
ATOM 43   C CH2 . TRP A 1 10  ? -4.456  19.123  1.664   1.00 56.32 ? 7   TRP A CH2 1 
ATOM 44   N N   . ALA A 1 11  ? -3.510  14.432  -0.189  1.00 56.31 ? 8   ALA A N   1 
ATOM 45   C CA  . ALA A 1 11  ? -4.909  14.308  0.215   1.00 58.53 ? 8   ALA A CA  1 
ATOM 46   C C   . ALA A 1 11  ? -5.318  12.849  0.394   1.00 60.17 ? 8   ALA A C   1 
ATOM 47   O O   . ALA A 1 11  ? -6.237  12.535  1.156   1.00 60.08 ? 8   ALA A O   1 
ATOM 48   C CB  . ALA A 1 11  ? -5.813  14.975  -0.826  1.00 59.22 ? 8   ALA A CB  1 
ATOM 49   N N   . ASN A 1 12  ? -4.640  11.958  -0.319  1.00 61.25 ? 9   ASN A N   1 
ATOM 50   C CA  . ASN A 1 12  ? -4.939  10.537  -0.230  1.00 62.68 ? 9   ASN A CA  1 
ATOM 51   C C   . ASN A 1 12  ? -3.769  9.822   0.436   1.00 63.63 ? 9   ASN A C   1 
ATOM 52   O O   . ASN A 1 12  ? -3.576  8.613   0.249   1.00 64.10 ? 9   ASN A O   1 
ATOM 53   C CB  . ASN A 1 12  ? -5.183  9.948   -1.626  1.00 64.27 ? 9   ASN A CB  1 
ATOM 54   C CG  . ASN A 1 12  ? -6.354  10.607  -2.348  1.00 65.75 ? 9   ASN A CG  1 
ATOM 55   O OD1 . ASN A 1 12  ? -6.287  11.777  -2.732  1.00 66.74 ? 9   ASN A OD1 1 
ATOM 56   N ND2 . ASN A 1 12  ? -7.437  9.856   -2.529  1.00 65.26 ? 9   ASN A ND2 1 
ATOM 57   N N   . THR A 1 13  ? -2.987  10.574  1.207   1.00 62.74 ? 10  THR A N   1 
ATOM 58   C CA  . THR A 1 13  ? -1.837  10.010  1.902   1.00 63.02 ? 10  THR A CA  1 
ATOM 59   C C   . THR A 1 13  ? -1.516  10.741  3.209   1.00 64.14 ? 10  THR A C   1 
ATOM 60   O O   . THR A 1 13  ? -0.679  10.282  3.980   1.00 64.38 ? 10  THR A O   1 
ATOM 61   C CB  . THR A 1 13  ? -0.574  10.035  1.012   1.00 61.75 ? 10  THR A CB  1 
ATOM 62   O OG1 . THR A 1 13  ? -0.248  11.389  0.682   1.00 62.25 ? 10  THR A OG1 1 
ATOM 63   C CG2 . THR A 1 13  ? -0.801  9.249   -0.268  1.00 60.07 ? 10  THR A CG2 1 
ATOM 64   N N   . ARG A 1 14  ? -2.174  11.873  3.453   1.00 64.83 ? 11  ARG A N   1 
ATOM 65   C CA  . ARG A 1 14  ? -1.942  12.645  4.675   1.00 66.49 ? 11  ARG A CA  1 
ATOM 66   C C   . ARG A 1 14  ? -2.342  11.805  5.885   1.00 67.32 ? 11  ARG A C   1 
ATOM 67   O O   . ARG A 1 14  ? -1.490  11.337  6.642   1.00 67.45 ? 11  ARG A O   1 
ATOM 68   C CB  . ARG A 1 14  ? -2.766  13.937  4.654   1.00 66.57 ? 11  ARG A CB  1 
ATOM 69   C CG  . ARG A 1 14  ? -2.516  14.858  5.838   1.00 68.07 ? 11  ARG A CG  1 
ATOM 70   C CD  . ARG A 1 14  ? -1.834  16.158  5.409   1.00 68.50 ? 11  ARG A CD  1 
ATOM 71   N NE  . ARG A 1 14  ? -0.490  15.929  4.893   1.00 69.05 ? 11  ARG A NE  1 
ATOM 72   C CZ  . ARG A 1 14  ? 0.354   16.890  4.534   1.00 69.94 ? 11  ARG A CZ  1 
ATOM 73   N NH1 . ARG A 1 14  ? -0.001  18.169  4.627   1.00 69.85 ? 11  ARG A NH1 1 
ATOM 74   N NH2 . ARG A 1 14  ? 1.563   16.568  4.091   1.00 69.19 ? 11  ARG A NH2 1 
ATOM 75   N N   . HIS A 1 15  ? -3.646  11.628  6.066   1.00 68.02 ? 12  HIS A N   1 
ATOM 76   C CA  . HIS A 1 15  ? -4.159  10.825  7.169   1.00 69.66 ? 12  HIS A CA  1 
ATOM 77   C C   . HIS A 1 15  ? -3.614  9.403   7.024   1.00 69.58 ? 12  HIS A C   1 
ATOM 78   O O   . HIS A 1 15  ? -3.180  9.000   5.937   1.00 70.14 ? 12  HIS A O   1 
ATOM 79   C CB  . HIS A 1 15  ? -5.690  10.823  7.147   1.00 71.12 ? 12  HIS A CB  1 
ATOM 80   C CG  . HIS A 1 15  ? -6.268  11.156  5.808   1.00 73.16 ? 12  HIS A CG  1 
ATOM 81   N ND1 . HIS A 1 15  ? -6.132  12.402  5.232   1.00 73.87 ? 12  HIS A ND1 1 
ATOM 82   C CD2 . HIS A 1 15  ? -6.947  10.400  4.914   1.00 73.91 ? 12  HIS A CD2 1 
ATOM 83   C CE1 . HIS A 1 15  ? -6.702  12.398  4.040   1.00 74.38 ? 12  HIS A CE1 1 
ATOM 84   N NE2 . HIS A 1 15  ? -7.205  11.196  3.822   1.00 75.15 ? 12  HIS A NE2 1 
ATOM 85   N N   . ARG A 1 16  ? -3.643  8.657   8.122   1.00 68.17 ? 13  ARG A N   1 
ATOM 86   C CA  . ARG A 1 16  ? -3.124  7.288   8.180   1.00 67.96 ? 13  ARG A CA  1 
ATOM 87   C C   . ARG A 1 16  ? -1.598  7.268   8.108   1.00 67.06 ? 13  ARG A C   1 
ATOM 88   O O   . ARG A 1 16  ? -0.956  6.562   8.883   1.00 66.57 ? 13  ARG A O   1 
ATOM 89   C CB  . ARG A 1 16  ? -3.690  6.381   7.073   1.00 67.26 ? 13  ARG A CB  1 
ATOM 90   C CG  . ARG A 1 16  ? -3.087  4.976   7.160   1.00 66.14 ? 13  ARG A CG  1 
ATOM 91   C CD  . ARG A 1 16  ? -3.829  3.906   6.383   1.00 65.76 ? 13  ARG A CD  1 
ATOM 92   N NE  . ARG A 1 16  ? -3.548  3.893   4.948   1.00 65.61 ? 13  ARG A NE  1 
ATOM 93   C CZ  . ARG A 1 16  ? -3.747  2.836   4.159   1.00 65.29 ? 13  ARG A CZ  1 
ATOM 94   N NH1 . ARG A 1 16  ? -4.223  1.703   4.663   1.00 64.06 ? 13  ARG A NH1 1 
ATOM 95   N NH2 . ARG A 1 16  ? -3.475  2.908   2.860   1.00 65.52 ? 13  ARG A NH2 1 
ATOM 96   N N   . LYS A 1 17  ? -1.022  8.032   7.180   1.00 66.47 ? 14  LYS A N   1 
ATOM 97   C CA  . LYS A 1 17  ? 0.432   8.093   7.051   1.00 65.74 ? 14  LYS A CA  1 
ATOM 98   C C   . LYS A 1 17  ? 0.983   8.940   8.194   1.00 65.93 ? 14  LYS A C   1 
ATOM 99   O O   . LYS A 1 17  ? 2.195   9.009   8.411   1.00 66.34 ? 14  LYS A O   1 
ATOM 100  C CB  . LYS A 1 17  ? 0.819   8.694   5.720   1.00 65.80 ? 14  LYS A CB  1 
ATOM 101  N N   . ALA A 1 18  ? 0.069   9.592   8.907   1.00 65.81 ? 15  ALA A N   1 
ATOM 102  C CA  . ALA A 1 18  ? 0.393   10.422  10.062  1.00 65.82 ? 15  ALA A CA  1 
ATOM 103  C C   . ALA A 1 18  ? 0.013   9.590   11.282  1.00 65.89 ? 15  ALA A C   1 
ATOM 104  O O   . ALA A 1 18  ? 0.198   10.006  12.427  1.00 66.04 ? 15  ALA A O   1 
ATOM 105  C CB  . ALA A 1 18  ? -0.423  11.710  10.030  1.00 64.78 ? 15  ALA A CB  1 
ATOM 106  N N   . ALA A 1 19  ? -0.538  8.413   11.003  1.00 66.02 ? 16  ALA A N   1 
ATOM 107  C CA  . ALA A 1 19  ? -0.978  7.468   12.024  1.00 66.54 ? 16  ALA A CA  1 
ATOM 108  C C   . ALA A 1 19  ? -0.047  6.254   12.027  1.00 66.25 ? 16  ALA A C   1 
ATOM 109  O O   . ALA A 1 19  ? 0.243   5.679   13.083  1.00 66.93 ? 16  ALA A O   1 
ATOM 110  C CB  . ALA A 1 19  ? -2.423  7.030   11.743  1.00 65.87 ? 16  ALA A CB  1 
ATOM 111  N N   . GLN A 1 20  ? 0.417   5.868   10.838  1.00 65.08 ? 17  GLN A N   1 
ATOM 112  C CA  . GLN A 1 20  ? 1.325   4.737   10.703  1.00 63.11 ? 17  GLN A CA  1 
ATOM 113  C C   . GLN A 1 20  ? 2.678   5.128   11.279  1.00 62.73 ? 17  GLN A C   1 
ATOM 114  O O   . GLN A 1 20  ? 3.507   4.274   11.597  1.00 63.58 ? 17  GLN A O   1 
ATOM 115  C CB  . GLN A 1 20  ? 1.473   4.329   9.229   1.00 61.76 ? 17  GLN A CB  1 
ATOM 116  C CG  . GLN A 1 20  ? 0.147   3.956   8.551   1.00 60.98 ? 17  GLN A CG  1 
ATOM 117  C CD  . GLN A 1 20  ? 0.279   2.866   7.491   1.00 59.42 ? 17  GLN A CD  1 
ATOM 118  O OE1 . GLN A 1 20  ? -0.599  2.706   6.641   1.00 59.15 ? 17  GLN A OE1 1 
ATOM 119  N NE2 . GLN A 1 20  ? 1.363   2.104   7.549   1.00 58.48 ? 17  GLN A NE2 1 
ATOM 120  N N   . ASP A 1 21  ? 2.900   6.431   11.411  1.00 62.40 ? 18  ASP A N   1 
ATOM 121  C CA  . ASP A 1 21  ? 4.148   6.922   11.962  1.00 61.56 ? 18  ASP A CA  1 
ATOM 122  C C   . ASP A 1 21  ? 3.980   7.117   13.465  1.00 60.31 ? 18  ASP A C   1 
ATOM 123  O O   . ASP A 1 21  ? 4.613   7.986   14.065  1.00 62.03 ? 18  ASP A O   1 
ATOM 124  C CB  . ASP A 1 21  ? 4.552   8.231   11.273  1.00 62.82 ? 18  ASP A CB  1 
ATOM 125  C CG  . ASP A 1 21  ? 4.782   8.051   9.769   1.00 64.00 ? 18  ASP A CG  1 
ATOM 126  O OD1 . ASP A 1 21  ? 5.139   9.035   9.080   1.00 62.23 ? 18  ASP A OD1 1 
ATOM 127  O OD2 . ASP A 1 21  ? 4.602   6.914   9.276   1.00 64.92 ? 18  ASP A OD2 1 
ATOM 128  N N   . ALA A 1 22  ? 3.110   6.293   14.050  1.00 56.89 ? 19  ALA A N   1 
ATOM 129  C CA  . ALA A 1 22  ? 2.818   6.299   15.483  1.00 53.91 ? 19  ALA A CA  1 
ATOM 130  C C   . ALA A 1 22  ? 2.743   4.838   15.940  1.00 51.14 ? 19  ALA A C   1 
ATOM 131  O O   . ALA A 1 22  ? 2.781   4.519   17.138  1.00 49.90 ? 19  ALA A O   1 
ATOM 132  C CB  . ALA A 1 22  ? 1.484   7.000   15.750  1.00 55.00 ? 19  ALA A CB  1 
ATOM 133  N N   . LYS A 1 23  ? 2.636   3.960   14.951  1.00 46.99 ? 20  LYS A N   1 
ATOM 134  C CA  . LYS A 1 23  ? 2.561   2.524   15.164  1.00 43.25 ? 20  LYS A CA  1 
ATOM 135  C C   . LYS A 1 23  ? 3.765   1.866   14.464  1.00 40.04 ? 20  LYS A C   1 
ATOM 136  O O   . LYS A 1 23  ? 3.646   0.804   13.849  1.00 36.35 ? 20  LYS A O   1 
ATOM 137  C CB  . LYS A 1 23  ? 1.242   2.000   14.580  1.00 44.39 ? 20  LYS A CB  1 
ATOM 138  C CG  . LYS A 1 23  ? -0.011  2.547   15.301  1.00 45.29 ? 20  LYS A CG  1 
ATOM 139  C CD  . LYS A 1 23  ? -1.305  2.209   14.559  1.00 44.00 ? 20  LYS A CD  1 
ATOM 140  C CE  . LYS A 1 23  ? -1.558  3.166   13.407  1.00 42.57 ? 20  LYS A CE  1 
ATOM 141  N NZ  . LYS A 1 23  ? -2.678  2.718   12.517  1.00 45.59 ? 20  LYS A NZ  1 
ATOM 142  N N   . ARG A 1 24  ? 4.925   2.504   14.568  1.00 36.17 ? 21  ARG A N   1 
ATOM 143  C CA  . ARG A 1 24  ? 6.116   1.978   13.921  1.00 34.94 ? 21  ARG A CA  1 
ATOM 144  C C   . ARG A 1 24  ? 6.534   0.583   14.386  1.00 32.94 ? 21  ARG A C   1 
ATOM 145  O O   . ARG A 1 24  ? 7.147   -0.160  13.626  1.00 33.34 ? 21  ARG A O   1 
ATOM 146  C CB  . ARG A 1 24  ? 7.287   2.953   14.075  1.00 36.36 ? 21  ARG A CB  1 
ATOM 147  C CG  . ARG A 1 24  ? 8.523   2.510   13.314  1.00 38.51 ? 21  ARG A CG  1 
ATOM 148  C CD  . ARG A 1 24  ? 9.576   3.616   13.210  1.00 39.18 ? 21  ARG A CD  1 
ATOM 149  N NE  . ARG A 1 24  ? 10.831  3.117   12.643  1.00 33.79 ? 21  ARG A NE  1 
ATOM 150  C CZ  . ARG A 1 24  ? 10.977  2.637   11.410  1.00 34.11 ? 21  ARG A CZ  1 
ATOM 151  N NH1 . ARG A 1 24  ? 9.936   2.582   10.582  1.00 29.87 ? 21  ARG A NH1 1 
ATOM 152  N NH2 . ARG A 1 24  ? 12.182  2.227   10.995  1.00 29.60 ? 21  ARG A NH2 1 
ATOM 153  N N   . GLY A 1 25  ? 6.227   0.235   15.628  1.00 30.68 ? 22  GLY A N   1 
ATOM 154  C CA  . GLY A 1 25  ? 6.573   -1.087  16.119  1.00 31.74 ? 22  GLY A CA  1 
ATOM 155  C C   . GLY A 1 25  ? 5.801   -2.133  15.325  1.00 33.98 ? 22  GLY A C   1 
ATOM 156  O O   . GLY A 1 25  ? 6.361   -3.101  14.812  1.00 33.73 ? 22  GLY A O   1 
ATOM 157  N N   . LYS A 1 26  ? 4.495   -1.928  15.210  1.00 33.63 ? 23  LYS A N   1 
ATOM 158  C CA  . LYS A 1 26  ? 3.655   -2.849  14.471  1.00 34.13 ? 23  LYS A CA  1 
ATOM 159  C C   . LYS A 1 26  ? 4.060   -2.901  12.986  1.00 31.71 ? 23  LYS A C   1 
ATOM 160  O O   . LYS A 1 26  ? 4.100   -3.973  12.392  1.00 28.64 ? 23  LYS A O   1 
ATOM 161  C CB  . LYS A 1 26  ? 2.185   -2.447  14.634  1.00 36.26 ? 23  LYS A CB  1 
ATOM 162  C CG  . LYS A 1 26  ? 1.640   -2.786  16.020  1.00 41.89 ? 23  LYS A CG  1 
ATOM 163  C CD  . LYS A 1 26  ? 0.166   -2.446  16.175  1.00 42.24 ? 23  LYS A CD  1 
ATOM 164  C CE  . LYS A 1 26  ? -0.453  -3.302  17.281  1.00 43.75 ? 23  LYS A CE  1 
ATOM 165  N NZ  . LYS A 1 26  ? -1.921  -3.077  17.426  1.00 47.70 ? 23  LYS A NZ  1 
ATOM 166  N N   . ILE A 1 27  ? 4.377   -1.751  12.402  1.00 28.65 ? 24  ILE A N   1 
ATOM 167  C CA  . ILE A 1 27  ? 4.786   -1.714  11.005  1.00 29.64 ? 24  ILE A CA  1 
ATOM 168  C C   . ILE A 1 27  ? 6.139   -2.397  10.785  1.00 28.46 ? 24  ILE A C   1 
ATOM 169  O O   . ILE A 1 27  ? 6.328   -3.120  9.805   1.00 27.60 ? 24  ILE A O   1 
ATOM 170  C CB  . ILE A 1 27  ? 4.855   -0.269  10.487  1.00 34.85 ? 24  ILE A CB  1 
ATOM 171  C CG1 . ILE A 1 27  ? 3.455   0.358   10.532  1.00 38.09 ? 24  ILE A CG1 1 
ATOM 172  C CG2 . ILE A 1 27  ? 5.400   -0.243  9.047   1.00 35.28 ? 24  ILE A CG2 1 
ATOM 173  C CD1 . ILE A 1 27  ? 3.415   1.788   10.020  1.00 41.70 ? 24  ILE A CD1 1 
ATOM 174  N N   . PHE A 1 28  ? 7.066   -2.168  11.707  1.00 24.37 ? 25  PHE A N   1 
ATOM 175  C CA  . PHE A 1 28  ? 8.391   -2.749  11.643  1.00 26.66 ? 25  PHE A CA  1 
ATOM 176  C C   . PHE A 1 28  ? 8.247   -4.267  11.688  1.00 29.15 ? 25  PHE A C   1 
ATOM 177  O O   . PHE A 1 28  ? 8.758   -4.997  10.824  1.00 28.28 ? 25  PHE A O   1 
ATOM 178  C CB  . PHE A 1 28  ? 9.206   -2.278  12.856  1.00 29.57 ? 25  PHE A CB  1 
ATOM 179  C CG  . PHE A 1 28  ? 10.702  -2.485  12.730  1.00 29.30 ? 25  PHE A CG  1 
ATOM 180  C CD1 . PHE A 1 28  ? 11.543  -1.430  12.336  1.00 31.46 ? 25  PHE A CD1 1 
ATOM 181  C CD2 . PHE A 1 28  ? 11.280  -3.697  13.076  1.00 29.53 ? 25  PHE A CD2 1 
ATOM 182  C CE1 . PHE A 1 28  ? 12.929  -1.583  12.303  1.00 28.54 ? 25  PHE A CE1 1 
ATOM 183  C CE2 . PHE A 1 28  ? 12.668  -3.861  13.048  1.00 28.83 ? 25  PHE A CE2 1 
ATOM 184  C CZ  . PHE A 1 28  ? 13.489  -2.800  12.661  1.00 30.45 ? 25  PHE A CZ  1 
ATOM 185  N N   . THR A 1 29  ? 7.520   -4.742  12.692  1.00 26.71 ? 26  THR A N   1 
ATOM 186  C CA  . THR A 1 29  ? 7.368   -6.176  12.867  1.00 28.05 ? 26  THR A CA  1 
ATOM 187  C C   . THR A 1 29  ? 6.518   -6.917  11.826  1.00 27.48 ? 26  THR A C   1 
ATOM 188  O O   . THR A 1 29  ? 6.627   -8.142  11.699  1.00 25.77 ? 26  THR A O   1 
ATOM 189  C CB  . THR A 1 29  ? 6.911   -6.513  14.336  1.00 27.82 ? 26  THR A CB  1 
ATOM 190  O OG1 . THR A 1 29  ? 5.702   -5.820  14.654  1.00 30.83 ? 26  THR A OG1 1 
ATOM 191  C CG2 . THR A 1 29  ? 7.989   -6.083  15.335  1.00 21.61 ? 26  THR A CG2 1 
ATOM 192  N N   . LYS A 1 30  ? 5.675   -6.202  11.083  1.00 27.66 ? 27  LYS A N   1 
ATOM 193  C CA  . LYS A 1 30  ? 4.897   -6.862  10.041  1.00 28.71 ? 27  LYS A CA  1 
ATOM 194  C C   . LYS A 1 30  ? 5.839   -7.057  8.871   1.00 30.09 ? 27  LYS A C   1 
ATOM 195  O O   . LYS A 1 30  ? 5.775   -8.057  8.151   1.00 30.18 ? 27  LYS A O   1 
ATOM 196  C CB  . LYS A 1 30  ? 3.701   -6.014  9.606   1.00 32.26 ? 27  LYS A CB  1 
ATOM 197  C CG  . LYS A 1 30  ? 2.649   -5.893  10.690  1.00 31.93 ? 27  LYS A CG  1 
ATOM 198  C CD  . LYS A 1 30  ? 1.372   -5.258  10.201  1.00 33.33 ? 27  LYS A CD  1 
ATOM 199  C CE  . LYS A 1 30  ? 0.317   -5.345  11.304  1.00 31.42 ? 27  LYS A CE  1 
ATOM 200  N NZ  . LYS A 1 30  ? -0.957  -4.763  10.861  1.00 28.24 ? 27  LYS A NZ  1 
ATOM 201  N N   . ILE A 1 31  ? 6.721   -6.087  8.679   1.00 29.78 ? 28  ILE A N   1 
ATOM 202  C CA  . ILE A 1 31  ? 7.691   -6.191  7.605   1.00 31.27 ? 28  ILE A CA  1 
ATOM 203  C C   . ILE A 1 31  ? 8.608   -7.355  7.939   1.00 30.47 ? 28  ILE A C   1 
ATOM 204  O O   . ILE A 1 31  ? 8.829   -8.213  7.107   1.00 31.24 ? 28  ILE A O   1 
ATOM 205  C CB  . ILE A 1 31  ? 8.498   -4.892  7.453   1.00 28.23 ? 28  ILE A CB  1 
ATOM 206  C CG1 . ILE A 1 31  ? 7.587   -3.818  6.858   1.00 27.82 ? 28  ILE A CG1 1 
ATOM 207  C CG2 . ILE A 1 31  ? 9.723   -5.118  6.577   1.00 29.91 ? 28  ILE A CG2 1 
ATOM 208  C CD1 . ILE A 1 31  ? 8.221   -2.487  6.704   1.00 24.12 ? 28  ILE A CD1 1 
ATOM 209  N N   . ILE A 1 32  ? 9.093   -7.410  9.176   1.00 31.20 ? 29  ILE A N   1 
ATOM 210  C CA  . ILE A 1 32  ? 9.988   -8.487  9.576   1.00 31.17 ? 29  ILE A CA  1 
ATOM 211  C C   . ILE A 1 32  ? 9.416   -9.846  9.222   1.00 32.61 ? 29  ILE A C   1 
ATOM 212  O O   . ILE A 1 32  ? 10.116  -10.665 8.624   1.00 35.00 ? 29  ILE A O   1 
ATOM 213  C CB  . ILE A 1 32  ? 10.316  -8.429  11.079  1.00 30.45 ? 29  ILE A CB  1 
ATOM 214  C CG1 . ILE A 1 32  ? 11.120  -7.162  11.386  1.00 31.32 ? 29  ILE A CG1 1 
ATOM 215  C CG2 . ILE A 1 32  ? 11.083  -9.667  11.513  1.00 31.79 ? 29  ILE A CG2 1 
ATOM 216  C CD1 . ILE A 1 32  ? 12.337  -6.958  10.530  1.00 30.52 ? 29  ILE A CD1 1 
ATOM 217  N N   . ARG A 1 33  ? 8.150   -10.080 9.553   1.00 32.28 ? 30  ARG A N   1 
ATOM 218  C CA  . ARG A 1 33  ? 7.514   -11.365 9.244   1.00 34.05 ? 30  ARG A CA  1 
ATOM 219  C C   . ARG A 1 33  ? 7.411   -11.664 7.743   1.00 31.87 ? 30  ARG A C   1 
ATOM 220  O O   . ARG A 1 33  ? 7.420   -12.812 7.331   1.00 29.55 ? 30  ARG A O   1 
ATOM 221  C CB  . ARG A 1 33  ? 6.090   -11.430 9.819   1.00 37.20 ? 30  ARG A CB  1 
ATOM 222  C CG  . ARG A 1 33  ? 5.943   -11.046 11.278  1.00 42.00 ? 30  ARG A CG  1 
ATOM 223  C CD  . ARG A 1 33  ? 4.571   -11.514 11.788  1.00 44.77 ? 30  ARG A CD  1 
ATOM 224  N NE  . ARG A 1 33  ? 4.178   -10.828 13.014  1.00 49.38 ? 30  ARG A NE  1 
ATOM 225  C CZ  . ARG A 1 33  ? 3.676   -9.597  13.062  1.00 50.75 ? 30  ARG A CZ  1 
ATOM 226  N NH1 . ARG A 1 33  ? 3.496   -8.898  11.950  1.00 53.93 ? 30  ARG A NH1 1 
ATOM 227  N NH2 . ARG A 1 33  ? 3.341   -9.065  14.229  1.00 53.54 ? 30  ARG A NH2 1 
ATOM 228  N N   . GLU A 1 34  ? 7.266   -10.627 6.939   1.00 30.75 ? 31  GLU A N   1 
ATOM 229  C CA  . GLU A 1 34  ? 7.133   -10.800 5.505   1.00 34.53 ? 31  GLU A CA  1 
ATOM 230  C C   . GLU A 1 34  ? 8.493   -11.062 4.870   1.00 37.92 ? 31  GLU A C   1 
ATOM 231  O O   . GLU A 1 34  ? 8.581   -11.632 3.778   1.00 39.95 ? 31  GLU A O   1 
ATOM 232  C CB  . GLU A 1 34  ? 6.483   -9.555  4.889   1.00 32.93 ? 31  GLU A CB  1 
ATOM 233  C CG  . GLU A 1 34  ? 6.254   -9.624  3.366   1.00 34.79 ? 31  GLU A CG  1 
ATOM 234  C CD  . GLU A 1 34  ? 5.448   -10.849 2.915   1.00 35.57 ? 31  GLU A CD  1 
ATOM 235  O OE1 . GLU A 1 34  ? 4.935   -10.815 1.781   1.00 40.47 ? 31  GLU A OE1 1 
ATOM 236  O OE2 . GLU A 1 34  ? 5.329   -11.841 3.672   1.00 29.55 ? 31  GLU A OE2 1 
ATOM 237  N N   . LEU A 1 35  ? 9.550   -10.645 5.564   1.00 38.61 ? 32  LEU A N   1 
ATOM 238  C CA  . LEU A 1 35  ? 10.916  -10.844 5.096   1.00 41.56 ? 32  LEU A CA  1 
ATOM 239  C C   . LEU A 1 35  ? 11.355  -12.256 5.444   1.00 43.87 ? 32  LEU A C   1 
ATOM 240  O O   . LEU A 1 35  ? 11.868  -12.977 4.592   1.00 43.24 ? 32  LEU A O   1 
ATOM 241  C CB  . LEU A 1 35  ? 11.858  -9.859  5.781   1.00 41.52 ? 32  LEU A CB  1 
ATOM 242  C CG  . LEU A 1 35  ? 11.722  -8.379  5.427   1.00 40.83 ? 32  LEU A CG  1 
ATOM 243  C CD1 . LEU A 1 35  ? 12.349  -7.537  6.518   1.00 37.32 ? 32  LEU A CD1 1 
ATOM 244  C CD2 . LEU A 1 35  ? 12.374  -8.128  4.085   1.00 39.64 ? 32  LEU A CD2 1 
ATOM 245  N N   . VAL A 1 36  ? 11.146  -12.637 6.705   1.00 44.64 ? 33  VAL A N   1 
ATOM 246  C CA  . VAL A 1 36  ? 11.527  -13.957 7.193   1.00 47.55 ? 33  VAL A CA  1 
ATOM 247  C C   . VAL A 1 36  ? 10.793  -15.087 6.487   1.00 49.67 ? 33  VAL A C   1 
ATOM 248  O O   . VAL A 1 36  ? 11.386  -16.121 6.173   1.00 50.79 ? 33  VAL A O   1 
ATOM 249  C CB  . VAL A 1 36  ? 11.264  -14.102 8.715   1.00 46.67 ? 33  VAL A CB  1 
ATOM 250  C CG1 . VAL A 1 36  ? 12.006  -13.028 9.489   1.00 48.39 ? 33  VAL A CG1 1 
ATOM 251  C CG2 . VAL A 1 36  ? 9.778   -14.013 8.994   1.00 48.09 ? 33  VAL A CG2 1 
ATOM 252  N N   . THR A 1 37  ? 9.498   -14.887 6.249   1.00 52.33 ? 34  THR A N   1 
ATOM 253  C CA  . THR A 1 37  ? 8.655   -15.885 5.602   1.00 52.83 ? 34  THR A CA  1 
ATOM 254  C C   . THR A 1 37  ? 9.041   -16.088 4.146   1.00 53.47 ? 34  THR A C   1 
ATOM 255  O O   . THR A 1 37  ? 8.975   -17.203 3.627   1.00 54.62 ? 34  THR A O   1 
ATOM 256  C CB  . THR A 1 37  ? 7.158   -15.491 5.719   1.00 53.17 ? 34  THR A CB  1 
ATOM 257  O OG1 . THR A 1 37  ? 6.761   -15.571 7.096   1.00 53.54 ? 34  THR A OG1 1 
ATOM 258  C CG2 . THR A 1 37  ? 6.270   -16.427 4.904   1.00 53.91 ? 34  THR A CG2 1 
ATOM 259  N N   . ALA A 1 38  ? 9.455   -15.012 3.492   1.00 54.86 ? 35  ALA A N   1 
ATOM 260  C CA  . ALA A 1 38  ? 9.870   -15.087 2.096   1.00 55.50 ? 35  ALA A CA  1 
ATOM 261  C C   . ALA A 1 38  ? 11.267  -15.707 1.982   1.00 55.09 ? 35  ALA A C   1 
ATOM 262  O O   . ALA A 1 38  ? 11.607  -16.315 0.969   1.00 54.35 ? 35  ALA A O   1 
ATOM 263  C CB  . ALA A 1 38  ? 9.860   -13.706 1.482   1.00 53.86 ? 35  ALA A CB  1 
ATOM 264  N N   . ALA A 1 39  ? 12.076  -15.547 3.025   1.00 55.93 ? 36  ALA A N   1 
ATOM 265  C CA  . ALA A 1 39  ? 13.425  -16.104 3.019   1.00 57.49 ? 36  ALA A CA  1 
ATOM 266  C C   . ALA A 1 39  ? 13.343  -17.577 3.395   1.00 59.67 ? 36  ALA A C   1 
ATOM 267  O O   . ALA A 1 39  ? 14.150  -18.387 2.946   1.00 60.89 ? 36  ALA A O   1 
ATOM 268  C CB  . ALA A 1 39  ? 14.314  -15.362 3.996   1.00 56.92 ? 36  ALA A CB  1 
ATOM 269  N N   . LYS A 1 40  ? 12.360  -17.920 4.218   1.00 60.53 ? 37  LYS A N   1 
ATOM 270  C CA  . LYS A 1 40  ? 12.168  -19.301 4.624   1.00 61.54 ? 37  LYS A CA  1 
ATOM 271  C C   . LYS A 1 40  ? 11.616  -20.109 3.453   1.00 62.10 ? 37  LYS A C   1 
ATOM 272  O O   . LYS A 1 40  ? 11.867  -21.309 3.350   1.00 62.96 ? 37  LYS A O   1 
ATOM 273  C CB  . LYS A 1 40  ? 11.201  -19.368 5.807   1.00 61.97 ? 37  LYS A CB  1 
ATOM 274  N N   . LEU A 1 41  ? 10.880  -19.433 2.573   1.00 62.98 ? 38  LEU A N   1 
ATOM 275  C CA  . LEU A 1 41  ? 10.248  -20.038 1.397   1.00 63.32 ? 38  LEU A CA  1 
ATOM 276  C C   . LEU A 1 41  ? 11.088  -21.048 0.614   1.00 63.92 ? 38  LEU A C   1 
ATOM 277  O O   . LEU A 1 41  ? 11.614  -20.660 -0.453  1.00 64.99 ? 38  LEU A O   1 
ATOM 278  C CB  . LEU A 1 41  ? 9.765   -18.939 0.460   1.00 63.02 ? 38  LEU A CB  1 
ATOM 279  N N   . ASP A 1 47  ? 13.915  -20.552 0.501   1.00 58.39 ? 44  ASP A N   1 
ATOM 280  C CA  . ASP A 1 47  ? 14.059  -19.108 0.184   1.00 58.06 ? 44  ASP A CA  1 
ATOM 281  C C   . ASP A 1 47  ? 13.605  -18.741 -1.237  1.00 57.32 ? 44  ASP A C   1 
ATOM 282  O O   . ASP A 1 47  ? 14.409  -18.732 -2.164  1.00 56.18 ? 44  ASP A O   1 
ATOM 283  C CB  . ASP A 1 47  ? 15.519  -18.684 0.394   1.00 58.21 ? 44  ASP A CB  1 
ATOM 284  N N   . ALA A 1 48  ? 12.319  -18.432 -1.400  1.00 57.29 ? 45  ALA A N   1 
ATOM 285  C CA  . ALA A 1 48  ? 11.787  -18.029 -2.705  1.00 58.13 ? 45  ALA A CA  1 
ATOM 286  C C   . ALA A 1 48  ? 12.364  -16.643 -3.023  1.00 58.35 ? 45  ALA A C   1 
ATOM 287  O O   . ALA A 1 48  ? 12.522  -15.816 -2.122  1.00 55.77 ? 45  ALA A O   1 
ATOM 288  C CB  . ALA A 1 48  ? 10.260  -17.976 -2.660  1.00 58.51 ? 45  ALA A CB  1 
ATOM 289  N N   . ASN A 1 49  ? 12.671  -16.375 -4.292  1.00 58.77 ? 46  ASN A N   1 
ATOM 290  C CA  . ASN A 1 49  ? 13.273  -15.083 -4.627  1.00 59.09 ? 46  ASN A CA  1 
ATOM 291  C C   . ASN A 1 49  ? 12.330  -13.898 -4.842  1.00 58.59 ? 46  ASN A C   1 
ATOM 292  O O   . ASN A 1 49  ? 12.305  -12.975 -4.032  1.00 57.93 ? 46  ASN A O   1 
ATOM 293  C CB  . ASN A 1 49  ? 14.211  -15.234 -5.833  1.00 59.91 ? 46  ASN A CB  1 
ATOM 294  N N   . PRO A 1 50  ? 11.539  -13.910 -5.930  1.00 59.03 ? 47  PRO A N   1 
ATOM 295  C CA  . PRO A 1 50  ? 10.609  -12.811 -6.227  1.00 58.84 ? 47  PRO A CA  1 
ATOM 296  C C   . PRO A 1 50  ? 9.445   -12.693 -5.242  1.00 59.04 ? 47  PRO A C   1 
ATOM 297  O O   . PRO A 1 50  ? 8.279   -12.614 -5.653  1.00 60.49 ? 47  PRO A O   1 
ATOM 298  C CB  . PRO A 1 50  ? 10.131  -13.150 -7.631  1.00 58.34 ? 47  PRO A CB  1 
ATOM 299  C CG  . PRO A 1 50  ? 10.004  -14.635 -7.553  1.00 59.00 ? 47  PRO A CG  1 
ATOM 300  C CD  . PRO A 1 50  ? 11.276  -15.060 -6.817  1.00 58.74 ? 47  PRO A CD  1 
ATOM 301  N N   . ARG A 1 51  ? 9.771   -12.700 -3.955  1.00 56.57 ? 48  ARG A N   1 
ATOM 302  C CA  . ARG A 1 51  ? 8.790   -12.593 -2.876  1.00 55.88 ? 48  ARG A CA  1 
ATOM 303  C C   . ARG A 1 51  ? 9.578   -12.042 -1.687  1.00 54.61 ? 48  ARG A C   1 
ATOM 304  O O   . ARG A 1 51  ? 9.027   -11.678 -0.647  1.00 54.57 ? 48  ARG A O   1 
ATOM 305  C CB  . ARG A 1 51  ? 8.201   -13.973 -2.544  1.00 56.55 ? 48  ARG A CB  1 
ATOM 306  N N   . LEU A 1 52  ? 10.892  -12.010 -1.868  1.00 52.49 ? 49  LEU A N   1 
ATOM 307  C CA  . LEU A 1 52  ? 11.811  -11.475 -0.886  1.00 50.90 ? 49  LEU A CA  1 
ATOM 308  C C   . LEU A 1 52  ? 12.027  -10.049 -1.352  1.00 49.30 ? 49  LEU A C   1 
ATOM 309  O O   . LEU A 1 52  ? 12.019  -9.106  -0.558  1.00 48.38 ? 49  LEU A O   1 
ATOM 310  C CB  . LEU A 1 52  ? 13.143  -12.216 -0.947  1.00 53.05 ? 49  LEU A CB  1 
ATOM 311  C CG  . LEU A 1 52  ? 13.323  -13.540 -0.218  1.00 53.79 ? 49  LEU A CG  1 
ATOM 312  C CD1 . LEU A 1 52  ? 14.449  -14.368 -0.875  1.00 54.38 ? 49  LEU A CD1 1 
ATOM 313  C CD2 . LEU A 1 52  ? 13.644  -13.235 1.246   1.00 55.46 ? 49  LEU A CD2 1 
ATOM 314  N N   . ARG A 1 53  ? 12.220  -9.916  -2.662  1.00 47.43 ? 50  ARG A N   1 
ATOM 315  C CA  . ARG A 1 53  ? 12.454  -8.626  -3.297  1.00 45.32 ? 50  ARG A CA  1 
ATOM 316  C C   . ARG A 1 53  ? 11.477  -7.581  -2.780  1.00 43.34 ? 50  ARG A C   1 
ATOM 317  O O   . ARG A 1 53  ? 11.889  -6.567  -2.217  1.00 44.11 ? 50  ARG A O   1 
ATOM 318  C CB  . ARG A 1 53  ? 12.331  -8.761  -4.819  1.00 45.47 ? 50  ARG A CB  1 
ATOM 319  N N   . ALA A 1 54  ? 10.185  -7.848  -2.965  1.00 41.65 ? 51  ALA A N   1 
ATOM 320  C CA  . ALA A 1 54  ? 9.117   -6.943  -2.539  1.00 39.17 ? 51  ALA A CA  1 
ATOM 321  C C   . ALA A 1 54  ? 9.299   -6.470  -1.092  1.00 37.13 ? 51  ALA A C   1 
ATOM 322  O O   . ALA A 1 54  ? 9.327   -5.267  -0.811  1.00 35.08 ? 51  ALA A O   1 
ATOM 323  C CB  . ALA A 1 54  ? 7.787   -7.640  -2.688  1.00 37.45 ? 51  ALA A CB  1 
ATOM 324  N N   . ALA A 1 55  ? 9.420   -7.440  -0.193  1.00 35.83 ? 52  ALA A N   1 
ATOM 325  C CA  . ALA A 1 55  ? 9.618   -7.199  1.226   1.00 36.56 ? 52  ALA A CA  1 
ATOM 326  C C   . ALA A 1 55  ? 10.798  -6.274  1.454   1.00 37.53 ? 52  ALA A C   1 
ATOM 327  O O   . ALA A 1 55  ? 10.679  -5.272  2.167   1.00 40.71 ? 52  ALA A O   1 
ATOM 328  C CB  . ALA A 1 55  ? 9.853   -8.514  1.935   1.00 33.45 ? 52  ALA A CB  1 
ATOM 329  N N   . VAL A 1 56  ? 11.939  -6.605  0.846   1.00 37.61 ? 53  VAL A N   1 
ATOM 330  C CA  . VAL A 1 56  ? 13.146  -5.796  0.996   1.00 35.59 ? 53  VAL A CA  1 
ATOM 331  C C   . VAL A 1 56  ? 12.913  -4.335  0.645   1.00 36.30 ? 53  VAL A C   1 
ATOM 332  O O   . VAL A 1 56  ? 13.344  -3.443  1.365   1.00 35.79 ? 53  VAL A O   1 
ATOM 333  C CB  . VAL A 1 56  ? 14.308  -6.338  0.126   1.00 35.30 ? 53  VAL A CB  1 
ATOM 334  C CG1 . VAL A 1 56  ? 15.440  -5.307  0.066   1.00 33.20 ? 53  VAL A CG1 1 
ATOM 335  C CG2 . VAL A 1 56  ? 14.822  -7.653  0.708   1.00 33.90 ? 53  VAL A CG2 1 
ATOM 336  N N   . ASP A 1 57  ? 12.234  -4.105  -0.472  1.00 37.71 ? 54  ASP A N   1 
ATOM 337  C CA  . ASP A 1 57  ? 11.936  -2.761  -0.940  1.00 39.77 ? 54  ASP A CA  1 
ATOM 338  C C   . ASP A 1 57  ? 11.023  -2.029  0.041   1.00 38.79 ? 54  ASP A C   1 
ATOM 339  O O   . ASP A 1 57  ? 11.167  -0.827  0.255   1.00 39.71 ? 54  ASP A O   1 
ATOM 340  C CB  . ASP A 1 57  ? 11.265  -2.852  -2.313  1.00 43.35 ? 54  ASP A CB  1 
ATOM 341  C CG  . ASP A 1 57  ? 11.814  -4.002  -3.148  1.00 46.66 ? 54  ASP A CG  1 
ATOM 342  O OD1 . ASP A 1 57  ? 13.015  -3.968  -3.512  1.00 48.76 ? 54  ASP A OD1 1 
ATOM 343  O OD2 . ASP A 1 57  ? 11.045  -4.945  -3.427  1.00 47.65 ? 54  ASP A OD2 1 
ATOM 344  N N   . LYS A 1 58  ? 10.078  -2.760  0.621   1.00 37.37 ? 55  LYS A N   1 
ATOM 345  C CA  . LYS A 1 58  ? 9.143   -2.185  1.583   1.00 37.79 ? 55  LYS A CA  1 
ATOM 346  C C   . LYS A 1 58  ? 9.936   -1.796  2.840   1.00 36.51 ? 55  LYS A C   1 
ATOM 347  O O   . LYS A 1 58  ? 9.713   -0.742  3.435   1.00 35.58 ? 55  LYS A O   1 
ATOM 348  C CB  . LYS A 1 58  ? 8.059   -3.212  1.935   1.00 36.75 ? 55  LYS A CB  1 
ATOM 349  C CG  . LYS A 1 58  ? 6.943   -2.683  2.815   1.00 36.99 ? 55  LYS A CG  1 
ATOM 350  C CD  . LYS A 1 58  ? 5.936   -3.801  3.109   1.00 38.71 ? 55  LYS A CD  1 
ATOM 351  C CE  . LYS A 1 58  ? 4.802   -3.346  4.018   1.00 40.24 ? 55  LYS A CE  1 
ATOM 352  N NZ  . LYS A 1 58  ? 4.042   -4.519  4.562   1.00 44.28 ? 55  LYS A NZ  1 
ATOM 353  N N   . ALA A 1 59  ? 10.877  -2.655  3.216   1.00 34.04 ? 56  ALA A N   1 
ATOM 354  C CA  . ALA A 1 59  ? 11.710  -2.417  4.379   1.00 34.41 ? 56  ALA A CA  1 
ATOM 355  C C   . ALA A 1 59  ? 12.501  -1.126  4.208   1.00 36.17 ? 56  ALA A C   1 
ATOM 356  O O   . ALA A 1 59  ? 12.523  -0.281  5.099   1.00 34.81 ? 56  ALA A O   1 
ATOM 357  C CB  . ALA A 1 59  ? 12.640  -3.582  4.574   1.00 30.69 ? 56  ALA A CB  1 
ATOM 358  N N   . LEU A 1 60  ? 13.135  -0.971  3.050   1.00 37.52 ? 57  LEU A N   1 
ATOM 359  C CA  . LEU A 1 60  ? 13.919  0.228   2.767   1.00 39.45 ? 57  LEU A CA  1 
ATOM 360  C C   . LEU A 1 60  ? 13.072  1.497   2.822   1.00 39.82 ? 57  LEU A C   1 
ATOM 361  O O   . LEU A 1 60  ? 13.406  2.441   3.537   1.00 40.72 ? 57  LEU A O   1 
ATOM 362  C CB  . LEU A 1 60  ? 14.581  0.105   1.392   1.00 38.80 ? 57  LEU A CB  1 
ATOM 363  C CG  . LEU A 1 60  ? 16.096  -0.100  1.325   1.00 39.20 ? 57  LEU A CG  1 
ATOM 364  C CD1 . LEU A 1 60  ? 16.648  -0.557  2.669   1.00 37.25 ? 57  LEU A CD1 1 
ATOM 365  C CD2 . LEU A 1 60  ? 16.409  -1.103  0.215   1.00 35.55 ? 57  LEU A CD2 1 
ATOM 366  N N   . SER A 1 61  ? 11.970  1.514   2.076   1.00 41.24 ? 58  SER A N   1 
ATOM 367  C CA  . SER A 1 61  ? 11.078  2.673   2.052   1.00 41.66 ? 58  SER A CA  1 
ATOM 368  C C   . SER A 1 61  ? 10.568  3.042   3.452   1.00 43.20 ? 58  SER A C   1 
ATOM 369  O O   . SER A 1 61  ? 10.082  4.156   3.667   1.00 43.07 ? 58  SER A O   1 
ATOM 370  C CB  . SER A 1 61  ? 9.890   2.395   1.131   1.00 44.44 ? 58  SER A CB  1 
ATOM 371  O OG  . SER A 1 61  ? 10.293  1.689   -0.029  1.00 42.96 ? 58  SER A OG  1 
ATOM 372  N N   . ASN A 1 62  ? 10.680  2.115   4.406   1.00 43.42 ? 59  ASN A N   1 
ATOM 373  C CA  . ASN A 1 62  ? 10.233  2.376   5.778   1.00 42.64 ? 59  ASN A CA  1 
ATOM 374  C C   . ASN A 1 62  ? 11.379  2.669   6.764   1.00 43.59 ? 59  ASN A C   1 
ATOM 375  O O   . ASN A 1 62  ? 11.160  2.752   7.974   1.00 44.21 ? 59  ASN A O   1 
ATOM 376  C CB  . ASN A 1 62  ? 9.394   1.199   6.289   1.00 40.01 ? 59  ASN A CB  1 
ATOM 377  C CG  . ASN A 1 62  ? 7.914   1.372   6.028   1.00 37.18 ? 59  ASN A CG  1 
ATOM 378  O OD1 . ASN A 1 62  ? 7.250   2.181   6.669   1.00 35.41 ? 59  ASN A OD1 1 
ATOM 379  N ND2 . ASN A 1 62  ? 7.394   0.615   5.079   1.00 33.35 ? 59  ASN A ND2 1 
ATOM 380  N N   . ASN A 1 63  ? 12.592  2.812   6.238   1.00 43.46 ? 60  ASN A N   1 
ATOM 381  C CA  . ASN A 1 63  ? 13.781  3.115   7.032   1.00 43.24 ? 60  ASN A CA  1 
ATOM 382  C C   . ASN A 1 63  ? 14.387  1.985   7.851   1.00 41.62 ? 60  ASN A C   1 
ATOM 383  O O   . ASN A 1 63  ? 15.081  2.231   8.830   1.00 39.32 ? 60  ASN A O   1 
ATOM 384  C CB  . ASN A 1 63  ? 13.532  4.318   7.944   1.00 45.74 ? 60  ASN A CB  1 
ATOM 385  C CG  . ASN A 1 63  ? 13.655  5.632   7.203   1.00 48.21 ? 60  ASN A CG  1 
ATOM 386  O OD1 . ASN A 1 63  ? 14.596  5.828   6.431   1.00 48.86 ? 60  ASN A OD1 1 
ATOM 387  N ND2 . ASN A 1 63  ? 12.717  6.543   7.437   1.00 49.88 ? 60  ASN A ND2 1 
ATOM 388  N N   . MET A 1 64  ? 14.131  0.750   7.446   1.00 40.11 ? 61  MET A N   1 
ATOM 389  C CA  . MET A 1 64  ? 14.694  -0.393  8.133   1.00 40.02 ? 61  MET A CA  1 
ATOM 390  C C   . MET A 1 64  ? 16.127  -0.583  7.623   1.00 41.28 ? 61  MET A C   1 
ATOM 391  O O   . MET A 1 64  ? 16.361  -0.791  6.428   1.00 40.58 ? 61  MET A O   1 
ATOM 392  C CB  . MET A 1 64  ? 13.847  -1.643  7.873   1.00 37.17 ? 61  MET A CB  1 
ATOM 393  C CG  . MET A 1 64  ? 12.867  -1.969  9.011   1.00 38.08 ? 61  MET A CG  1 
ATOM 394  S SD  . MET A 1 64  ? 11.107  -2.274  8.553   1.00 32.62 ? 61  MET A SD  1 
ATOM 395  C CE  . MET A 1 64  ? 10.638  -0.619  8.277   1.00 32.19 ? 61  MET A CE  1 
ATOM 396  N N   . THR A 1 65  ? 17.085  -0.499  8.540   1.00 41.67 ? 62  THR A N   1 
ATOM 397  C CA  . THR A 1 65  ? 18.495  -0.640  8.196   1.00 39.59 ? 62  THR A CA  1 
ATOM 398  C C   . THR A 1 65  ? 18.793  -1.957  7.508   1.00 40.70 ? 62  THR A C   1 
ATOM 399  O O   . THR A 1 65  ? 18.088  -2.935  7.707   1.00 38.90 ? 62  THR A O   1 
ATOM 400  C CB  . THR A 1 65  ? 19.398  -0.500  9.452   1.00 36.70 ? 62  THR A CB  1 
ATOM 401  O OG1 . THR A 1 65  ? 18.979  -1.425  10.461  1.00 37.33 ? 62  THR A OG1 1 
ATOM 402  C CG2 . THR A 1 65  ? 19.331  0.908   9.993   1.00 31.53 ? 62  THR A CG2 1 
ATOM 403  N N   . ARG A 1 66  ? 19.849  -1.956  6.693   1.00 42.85 ? 63  ARG A N   1 
ATOM 404  C CA  . ARG A 1 66  ? 20.274  -3.121  5.924   1.00 44.07 ? 63  ARG A CA  1 
ATOM 405  C C   . ARG A 1 66  ? 20.642  -4.339  6.752   1.00 44.74 ? 63  ARG A C   1 
ATOM 406  O O   . ARG A 1 66  ? 20.255  -5.468  6.429   1.00 46.22 ? 63  ARG A O   1 
ATOM 407  C CB  . ARG A 1 66  ? 21.467  -2.748  5.031   1.00 46.20 ? 63  ARG A CB  1 
ATOM 408  C CG  . ARG A 1 66  ? 21.083  -2.340  3.619   1.00 46.86 ? 63  ARG A CG  1 
ATOM 409  C CD  . ARG A 1 66  ? 20.637  -3.559  2.848   1.00 46.12 ? 63  ARG A CD  1 
ATOM 410  N NE  . ARG A 1 66  ? 20.090  -3.248  1.531   1.00 45.45 ? 63  ARG A NE  1 
ATOM 411  C CZ  . ARG A 1 66  ? 19.767  -4.180  0.639   1.00 43.61 ? 63  ARG A CZ  1 
ATOM 412  N NH1 . ARG A 1 66  ? 19.945  -5.464  0.927   1.00 42.29 ? 63  ARG A NH1 1 
ATOM 413  N NH2 . ARG A 1 66  ? 19.254  -3.836  -0.530  1.00 44.41 ? 63  ARG A NH2 1 
ATOM 414  N N   . ASP A 1 67  ? 21.413  -4.129  7.809   1.00 43.53 ? 64  ASP A N   1 
ATOM 415  C CA  . ASP A 1 67  ? 21.811  -5.249  8.635   1.00 44.71 ? 64  ASP A CA  1 
ATOM 416  C C   . ASP A 1 67  ? 20.580  -5.899  9.261   1.00 42.76 ? 64  ASP A C   1 
ATOM 417  O O   . ASP A 1 67  ? 20.546  -7.118  9.443   1.00 40.19 ? 64  ASP A O   1 
ATOM 418  C CB  . ASP A 1 67  ? 22.805  -4.784  9.701   1.00 48.89 ? 64  ASP A CB  1 
ATOM 419  C CG  . ASP A 1 67  ? 22.412  -3.463  10.312  1.00 51.27 ? 64  ASP A CG  1 
ATOM 420  O OD1 . ASP A 1 67  ? 22.339  -2.472  9.553   1.00 53.01 ? 64  ASP A OD1 1 
ATOM 421  O OD2 . ASP A 1 67  ? 22.173  -3.416  11.540  1.00 53.27 ? 64  ASP A OD2 1 
ATOM 422  N N   . THR A 1 68  ? 19.561  -5.093  9.563   1.00 41.71 ? 65  THR A N   1 
ATOM 423  C CA  . THR A 1 68  ? 18.330  -5.628  10.150  1.00 40.50 ? 65  THR A CA  1 
ATOM 424  C C   . THR A 1 68  ? 17.616  -6.543  9.166   1.00 38.80 ? 65  THR A C   1 
ATOM 425  O O   . THR A 1 68  ? 17.196  -7.639  9.517   1.00 36.38 ? 65  THR A O   1 
ATOM 426  C CB  . THR A 1 68  ? 17.342  -4.506  10.562  1.00 41.20 ? 65  THR A CB  1 
ATOM 427  O OG1 . THR A 1 68  ? 17.885  -3.769  11.666  1.00 42.11 ? 65  THR A OG1 1 
ATOM 428  C CG2 . THR A 1 68  ? 15.997  -5.098  10.970  1.00 38.45 ? 65  THR A CG2 1 
ATOM 429  N N   . LEU A 1 69  ? 17.477  -6.080  7.930   1.00 40.85 ? 66  LEU A N   1 
ATOM 430  C CA  . LEU A 1 69  ? 16.800  -6.860  6.898   1.00 43.58 ? 66  LEU A CA  1 
ATOM 431  C C   . LEU A 1 69  ? 17.584  -8.133  6.610   1.00 44.55 ? 66  LEU A C   1 
ATOM 432  O O   . LEU A 1 69  ? 17.013  -9.227  6.549   1.00 42.82 ? 66  LEU A O   1 
ATOM 433  C CB  . LEU A 1 69  ? 16.658  -6.034  5.616   1.00 44.36 ? 66  LEU A CB  1 
ATOM 434  C CG  . LEU A 1 69  ? 16.204  -4.590  5.849   1.00 44.67 ? 66  LEU A CG  1 
ATOM 435  C CD1 . LEU A 1 69  ? 16.088  -3.854  4.517   1.00 44.07 ? 66  LEU A CD1 1 
ATOM 436  C CD2 . LEU A 1 69  ? 14.876  -4.585  6.608   1.00 46.53 ? 66  LEU A CD2 1 
ATOM 437  N N   . ASN A 1 70  ? 18.894  -7.987  6.448   1.00 47.18 ? 67  ASN A N   1 
ATOM 438  C CA  . ASN A 1 70  ? 19.746  -9.134  6.161   1.00 51.28 ? 67  ASN A CA  1 
ATOM 439  C C   . ASN A 1 70  ? 19.638  -10.200 7.249   1.00 52.32 ? 67  ASN A C   1 
ATOM 440  O O   . ASN A 1 70  ? 19.634  -11.393 6.950   1.00 53.51 ? 67  ASN A O   1 
ATOM 441  C CB  . ASN A 1 70  ? 21.208  -8.694  5.979   1.00 51.82 ? 67  ASN A CB  1 
ATOM 442  C CG  . ASN A 1 70  ? 21.443  -7.948  4.660   1.00 53.66 ? 67  ASN A CG  1 
ATOM 443  O OD1 . ASN A 1 70  ? 20.945  -8.357  3.604   1.00 52.43 ? 67  ASN A OD1 1 
ATOM 444  N ND2 . ASN A 1 70  ? 22.215  -6.857  4.715   1.00 53.34 ? 67  ASN A ND2 1 
ATOM 445  N N   . ARG A 1 71  ? 19.543  -9.770  8.504   1.00 54.21 ? 68  ARG A N   1 
ATOM 446  C CA  . ARG A 1 71  ? 19.415  -10.705 9.618   1.00 55.99 ? 68  ARG A CA  1 
ATOM 447  C C   . ARG A 1 71  ? 18.034  -11.358 9.610   1.00 57.57 ? 68  ARG A C   1 
ATOM 448  O O   . ARG A 1 71  ? 17.870  -12.489 10.086  1.00 58.80 ? 68  ARG A O   1 
ATOM 449  C CB  . ARG A 1 71  ? 19.627  -9.989  10.946  1.00 56.59 ? 68  ARG A CB  1 
ATOM 450  C CG  . ARG A 1 71  ? 21.029  -9.428  11.134  1.00 58.02 ? 68  ARG A CG  1 
ATOM 451  C CD  . ARG A 1 71  ? 21.137  -8.763  12.485  1.00 57.33 ? 68  ARG A CD  1 
ATOM 452  N NE  . ARG A 1 71  ? 20.089  -7.766  12.634  1.00 60.34 ? 68  ARG A NE  1 
ATOM 453  C CZ  . ARG A 1 71  ? 19.604  -7.346  13.798  1.00 60.50 ? 68  ARG A CZ  1 
ATOM 454  N NH1 . ARG A 1 71  ? 20.070  -7.840  14.940  1.00 59.76 ? 68  ARG A NH1 1 
ATOM 455  N NH2 . ARG A 1 71  ? 18.649  -6.424  13.817  1.00 59.92 ? 68  ARG A NH2 1 
ATOM 456  N N   . ALA A 1 72  ? 17.043  -10.648 9.073   1.00 57.27 ? 69  ALA A N   1 
ATOM 457  C CA  . ALA A 1 72  ? 15.693  -11.188 8.989   1.00 56.38 ? 69  ALA A CA  1 
ATOM 458  C C   . ALA A 1 72  ? 15.707  -12.284 7.936   1.00 56.56 ? 69  ALA A C   1 
ATOM 459  O O   . ALA A 1 72  ? 15.266  -13.397 8.197   1.00 57.64 ? 69  ALA A O   1 
ATOM 460  C CB  . ALA A 1 72  ? 14.705  -10.100 8.607   1.00 57.23 ? 69  ALA A CB  1 
ATOM 461  N N   . ILE A 1 73  ? 16.219  -11.964 6.748   1.00 55.92 ? 70  ILE A N   1 
ATOM 462  C CA  . ILE A 1 73  ? 16.305  -12.937 5.655   1.00 55.99 ? 70  ILE A CA  1 
ATOM 463  C C   . ILE A 1 73  ? 17.203  -14.080 6.106   1.00 55.44 ? 70  ILE A C   1 
ATOM 464  O O   . ILE A 1 73  ? 16.935  -15.242 5.836   1.00 54.03 ? 70  ILE A O   1 
ATOM 465  C CB  . ILE A 1 73  ? 16.945  -12.339 4.375   1.00 55.98 ? 70  ILE A CB  1 
ATOM 466  C CG1 . ILE A 1 73  ? 16.086  -11.213 3.813   1.00 55.76 ? 70  ILE A CG1 1 
ATOM 467  C CG2 . ILE A 1 73  ? 17.096  -13.422 3.318   1.00 56.72 ? 70  ILE A CG2 1 
ATOM 468  C CD1 . ILE A 1 73  ? 16.728  -10.502 2.627   1.00 53.57 ? 70  ILE A CD1 1 
ATOM 469  N N   . ALA A 1 74  ? 18.283  -13.724 6.792   1.00 57.48 ? 71  ALA A N   1 
ATOM 470  C CA  . ALA A 1 74  ? 19.231  -14.702 7.302   1.00 58.26 ? 71  ALA A CA  1 
ATOM 471  C C   . ALA A 1 74  ? 18.527  -15.595 8.322   1.00 59.04 ? 71  ALA A C   1 
ATOM 472  O O   . ALA A 1 74  ? 19.128  -16.049 9.296   1.00 58.36 ? 71  ALA A O   1 
ATOM 473  C CB  . ALA A 1 74  ? 20.417  -13.996 7.942   1.00 58.98 ? 71  ALA A CB  1 
ATOM 474  N N   . ARG A 1 75  ? 17.233  -15.805 8.094   1.00 59.41 ? 72  ARG A N   1 
ATOM 475  C CA  . ARG A 1 75  ? 16.402  -16.664 8.924   1.00 59.23 ? 72  ARG A CA  1 
ATOM 476  C C   . ARG A 1 75  ? 15.871  -17.694 7.937   1.00 59.85 ? 72  ARG A C   1 
ATOM 477  O O   . ARG A 1 75  ? 14.746  -18.186 8.060   1.00 58.64 ? 72  ARG A O   1 
ATOM 478  C CB  . ARG A 1 75  ? 15.267  -15.885 9.525   1.00 59.13 ? 72  ARG A CB  1 
ATOM 479  N N   . GLY A 1 76  ? 16.710  -17.989 6.943   1.00 58.88 ? 73  GLY A N   1 
ATOM 480  C CA  . GLY A 1 76  ? 16.400  -18.952 5.896   1.00 58.90 ? 73  GLY A CA  1 
ATOM 481  C C   . GLY A 1 76  ? 17.050  -20.284 6.236   1.00 58.60 ? 73  GLY A C   1 
ATOM 482  O O   . GLY A 1 76  ? 16.521  -21.317 5.777   1.00 59.62 ? 73  GLY A O   1 
ATOM 483  N N   . ALA A 1 83  ? 7.099   -22.638 12.668  1.00 53.27 ? 80  ALA A N   1 
ATOM 484  C CA  . ALA A 1 83  ? 6.349   -21.347 12.566  1.00 54.89 ? 80  ALA A CA  1 
ATOM 485  C C   . ALA A 1 83  ? 5.705   -21.197 11.189  1.00 54.23 ? 80  ALA A C   1 
ATOM 486  O O   . ALA A 1 83  ? 6.008   -20.251 10.465  1.00 56.11 ? 80  ALA A O   1 
ATOM 487  C CB  . ALA A 1 83  ? 7.304   -20.168 12.830  1.00 54.80 ? 80  ALA A CB  1 
ATOM 488  N N   . ASN A 1 84  ? 4.809   -22.117 10.840  1.00 53.89 ? 81  ASN A N   1 
ATOM 489  C CA  . ASN A 1 84  ? 4.146   -22.104 9.532   1.00 53.56 ? 81  ASN A CA  1 
ATOM 490  C C   . ASN A 1 84  ? 3.026   -21.075 9.316   1.00 52.25 ? 81  ASN A C   1 
ATOM 491  O O   . ASN A 1 84  ? 1.856   -21.331 9.626   1.00 51.93 ? 81  ASN A O   1 
ATOM 492  C CB  . ASN A 1 84  ? 3.617   -23.515 9.203   1.00 55.57 ? 81  ASN A CB  1 
ATOM 493  C CG  . ASN A 1 84  ? 2.972   -24.201 10.405  1.00 55.86 ? 81  ASN A CG  1 
ATOM 494  O OD1 . ASN A 1 84  ? 3.660   -24.640 11.334  1.00 56.52 ? 81  ASN A OD1 1 
ATOM 495  N ND2 . ASN A 1 84  ? 1.644   -24.295 10.393  1.00 56.18 ? 81  ASN A ND2 1 
ATOM 496  N N   . MET A 1 85  ? 3.395   -19.916 8.773   1.00 49.14 ? 82  MET A N   1 
ATOM 497  C CA  . MET A 1 85  ? 2.437   -18.852 8.481   1.00 46.10 ? 82  MET A CA  1 
ATOM 498  C C   . MET A 1 85  ? 2.119   -18.790 6.988   1.00 45.59 ? 82  MET A C   1 
ATOM 499  O O   . MET A 1 85  ? 3.001   -18.901 6.148   1.00 42.79 ? 82  MET A O   1 
ATOM 500  C CB  . MET A 1 85  ? 2.963   -17.501 8.959   1.00 47.18 ? 82  MET A CB  1 
ATOM 501  C CG  . MET A 1 85  ? 2.673   -17.227 10.432  1.00 43.35 ? 82  MET A CG  1 
ATOM 502  S SD  . MET A 1 85  ? 2.955   -15.525 10.824  1.00 41.84 ? 82  MET A SD  1 
ATOM 503  C CE  . MET A 1 85  ? 4.477   -15.646 11.710  1.00 40.10 ? 82  MET A CE  1 
ATOM 504  N N   . GLU A 1 86  ? 0.841   -18.603 6.682   1.00 46.45 ? 83  GLU A N   1 
ATOM 505  C CA  . GLU A 1 86  ? 0.353   -18.567 5.316   1.00 46.40 ? 83  GLU A CA  1 
ATOM 506  C C   . GLU A 1 86  ? -0.258  -17.217 4.949   1.00 46.42 ? 83  GLU A C   1 
ATOM 507  O O   . GLU A 1 86  ? -0.679  -16.457 5.820   1.00 47.16 ? 83  GLU A O   1 
ATOM 508  C CB  . GLU A 1 86  ? -0.676  -19.691 5.140   1.00 47.57 ? 83  GLU A CB  1 
ATOM 509  C CG  . GLU A 1 86  ? -1.880  -19.561 6.063   1.00 51.31 ? 83  GLU A CG  1 
ATOM 510  C CD  . GLU A 1 86  ? -2.296  -20.878 6.717   1.00 53.26 ? 83  GLU A CD  1 
ATOM 511  O OE1 . GLU A 1 86  ? -2.567  -21.857 5.984   1.00 54.16 ? 83  GLU A OE1 1 
ATOM 512  O OE2 . GLU A 1 86  ? -2.355  -20.927 7.968   1.00 53.98 ? 83  GLU A OE2 1 
ATOM 513  N N   . THR A 1 87  ? -0.308  -16.930 3.651   1.00 44.93 ? 84  THR A N   1 
ATOM 514  C CA  . THR A 1 87  ? -0.847  -15.670 3.143   1.00 43.61 ? 84  THR A CA  1 
ATOM 515  C C   . THR A 1 87  ? -2.332  -15.830 2.834   1.00 43.39 ? 84  THR A C   1 
ATOM 516  O O   . THR A 1 87  ? -2.742  -16.851 2.295   1.00 41.88 ? 84  THR A O   1 
ATOM 517  C CB  . THR A 1 87  ? -0.100  -15.236 1.854   1.00 43.85 ? 84  THR A CB  1 
ATOM 518  O OG1 . THR A 1 87  ? 1.313   -15.262 2.085   1.00 42.73 ? 84  THR A OG1 1 
ATOM 519  C CG2 . THR A 1 87  ? -0.499  -13.830 1.448   1.00 44.50 ? 84  THR A CG2 1 
ATOM 520  N N   . ILE A 1 88  ? -3.137  -14.825 3.178   1.00 43.87 ? 85  ILE A N   1 
ATOM 521  C CA  . ILE A 1 88  ? -4.585  -14.887 2.950   1.00 43.70 ? 85  ILE A CA  1 
ATOM 522  C C   . ILE A 1 88  ? -5.148  -13.500 2.650   1.00 42.93 ? 85  ILE A C   1 
ATOM 523  O O   . ILE A 1 88  ? -4.836  -12.525 3.338   1.00 43.82 ? 85  ILE A O   1 
ATOM 524  C CB  . ILE A 1 88  ? -5.341  -15.458 4.201   1.00 45.54 ? 85  ILE A CB  1 
ATOM 525  C CG1 . ILE A 1 88  ? -4.620  -16.696 4.744   1.00 45.74 ? 85  ILE A CG1 1 
ATOM 526  C CG2 . ILE A 1 88  ? -6.778  -15.826 3.818   1.00 44.26 ? 85  ILE A CG2 1 
ATOM 527  C CD1 . ILE A 1 88  ? -5.269  -17.332 5.968   1.00 45.80 ? 85  ILE A CD1 1 
ATOM 528  N N   . ILE A 1 89  ? -5.996  -13.411 1.635   1.00 41.58 ? 86  ILE A N   1 
ATOM 529  C CA  . ILE A 1 89  ? -6.579  -12.132 1.267   1.00 41.86 ? 86  ILE A CA  1 
ATOM 530  C C   . ILE A 1 89  ? -8.072  -12.105 1.573   1.00 41.31 ? 86  ILE A C   1 
ATOM 531  O O   . ILE A 1 89  ? -8.754  -13.128 1.487   1.00 44.86 ? 86  ILE A O   1 
ATOM 532  C CB  . ILE A 1 89  ? -6.348  -11.850 -0.247  1.00 42.77 ? 86  ILE A CB  1 
ATOM 533  C CG1 . ILE A 1 89  ? -6.412  -10.357 -0.529  1.00 43.00 ? 86  ILE A CG1 1 
ATOM 534  C CG2 . ILE A 1 89  ? -7.407  -12.553 -1.090  1.00 41.83 ? 86  ILE A CG2 1 
ATOM 535  C CD1 . ILE A 1 89  ? -5.780  -9.984  -1.852  1.00 45.61 ? 86  ILE A CD1 1 
ATOM 536  N N   . TYR A 1 90  ? -8.577  -10.937 1.950   1.00 40.92 ? 87  TYR A N   1 
ATOM 537  C CA  . TYR A 1 90  ? -9.993  -10.775 2.241   1.00 38.65 ? 87  TYR A CA  1 
ATOM 538  C C   . TYR A 1 90  ? -10.468 -9.554  1.476   1.00 41.11 ? 87  TYR A C   1 
ATOM 539  O O   . TYR A 1 90  ? -9.649  -8.750  1.015   1.00 42.27 ? 87  TYR A O   1 
ATOM 540  C CB  . TYR A 1 90  ? -10.241 -10.589 3.746   1.00 37.04 ? 87  TYR A CB  1 
ATOM 541  C CG  . TYR A 1 90  ? -9.824  -11.778 4.598   1.00 33.96 ? 87  TYR A CG  1 
ATOM 542  C CD1 . TYR A 1 90  ? -8.642  -11.752 5.334   1.00 33.01 ? 87  TYR A CD1 1 
ATOM 543  C CD2 . TYR A 1 90  ? -10.603 -12.930 4.655   1.00 29.11 ? 87  TYR A CD2 1 
ATOM 544  C CE1 . TYR A 1 90  ? -8.245  -12.849 6.109   1.00 30.83 ? 87  TYR A CE1 1 
ATOM 545  C CE2 . TYR A 1 90  ? -10.218 -14.019 5.417   1.00 28.62 ? 87  TYR A CE2 1 
ATOM 546  C CZ  . TYR A 1 90  ? -9.035  -13.976 6.147   1.00 30.97 ? 87  TYR A CZ  1 
ATOM 547  O OH  . TYR A 1 90  ? -8.642  -15.057 6.920   1.00 31.94 ? 87  TYR A OH  1 
ATOM 548  N N   . GLU A 1 91  ? -11.785 -9.425  1.334   1.00 41.52 ? 88  GLU A N   1 
ATOM 549  C CA  . GLU A 1 91  ? -12.403 -8.311  0.614   1.00 40.08 ? 88  GLU A CA  1 
ATOM 550  C C   . GLU A 1 91  ? -13.720 -7.901  1.290   1.00 43.15 ? 88  GLU A C   1 
ATOM 551  O O   . GLU A 1 91  ? -14.394 -8.719  1.917   1.00 42.99 ? 88  GLU A O   1 
ATOM 552  C CB  . GLU A 1 91  ? -12.689 -8.732  -0.825  1.00 39.10 ? 88  GLU A CB  1 
ATOM 553  C CG  . GLU A 1 91  ? -11.497 -9.278  -1.561  1.00 35.44 ? 88  GLU A CG  1 
ATOM 554  C CD  . GLU A 1 91  ? -11.875 -9.915  -2.877  1.00 37.89 ? 88  GLU A CD  1 
ATOM 555  O OE1 . GLU A 1 91  ? -12.604 -9.270  -3.662  1.00 34.47 ? 88  GLU A OE1 1 
ATOM 556  O OE2 . GLU A 1 91  ? -11.443 -11.062 -3.126  1.00 36.14 ? 88  GLU A OE2 1 
ATOM 557  N N   . GLY A 1 92  ? -14.091 -6.633  1.159   1.00 45.81 ? 89  GLY A N   1 
ATOM 558  C CA  . GLY A 1 92  ? -15.318 -6.167  1.774   1.00 47.72 ? 89  GLY A CA  1 
ATOM 559  C C   . GLY A 1 92  ? -15.680 -4.776  1.303   1.00 50.27 ? 89  GLY A C   1 
ATOM 560  O O   . GLY A 1 92  ? -15.162 -4.308  0.293   1.00 50.52 ? 89  GLY A O   1 
ATOM 561  N N   . TYR A 1 93  ? -16.579 -4.121  2.032   1.00 51.83 ? 90  TYR A N   1 
ATOM 562  C CA  . TYR A 1 93  ? -17.018 -2.775  1.697   1.00 54.81 ? 90  TYR A CA  1 
ATOM 563  C C   . TYR A 1 93  ? -17.070 -1.968  2.993   1.00 56.16 ? 90  TYR A C   1 
ATOM 564  O O   . TYR A 1 93  ? -17.296 -2.530  4.072   1.00 56.03 ? 90  TYR A O   1 
ATOM 565  C CB  . TYR A 1 93  ? -18.415 -2.807  1.057   1.00 57.69 ? 90  TYR A CB  1 
ATOM 566  C CG  . TYR A 1 93  ? -18.673 -4.004  0.161   1.00 59.80 ? 90  TYR A CG  1 
ATOM 567  C CD1 . TYR A 1 93  ? -18.997 -5.248  0.708   1.00 61.90 ? 90  TYR A CD1 1 
ATOM 568  C CD2 . TYR A 1 93  ? -18.572 -3.899  -1.228  1.00 61.76 ? 90  TYR A CD2 1 
ATOM 569  C CE1 . TYR A 1 93  ? -19.214 -6.368  -0.107  1.00 63.62 ? 90  TYR A CE1 1 
ATOM 570  C CE2 . TYR A 1 93  ? -18.786 -5.015  -2.058  1.00 64.00 ? 90  TYR A CE2 1 
ATOM 571  C CZ  . TYR A 1 93  ? -19.107 -6.246  -1.489  1.00 64.38 ? 90  TYR A CZ  1 
ATOM 572  O OH  . TYR A 1 93  ? -19.329 -7.347  -2.289  1.00 65.50 ? 90  TYR A OH  1 
ATOM 573  N N   . GLY A 1 94  ? -16.873 -0.654  2.891   1.00 56.29 ? 91  GLY A N   1 
ATOM 574  C CA  . GLY A 1 94  ? -16.902 0.179   4.079   1.00 57.74 ? 91  GLY A CA  1 
ATOM 575  C C   . GLY A 1 94  ? -17.491 1.555   3.843   1.00 59.45 ? 91  GLY A C   1 
ATOM 576  O O   . GLY A 1 94  ? -18.047 1.807   2.776   1.00 60.31 ? 91  GLY A O   1 
ATOM 577  N N   . PRO A 1 95  ? -17.369 2.471   4.819   1.00 59.99 ? 92  PRO A N   1 
ATOM 578  C CA  . PRO A 1 95  ? -17.865 3.849   4.788   1.00 61.34 ? 92  PRO A CA  1 
ATOM 579  C C   . PRO A 1 95  ? -17.928 4.487   3.412   1.00 62.24 ? 92  PRO A C   1 
ATOM 580  O O   . PRO A 1 95  ? -16.908 4.623   2.733   1.00 63.16 ? 92  PRO A O   1 
ATOM 581  C CB  . PRO A 1 95  ? -16.904 4.568   5.714   1.00 61.65 ? 92  PRO A CB  1 
ATOM 582  C CG  . PRO A 1 95  ? -16.732 3.550   6.797   1.00 62.21 ? 92  PRO A CG  1 
ATOM 583  C CD  . PRO A 1 95  ? -16.568 2.245   6.036   1.00 60.89 ? 92  PRO A CD  1 
ATOM 584  N N   . GLY A 1 96  ? -19.138 4.888   3.020   1.00 62.26 ? 93  GLY A N   1 
ATOM 585  C CA  . GLY A 1 96  ? -19.345 5.511   1.726   1.00 61.64 ? 93  GLY A CA  1 
ATOM 586  C C   . GLY A 1 96  ? -19.369 4.466   0.627   1.00 61.38 ? 93  GLY A C   1 
ATOM 587  O O   . GLY A 1 96  ? -19.180 4.790   -0.546  1.00 60.73 ? 93  GLY A O   1 
ATOM 588  N N   . GLY A 1 97  ? -19.606 3.212   1.005   1.00 60.77 ? 94  GLY A N   1 
ATOM 589  C CA  . GLY A 1 97  ? -19.632 2.141   0.025   1.00 61.84 ? 94  GLY A CA  1 
ATOM 590  C C   . GLY A 1 97  ? -18.291 2.045   -0.682  1.00 62.62 ? 94  GLY A C   1 
ATOM 591  O O   . GLY A 1 97  ? -18.233 1.936   -1.908  1.00 62.64 ? 94  GLY A O   1 
ATOM 592  N N   . THR A 1 98  ? -17.214 2.081   0.104   1.00 61.94 ? 95  THR A N   1 
ATOM 593  C CA  . THR A 1 98  ? -15.850 2.024   -0.420  1.00 60.60 ? 95  THR A CA  1 
ATOM 594  C C   . THR A 1 98  ? -15.246 0.620   -0.441  1.00 58.25 ? 95  THR A C   1 
ATOM 595  O O   . THR A 1 98  ? -15.202 -0.066  0.581   1.00 58.84 ? 95  THR A O   1 
ATOM 596  C CB  . THR A 1 98  ? -14.919 2.954   0.396   1.00 61.34 ? 95  THR A CB  1 
ATOM 597  O OG1 . THR A 1 98  ? -13.567 2.804   -0.054  1.00 63.15 ? 95  THR A OG1 1 
ATOM 598  C CG2 . THR A 1 98  ? -14.995 2.620   1.870   1.00 61.88 ? 95  THR A CG2 1 
ATOM 599  N N   . ALA A 1 99  ? -14.777 0.213   -1.619  1.00 55.16 ? 96  ALA A N   1 
ATOM 600  C CA  . ALA A 1 99  ? -14.166 -1.100  -1.829  1.00 52.60 ? 96  ALA A CA  1 
ATOM 601  C C   . ALA A 1 99  ? -12.903 -1.271  -0.989  1.00 51.70 ? 96  ALA A C   1 
ATOM 602  O O   . ALA A 1 99  ? -12.156 -0.313  -0.775  1.00 52.58 ? 96  ALA A O   1 
ATOM 603  C CB  . ALA A 1 99  ? -13.838 -1.283  -3.306  1.00 51.39 ? 96  ALA A CB  1 
ATOM 604  N N   . ILE A 1 100 ? -12.647 -2.493  -0.530  1.00 49.73 ? 97  ILE A N   1 
ATOM 605  C CA  . ILE A 1 100 ? -11.480 -2.742  0.306   1.00 46.10 ? 97  ILE A CA  1 
ATOM 606  C C   . ILE A 1 100 ? -10.880 -4.132  0.189   1.00 45.40 ? 97  ILE A C   1 
ATOM 607  O O   . ILE A 1 100 ? -11.596 -5.127  0.128   1.00 43.53 ? 97  ILE A O   1 
ATOM 608  C CB  . ILE A 1 100 ? -11.820 -2.503  1.794   1.00 45.00 ? 97  ILE A CB  1 
ATOM 609  C CG1 . ILE A 1 100 ? -12.119 -1.017  2.025   1.00 44.35 ? 97  ILE A CG1 1 
ATOM 610  C CG2 . ILE A 1 100 ? -10.684 -2.989  2.675   1.00 42.87 ? 97  ILE A CG2 1 
ATOM 611  C CD1 . ILE A 1 100 ? -12.882 -0.718  3.307   1.00 45.71 ? 97  ILE A CD1 1 
ATOM 612  N N   . MET A 1 101 ? -9.550  -4.182  0.155   1.00 43.69 ? 98  MET A N   1 
ATOM 613  C CA  . MET A 1 101 ? -8.824  -5.444  0.095   1.00 41.90 ? 98  MET A CA  1 
ATOM 614  C C   . MET A 1 101 ? -7.921  -5.518  1.323   1.00 40.44 ? 98  MET A C   1 
ATOM 615  O O   . MET A 1 101 ? -7.390  -4.509  1.787   1.00 41.15 ? 98  MET A O   1 
ATOM 616  C CB  . MET A 1 101 ? -7.960  -5.533  -1.160  1.00 40.07 ? 98  MET A CB  1 
ATOM 617  C CG  . MET A 1 101 ? -8.721  -5.701  -2.446  1.00 41.28 ? 98  MET A CG  1 
ATOM 618  S SD  . MET A 1 101 ? -7.602  -6.173  -3.756  1.00 36.86 ? 98  MET A SD  1 
ATOM 619  C CE  . MET A 1 101 ? -7.546  -7.944  -3.568  1.00 35.84 ? 98  MET A CE  1 
ATOM 620  N N   . ILE A 1 102 ? -7.729  -6.720  1.839   1.00 39.93 ? 99  ILE A N   1 
ATOM 621  C CA  . ILE A 1 102 ? -6.892  -6.898  3.014   1.00 37.95 ? 99  ILE A CA  1 
ATOM 622  C C   . ILE A 1 102 ? -5.967  -8.078  2.779   1.00 38.73 ? 99  ILE A C   1 
ATOM 623  O O   . ILE A 1 102 ? -6.433  -9.178  2.474   1.00 39.19 ? 99  ILE A O   1 
ATOM 624  C CB  . ILE A 1 102 ? -7.765  -7.185  4.249   1.00 37.32 ? 99  ILE A CB  1 
ATOM 625  C CG1 . ILE A 1 102 ? -8.806  -6.079  4.404   1.00 34.96 ? 99  ILE A CG1 1 
ATOM 626  C CG2 . ILE A 1 102 ? -6.889  -7.333  5.502   1.00 38.01 ? 99  ILE A CG2 1 
ATOM 627  C CD1 . ILE A 1 102 ? -10.119 -6.561  4.930   1.00 35.00 ? 99  ILE A CD1 1 
ATOM 628  N N   . GLU A 1 103 ? -4.661  -7.853  2.910   1.00 38.17 ? 100 GLU A N   1 
ATOM 629  C CA  . GLU A 1 103 ? -3.696  -8.934  2.731   1.00 36.35 ? 100 GLU A CA  1 
ATOM 630  C C   . GLU A 1 103 ? -3.097  -9.275  4.088   1.00 34.35 ? 100 GLU A C   1 
ATOM 631  O O   . GLU A 1 103 ? -2.586  -8.395  4.790   1.00 32.16 ? 100 GLU A O   1 
ATOM 632  C CB  . GLU A 1 103 ? -2.594  -8.513  1.765   1.00 40.87 ? 100 GLU A CB  1 
ATOM 633  C CG  . GLU A 1 103 ? -3.129  -7.953  0.458   1.00 44.97 ? 100 GLU A CG  1 
ATOM 634  C CD  . GLU A 1 103 ? -2.032  -7.758  -0.570  1.00 50.14 ? 100 GLU A CD  1 
ATOM 635  O OE1 . GLU A 1 103 ? -1.285  -6.751  -0.485  1.00 49.52 ? 100 GLU A OE1 1 
ATOM 636  O OE2 . GLU A 1 103 ? -1.914  -8.634  -1.455  1.00 52.59 ? 100 GLU A OE2 1 
ATOM 637  N N   . CYS A 1 104 ? -3.136  -10.559 4.434   1.00 32.16 ? 101 CYS A N   1 
ATOM 638  C CA  . CYS A 1 104 ? -2.649  -11.019 5.720   1.00 29.88 ? 101 CYS A CA  1 
ATOM 639  C C   . CYS A 1 104 ? -1.563  -12.066 5.648   1.00 32.70 ? 101 CYS A C   1 
ATOM 640  O O   . CYS A 1 104 ? -1.215  -12.556 4.573   1.00 36.19 ? 101 CYS A O   1 
ATOM 641  C CB  . CYS A 1 104 ? -3.821  -11.575 6.519   1.00 30.04 ? 101 CYS A CB  1 
ATOM 642  S SG  . CYS A 1 104 ? -5.239  -10.462 6.649   1.00 24.74 ? 101 CYS A SG  1 
ATOM 643  N N   . LEU A 1 105 ? -1.040  -12.413 6.815   1.00 32.84 ? 102 LEU A N   1 
ATOM 644  C CA  . LEU A 1 105 ? -0.002  -13.423 6.951   1.00 33.45 ? 102 LEU A CA  1 
ATOM 645  C C   . LEU A 1 105 ? -0.221  -13.983 8.341   1.00 32.83 ? 102 LEU A C   1 
ATOM 646  O O   . LEU A 1 105 ? -0.054  -13.257 9.316   1.00 33.86 ? 102 LEU A O   1 
ATOM 647  C CB  . LEU A 1 105 ? 1.392   -12.793 6.885   1.00 34.42 ? 102 LEU A CB  1 
ATOM 648  C CG  . LEU A 1 105 ? 2.411   -13.240 5.830   1.00 37.08 ? 102 LEU A CG  1 
ATOM 649  C CD1 . LEU A 1 105 ? 3.779   -12.674 6.220   1.00 33.52 ? 102 LEU A CD1 1 
ATOM 650  C CD2 . LEU A 1 105 ? 2.490   -14.773 5.740   1.00 34.98 ? 102 LEU A CD2 1 
ATOM 651  N N   . SER A 1 106 ? -0.595  -15.255 8.461   1.00 34.69 ? 103 SER A N   1 
ATOM 652  C CA  . SER A 1 106 ? -0.819  -15.794 9.795   1.00 37.07 ? 103 SER A CA  1 
ATOM 653  C C   . SER A 1 106 ? -0.773  -17.301 9.898   1.00 37.23 ? 103 SER A C   1 
ATOM 654  O O   . SER A 1 106 ? -0.861  -18.014 8.904   1.00 36.61 ? 103 SER A O   1 
ATOM 655  C CB  . SER A 1 106 ? -2.165  -15.302 10.351  1.00 39.80 ? 103 SER A CB  1 
ATOM 656  O OG  . SER A 1 106 ? -3.252  -15.946 9.715   1.00 40.14 ? 103 SER A OG  1 
ATOM 657  N N   . ASP A 1 107 ? -0.627  -17.774 11.128  1.00 37.99 ? 104 ASP A N   1 
ATOM 658  C CA  . ASP A 1 107 ? -0.577  -19.197 11.406  1.00 40.86 ? 104 ASP A CA  1 
ATOM 659  C C   . ASP A 1 107 ? -1.938  -19.655 11.927  1.00 40.60 ? 104 ASP A C   1 
ATOM 660  O O   . ASP A 1 107 ? -2.123  -20.833 12.256  1.00 43.54 ? 104 ASP A O   1 
ATOM 661  C CB  . ASP A 1 107 ? 0.506   -19.485 12.439  1.00 43.49 ? 104 ASP A CB  1 
ATOM 662  C CG  . ASP A 1 107 ? 0.443   -18.541 13.618  1.00 46.11 ? 104 ASP A CG  1 
ATOM 663  O OD1 . ASP A 1 107 ? -0.670  -18.074 13.943  1.00 48.42 ? 104 ASP A OD1 1 
ATOM 664  O OD2 . ASP A 1 107 ? 1.503   -18.274 14.227  1.00 46.07 ? 104 ASP A OD2 1 
ATOM 665  N N   . ASN A 1 108 ? -2.888  -18.720 11.979  1.00 37.45 ? 105 ASN A N   1 
ATOM 666  C CA  . ASN A 1 108 ? -4.239  -18.991 12.469  1.00 36.42 ? 105 ASN A CA  1 
ATOM 667  C C   . ASN A 1 108 ? -5.277  -18.272 11.591  1.00 38.14 ? 105 ASN A C   1 
ATOM 668  O O   . ASN A 1 108 ? -5.596  -17.098 11.812  1.00 37.53 ? 105 ASN A O   1 
ATOM 669  C CB  . ASN A 1 108 ? -4.380  -18.513 13.922  1.00 33.34 ? 105 ASN A CB  1 
ATOM 670  C CG  . ASN A 1 108 ? -5.625  -19.095 14.625  1.00 30.17 ? 105 ASN A CG  1 
ATOM 671  O OD1 . ASN A 1 108 ? -6.686  -19.249 14.023  1.00 23.78 ? 105 ASN A OD1 1 
ATOM 672  N ND2 . ASN A 1 108 ? -5.486  -19.402 15.905  1.00 28.67 ? 105 ASN A ND2 1 
ATOM 673  N N   . ARG A 1 109 ? -5.814  -18.992 10.612  1.00 37.33 ? 106 ARG A N   1 
ATOM 674  C CA  . ARG A 1 109 ? -6.796  -18.440 9.683   1.00 38.89 ? 106 ARG A CA  1 
ATOM 675  C C   . ARG A 1 109 ? -8.085  -17.944 10.366  1.00 38.53 ? 106 ARG A C   1 
ATOM 676  O O   . ARG A 1 109 ? -8.557  -16.835 10.097  1.00 37.84 ? 106 ARG A O   1 
ATOM 677  C CB  . ARG A 1 109 ? -7.134  -19.507 8.645   1.00 40.56 ? 106 ARG A CB  1 
ATOM 678  C CG  . ARG A 1 109 ? -7.927  -19.028 7.445   1.00 46.77 ? 106 ARG A CG  1 
ATOM 679  C CD  . ARG A 1 109 ? -8.354  -20.225 6.573   1.00 49.56 ? 106 ARG A CD  1 
ATOM 680  N NE  . ARG A 1 109 ? -8.930  -19.843 5.281   1.00 53.72 ? 106 ARG A NE  1 
ATOM 681  C CZ  . ARG A 1 109 ? -9.941  -18.988 5.122   1.00 57.84 ? 106 ARG A CZ  1 
ATOM 682  N NH1 . ARG A 1 109 ? -10.503 -18.400 6.175   1.00 58.10 ? 106 ARG A NH1 1 
ATOM 683  N NH2 . ARG A 1 109 ? -10.410 -18.734 3.904   1.00 59.77 ? 106 ARG A NH2 1 
ATOM 684  N N   . ASN A 1 110 ? -8.643  -18.762 11.253  1.00 36.20 ? 107 ASN A N   1 
ATOM 685  C CA  . ASN A 1 110 ? -9.884  -18.405 11.943  1.00 35.19 ? 107 ASN A CA  1 
ATOM 686  C C   . ASN A 1 110 ? -9.788  -17.174 12.858  1.00 33.58 ? 107 ASN A C   1 
ATOM 687  O O   . ASN A 1 110 ? -10.707 -16.352 12.912  1.00 30.10 ? 107 ASN A O   1 
ATOM 688  C CB  . ASN A 1 110 ? -10.407 -19.611 12.725  1.00 33.16 ? 107 ASN A CB  1 
ATOM 689  C CG  . ASN A 1 110 ? -10.865 -20.744 11.817  1.00 33.05 ? 107 ASN A CG  1 
ATOM 690  O OD1 . ASN A 1 110 ? -11.416 -20.507 10.746  1.00 35.16 ? 107 ASN A OD1 1 
ATOM 691  N ND2 . ASN A 1 110 ? -10.661 -21.976 12.255  1.00 31.07 ? 107 ASN A ND2 1 
ATOM 692  N N   . ARG A 1 111 ? -8.678  -17.047 13.568  1.00 33.19 ? 108 ARG A N   1 
ATOM 693  C CA  . ARG A 1 111 ? -8.489  -15.903 14.447  1.00 33.35 ? 108 ARG A CA  1 
ATOM 694  C C   . ARG A 1 111 ? -8.351  -14.661 13.577  1.00 33.06 ? 108 ARG A C   1 
ATOM 695  O O   . ARG A 1 111 ? -8.873  -13.594 13.902  1.00 33.64 ? 108 ARG A O   1 
ATOM 696  C CB  . ARG A 1 111 ? -7.229  -16.080 15.291  1.00 33.42 ? 108 ARG A CB  1 
ATOM 697  C CG  . ARG A 1 111 ? -6.914  -14.904 16.223  1.00 34.47 ? 108 ARG A CG  1 
ATOM 698  C CD  . ARG A 1 111 ? -5.448  -14.953 16.656  1.00 36.13 ? 108 ARG A CD  1 
ATOM 699  N NE  . ARG A 1 111 ? -4.570  -14.912 15.484  1.00 38.41 ? 108 ARG A NE  1 
ATOM 700  C CZ  . ARG A 1 111 ? -3.332  -15.388 15.440  1.00 38.96 ? 108 ARG A CZ  1 
ATOM 701  N NH1 . ARG A 1 111 ? -2.789  -15.950 16.514  1.00 40.05 ? 108 ARG A NH1 1 
ATOM 702  N NH2 . ARG A 1 111 ? -2.648  -15.328 14.305  1.00 38.25 ? 108 ARG A NH2 1 
ATOM 703  N N   . THR A 1 112 ? -7.656  -14.818 12.452  1.00 30.97 ? 109 THR A N   1 
ATOM 704  C CA  . THR A 1 112 ? -7.432  -13.716 11.538  1.00 27.39 ? 109 THR A CA  1 
ATOM 705  C C   . THR A 1 112 ? -8.731  -13.211 10.934  1.00 27.56 ? 109 THR A C   1 
ATOM 706  O O   . THR A 1 112 ? -8.978  -12.002 10.868  1.00 28.30 ? 109 THR A O   1 
ATOM 707  C CB  . THR A 1 112 ? -6.488  -14.124 10.369  1.00 26.47 ? 109 THR A CB  1 
ATOM 708  O OG1 . THR A 1 112 ? -5.209  -14.497 10.887  1.00 25.17 ? 109 THR A OG1 1 
ATOM 709  C CG2 . THR A 1 112 ? -6.319  -12.969 9.390   1.00 21.43 ? 109 THR A CG2 1 
ATOM 710  N N   . VAL A 1 113 ? -9.564  -14.127 10.479  1.00 25.25 ? 110 VAL A N   1 
ATOM 711  C CA  . VAL A 1 113 ? -10.792 -13.698 9.852   1.00 28.43 ? 110 VAL A CA  1 
ATOM 712  C C   . VAL A 1 113 ? -11.747 -13.069 10.868  1.00 28.46 ? 110 VAL A C   1 
ATOM 713  O O   . VAL A 1 113 ? -12.509 -12.182 10.530  1.00 30.52 ? 110 VAL A O   1 
ATOM 714  C CB  . VAL A 1 113 ? -11.468 -14.869 9.074   1.00 27.30 ? 110 VAL A CB  1 
ATOM 715  C CG1 . VAL A 1 113 ? -12.227 -15.796 10.025  1.00 28.12 ? 110 VAL A CG1 1 
ATOM 716  C CG2 . VAL A 1 113 ? -12.386 -14.299 7.993   1.00 28.54 ? 110 VAL A CG2 1 
ATOM 717  N N   . ALA A 1 114 ? -11.669 -13.488 12.123  1.00 28.18 ? 111 ALA A N   1 
ATOM 718  C CA  . ALA A 1 114 ? -12.551 -12.928 13.146  1.00 29.10 ? 111 ALA A CA  1 
ATOM 719  C C   . ALA A 1 114 ? -12.171 -11.468 13.405  1.00 30.20 ? 111 ALA A C   1 
ATOM 720  O O   . ALA A 1 114 ? -13.034 -10.589 13.386  1.00 29.55 ? 111 ALA A O   1 
ATOM 721  C CB  . ALA A 1 114 ? -12.451 -13.746 14.437  1.00 24.80 ? 111 ALA A CB  1 
ATOM 722  N N   . GLU A 1 115 ? -10.877 -11.214 13.619  1.00 31.28 ? 112 GLU A N   1 
ATOM 723  C CA  . GLU A 1 115 ? -10.382 -9.867  13.873  1.00 31.28 ? 112 GLU A CA  1 
ATOM 724  C C   . GLU A 1 115 ? -10.668 -8.939  12.709  1.00 31.43 ? 112 GLU A C   1 
ATOM 725  O O   . GLU A 1 115 ? -10.927 -7.755  12.900  1.00 31.40 ? 112 GLU A O   1 
ATOM 726  C CB  . GLU A 1 115 ? -8.872  -9.878  14.150  1.00 33.47 ? 112 GLU A CB  1 
ATOM 727  C CG  . GLU A 1 115 ? -8.448  -10.960 15.124  1.00 32.88 ? 112 GLU A CG  1 
ATOM 728  C CD  . GLU A 1 115 ? -7.212  -10.601 15.942  1.00 33.36 ? 112 GLU A CD  1 
ATOM 729  O OE1 . GLU A 1 115 ? -6.283  -9.918  15.435  1.00 26.42 ? 112 GLU A OE1 1 
ATOM 730  O OE2 . GLU A 1 115 ? -7.177  -11.044 17.111  1.00 36.79 ? 112 GLU A OE2 1 
ATOM 731  N N   . VAL A 1 116 ? -10.601 -9.466  11.495  1.00 31.77 ? 113 VAL A N   1 
ATOM 732  C CA  . VAL A 1 116 ? -10.884 -8.645  10.341  1.00 29.76 ? 113 VAL A CA  1 
ATOM 733  C C   . VAL A 1 116 ? -12.394 -8.417  10.329  1.00 32.49 ? 113 VAL A C   1 
ATOM 734  O O   . VAL A 1 116 ? -12.861 -7.298  10.091  1.00 32.58 ? 113 VAL A O   1 
ATOM 735  C CB  . VAL A 1 116 ? -10.444 -9.328  9.027   1.00 28.98 ? 113 VAL A CB  1 
ATOM 736  C CG1 . VAL A 1 116 ? -10.996 -8.573  7.845   1.00 28.59 ? 113 VAL A CG1 1 
ATOM 737  C CG2 . VAL A 1 116 ? -8.930  -9.368  8.927   1.00 29.13 ? 113 VAL A CG2 1 
ATOM 738  N N   . ARG A 1 117 ? -13.152 -9.483  10.583  1.00 31.69 ? 114 ARG A N   1 
ATOM 739  C CA  . ARG A 1 117 ? -14.601 -9.387  10.611  1.00 33.16 ? 114 ARG A CA  1 
ATOM 740  C C   . ARG A 1 117 ? -15.049 -8.402  11.704  1.00 33.80 ? 114 ARG A C   1 
ATOM 741  O O   . ARG A 1 117 ? -16.006 -7.647  11.513  1.00 32.14 ? 114 ARG A O   1 
ATOM 742  C CB  . ARG A 1 117 ? -15.234 -10.775 10.851  1.00 33.76 ? 114 ARG A CB  1 
ATOM 743  C CG  . ARG A 1 117 ? -15.245 -11.714 9.623   1.00 33.80 ? 114 ARG A CG  1 
ATOM 744  C CD  . ARG A 1 117 ? -15.734 -13.128 9.948   1.00 31.81 ? 114 ARG A CD  1 
ATOM 745  N NE  . ARG A 1 117 ? -15.962 -13.943 8.753   1.00 32.38 ? 114 ARG A NE  1 
ATOM 746  C CZ  . ARG A 1 117 ? -16.014 -15.281 8.738   1.00 33.38 ? 114 ARG A CZ  1 
ATOM 747  N NH1 . ARG A 1 117 ? -15.865 -15.968 9.863   1.00 27.53 ? 114 ARG A NH1 1 
ATOM 748  N NH2 . ARG A 1 117 ? -16.170 -15.942 7.582   1.00 28.58 ? 114 ARG A NH2 1 
ATOM 749  N N   . HIS A 1 118 ? -14.345 -8.400  12.836  1.00 33.28 ? 115 HIS A N   1 
ATOM 750  C CA  . HIS A 1 118 ? -14.700 -7.509  13.940  1.00 36.49 ? 115 HIS A CA  1 
ATOM 751  C C   . HIS A 1 118 ? -14.558 -6.026  13.578  1.00 37.53 ? 115 HIS A C   1 
ATOM 752  O O   . HIS A 1 118 ? -15.346 -5.193  14.026  1.00 34.85 ? 115 HIS A O   1 
ATOM 753  C CB  . HIS A 1 118 ? -13.835 -7.811  15.167  1.00 37.93 ? 115 HIS A CB  1 
ATOM 754  C CG  . HIS A 1 118 ? -14.189 -6.995  16.376  1.00 42.14 ? 115 HIS A CG  1 
ATOM 755  N ND1 . HIS A 1 118 ? -15.275 -7.279  17.177  1.00 45.47 ? 115 HIS A ND1 1 
ATOM 756  C CD2 . HIS A 1 118 ? -13.606 -5.897  16.913  1.00 44.23 ? 115 HIS A CD2 1 
ATOM 757  C CE1 . HIS A 1 118 ? -15.346 -6.392  18.155  1.00 44.85 ? 115 HIS A CE1 1 
ATOM 758  N NE2 . HIS A 1 118 ? -14.345 -5.543  18.018  1.00 45.37 ? 115 HIS A NE2 1 
ATOM 759  N N   . ALA A 1 119 ? -13.543 -5.703  12.778  1.00 39.94 ? 116 ALA A N   1 
ATOM 760  C CA  . ALA A 1 119 ? -13.295 -4.331  12.362  1.00 41.99 ? 116 ALA A CA  1 
ATOM 761  C C   . ALA A 1 119 ? -14.494 -3.769  11.617  1.00 43.83 ? 116 ALA A C   1 
ATOM 762  O O   . ALA A 1 119 ? -14.991 -2.685  11.945  1.00 42.82 ? 116 ALA A O   1 
ATOM 763  C CB  . ALA A 1 119 ? -12.070 -4.267  11.473  1.00 43.84 ? 116 ALA A CB  1 
ATOM 764  N N   . PHE A 1 120 ? -14.948 -4.508  10.609  1.00 44.96 ? 117 PHE A N   1 
ATOM 765  C CA  . PHE A 1 120 ? -16.082 -4.079  9.805   1.00 47.45 ? 117 PHE A CA  1 
ATOM 766  C C   . PHE A 1 120 ? -17.343 -3.901  10.647  1.00 49.35 ? 117 PHE A C   1 
ATOM 767  O O   . PHE A 1 120 ? -18.060 -2.911  10.495  1.00 49.86 ? 117 PHE A O   1 
ATOM 768  C CB  . PHE A 1 120 ? -16.344 -5.074  8.667   1.00 47.44 ? 117 PHE A CB  1 
ATOM 769  C CG  . PHE A 1 120 ? -15.309 -5.035  7.567   1.00 46.66 ? 117 PHE A CG  1 
ATOM 770  C CD1 . PHE A 1 120 ? -14.036 -5.568  7.765   1.00 45.61 ? 117 PHE A CD1 1 
ATOM 771  C CD2 . PHE A 1 120 ? -15.618 -4.480  6.323   1.00 46.71 ? 117 PHE A CD2 1 
ATOM 772  C CE1 . PHE A 1 120 ? -13.091 -5.558  6.739   1.00 44.79 ? 117 PHE A CE1 1 
ATOM 773  C CE2 . PHE A 1 120 ? -14.682 -4.462  5.289   1.00 46.04 ? 117 PHE A CE2 1 
ATOM 774  C CZ  . PHE A 1 120 ? -13.415 -5.003  5.498   1.00 47.21 ? 117 PHE A CZ  1 
ATOM 775  N N   . SER A 1 121 ? -17.620 -4.856  11.530  1.00 50.41 ? 118 SER A N   1 
ATOM 776  C CA  . SER A 1 121 ? -18.793 -4.736  12.383  1.00 50.79 ? 118 SER A CA  1 
ATOM 777  C C   . SER A 1 121 ? -18.721 -3.373  13.048  1.00 50.48 ? 118 SER A C   1 
ATOM 778  O O   . SER A 1 121 ? -19.635 -2.569  12.911  1.00 51.04 ? 118 SER A O   1 
ATOM 779  C CB  . SER A 1 121 ? -18.811 -5.835  13.448  1.00 51.69 ? 118 SER A CB  1 
ATOM 780  O OG  . SER A 1 121 ? -19.033 -7.106  12.870  1.00 50.50 ? 118 SER A OG  1 
ATOM 781  N N   . LYS A 1 122 ? -17.620 -3.109  13.749  1.00 50.64 ? 119 LYS A N   1 
ATOM 782  C CA  . LYS A 1 122 ? -17.415 -1.829  14.430  1.00 50.99 ? 119 LYS A CA  1 
ATOM 783  C C   . LYS A 1 122 ? -17.243 -0.627  13.487  1.00 51.17 ? 119 LYS A C   1 
ATOM 784  O O   . LYS A 1 122 ? -16.838 0.453   13.913  1.00 52.38 ? 119 LYS A O   1 
ATOM 785  C CB  . LYS A 1 122 ? -16.196 -1.913  15.345  1.00 50.46 ? 119 LYS A CB  1 
ATOM 786  C CG  . LYS A 1 122 ? -16.509 -2.319  16.763  1.00 53.09 ? 119 LYS A CG  1 
ATOM 787  C CD  . LYS A 1 122 ? -15.240 -2.310  17.607  1.00 56.66 ? 119 LYS A CD  1 
ATOM 788  C CE  . LYS A 1 122 ? -15.536 -2.495  19.098  1.00 57.40 ? 119 LYS A CE  1 
ATOM 789  N NZ  . LYS A 1 122 ? -14.279 -2.615  19.900  1.00 59.26 ? 119 LYS A NZ  1 
ATOM 790  N N   . CYS A 1 123 ? -17.544 -0.810  12.211  1.00 50.76 ? 120 CYS A N   1 
ATOM 791  C CA  . CYS A 1 123 ? -17.411 0.269   11.243  1.00 50.06 ? 120 CYS A CA  1 
ATOM 792  C C   . CYS A 1 123 ? -18.409 0.038   10.117  1.00 51.17 ? 120 CYS A C   1 
ATOM 793  O O   . CYS A 1 123 ? -18.189 0.465   8.980   1.00 50.59 ? 120 CYS A O   1 
ATOM 794  C CB  . CYS A 1 123 ? -15.990 0.313   10.670  1.00 49.47 ? 120 CYS A CB  1 
ATOM 795  S SG  . CYS A 1 123 ? -14.682 0.568   11.889  1.00 46.38 ? 120 CYS A SG  1 
ATOM 796  N N   . GLY A 1 124 ? -19.500 -0.648  10.447  1.00 51.11 ? 121 GLY A N   1 
ATOM 797  C CA  . GLY A 1 124 ? -20.534 -0.933  9.473   1.00 52.53 ? 121 GLY A CA  1 
ATOM 798  C C   . GLY A 1 124 ? -19.988 -1.351  8.123   1.00 53.82 ? 121 GLY A C   1 
ATOM 799  O O   . GLY A 1 124 ? -19.908 -0.533  7.202   1.00 55.67 ? 121 GLY A O   1 
ATOM 800  N N   . GLY A 1 125 ? -19.617 -2.622  7.998   1.00 53.13 ? 122 GLY A N   1 
ATOM 801  C CA  . GLY A 1 125 ? -19.087 -3.116  6.740   1.00 52.25 ? 122 GLY A CA  1 
ATOM 802  C C   . GLY A 1 125 ? -19.190 -4.625  6.666   1.00 51.85 ? 122 GLY A C   1 
ATOM 803  O O   . GLY A 1 125 ? -19.507 -5.270  7.662   1.00 50.71 ? 122 GLY A O   1 
ATOM 804  N N   . ASN A 1 126 ? -18.917 -5.200  5.496   1.00 52.49 ? 123 ASN A N   1 
ATOM 805  C CA  . ASN A 1 126 ? -19.006 -6.649  5.352   1.00 53.37 ? 123 ASN A CA  1 
ATOM 806  C C   . ASN A 1 126 ? -18.035 -7.266  4.352   1.00 50.85 ? 123 ASN A C   1 
ATOM 807  O O   . ASN A 1 126 ? -17.878 -6.773  3.233   1.00 51.26 ? 123 ASN A O   1 
ATOM 808  C CB  . ASN A 1 126 ? -20.438 -7.046  4.968   1.00 55.52 ? 123 ASN A CB  1 
ATOM 809  C CG  . ASN A 1 126 ? -20.803 -6.626  3.557   1.00 57.85 ? 123 ASN A CG  1 
ATOM 810  O OD1 . ASN A 1 126 ? -20.723 -5.448  3.211   1.00 62.51 ? 123 ASN A OD1 1 
ATOM 811  N ND2 . ASN A 1 126 ? -21.209 -7.588  2.732   1.00 57.63 ? 123 ASN A ND2 1 
ATOM 812  N N   . LEU A 1 127 ? -17.399 -8.360  4.767   1.00 47.84 ? 124 LEU A N   1 
ATOM 813  C CA  . LEU A 1 127 ? -16.467 -9.085  3.914   1.00 44.88 ? 124 LEU A CA  1 
ATOM 814  C C   . LEU A 1 127 ? -17.292 -9.693  2.785   1.00 45.47 ? 124 LEU A C   1 
ATOM 815  O O   . LEU A 1 127 ? -18.515 -9.623  2.827   1.00 47.65 ? 124 LEU A O   1 
ATOM 816  C CB  . LEU A 1 127 ? -15.771 -10.189 4.708   1.00 40.93 ? 124 LEU A CB  1 
ATOM 817  C CG  . LEU A 1 127 ? -14.799 -9.731  5.803   1.00 40.10 ? 124 LEU A CG  1 
ATOM 818  C CD1 . LEU A 1 127 ? -14.183 -10.945 6.477   1.00 36.74 ? 124 LEU A CD1 1 
ATOM 819  C CD2 . LEU A 1 127 ? -13.706 -8.854  5.197   1.00 38.88 ? 124 LEU A CD2 1 
ATOM 820  N N   . GLY A 1 128 ? -16.637 -10.282 1.787   1.00 44.23 ? 125 GLY A N   1 
ATOM 821  C CA  . GLY A 1 128 ? -17.368 -10.873 0.679   1.00 43.35 ? 125 GLY A CA  1 
ATOM 822  C C   . GLY A 1 128 ? -16.656 -12.022 -0.021  1.00 43.76 ? 125 GLY A C   1 
ATOM 823  O O   . GLY A 1 128 ? -15.599 -12.472 0.416   1.00 42.22 ? 125 GLY A O   1 
ATOM 824  N N   . THR A 1 129 ? -17.246 -12.504 -1.109  1.00 44.21 ? 126 THR A N   1 
ATOM 825  C CA  . THR A 1 129 ? -16.660 -13.595 -1.872  1.00 46.91 ? 126 THR A CA  1 
ATOM 826  C C   . THR A 1 129 ? -15.300 -13.155 -2.392  1.00 49.19 ? 126 THR A C   1 
ATOM 827  O O   . THR A 1 129 ? -15.051 -11.966 -2.603  1.00 47.99 ? 126 THR A O   1 
ATOM 828  C CB  . THR A 1 129 ? -17.542 -13.996 -3.085  1.00 47.75 ? 126 THR A CB  1 
ATOM 829  O OG1 . THR A 1 129 ? -16.980 -15.146 -3.730  1.00 44.79 ? 126 THR A OG1 1 
ATOM 830  C CG2 . THR A 1 129 ? -17.627 -12.847 -4.098  1.00 48.38 ? 126 THR A CG2 1 
ATOM 831  N N   . ASP A 1 130 ? -14.413 -14.120 -2.582  1.00 50.81 ? 127 ASP A N   1 
ATOM 832  C CA  . ASP A 1 130 ? -13.094 -13.816 -3.092  1.00 53.69 ? 127 ASP A CA  1 
ATOM 833  C C   . ASP A 1 130 ? -13.223 -13.613 -4.597  1.00 55.15 ? 127 ASP A C   1 
ATOM 834  O O   . ASP A 1 130 ? -13.119 -14.557 -5.377  1.00 56.21 ? 127 ASP A O   1 
ATOM 835  C CB  . ASP A 1 130 ? -12.139 -14.959 -2.756  1.00 54.90 ? 127 ASP A CB  1 
ATOM 836  C CG  . ASP A 1 130 ? -12.124 -15.278 -1.265  1.00 56.68 ? 127 ASP A CG  1 
ATOM 837  O OD1 . ASP A 1 130 ? -11.807 -14.374 -0.456  1.00 57.12 ? 127 ASP A OD1 1 
ATOM 838  O OD2 . ASP A 1 130 ? -12.445 -16.432 -0.902  1.00 57.96 ? 127 ASP A OD2 1 
ATOM 839  N N   . GLY A 1 131 ? -13.488 -12.365 -4.982  1.00 56.45 ? 128 GLY A N   1 
ATOM 840  C CA  . GLY A 1 131 ? -13.653 -12.004 -6.377  1.00 57.05 ? 128 GLY A CA  1 
ATOM 841  C C   . GLY A 1 131 ? -14.596 -10.819 -6.490  1.00 57.98 ? 128 GLY A C   1 
ATOM 842  O O   . GLY A 1 131 ? -14.949 -10.382 -7.592  1.00 60.02 ? 128 GLY A O   1 
ATOM 843  N N   . SER A 1 132 ? -15.002 -10.296 -5.339  1.00 56.83 ? 129 SER A N   1 
ATOM 844  C CA  . SER A 1 132 ? -15.914 -9.164  -5.274  1.00 56.53 ? 129 SER A CA  1 
ATOM 845  C C   . SER A 1 132 ? -15.293 -7.895  -5.843  1.00 56.38 ? 129 SER A C   1 
ATOM 846  O O   . SER A 1 132 ? -15.384 -7.633  -7.034  1.00 57.16 ? 129 SER A O   1 
ATOM 847  C CB  . SER A 1 132 ? -16.327 -8.909  -3.822  1.00 57.01 ? 129 SER A CB  1 
ATOM 848  O OG  . SER A 1 132 ? -16.596 -10.120 -3.143  1.00 57.00 ? 129 SER A OG  1 
ATOM 849  N N   . VAL A 1 133 ? -14.660 -7.110  -4.976  1.00 55.39 ? 130 VAL A N   1 
ATOM 850  C CA  . VAL A 1 133 ? -14.038 -5.856  -5.378  1.00 54.57 ? 130 VAL A CA  1 
ATOM 851  C C   . VAL A 1 133 ? -12.590 -6.038  -5.832  1.00 53.84 ? 130 VAL A C   1 
ATOM 852  O O   . VAL A 1 133 ? -11.917 -5.070  -6.173  1.00 51.67 ? 130 VAL A O   1 
ATOM 853  C CB  . VAL A 1 133 ? -14.056 -4.829  -4.221  1.00 55.02 ? 130 VAL A CB  1 
ATOM 854  C CG1 . VAL A 1 133 ? -15.478 -4.642  -3.714  1.00 54.88 ? 130 VAL A CG1 1 
ATOM 855  C CG2 . VAL A 1 133 ? -13.143 -5.296  -3.086  1.00 55.76 ? 130 VAL A CG2 1 
ATOM 856  N N   . ALA A 1 134 ? -12.112 -7.276  -5.831  1.00 52.50 ? 131 ALA A N   1 
ATOM 857  C CA  . ALA A 1 134 ? -10.744 -7.536  -6.245  1.00 52.66 ? 131 ALA A CA  1 
ATOM 858  C C   . ALA A 1 134 ? -10.504 -7.130  -7.702  1.00 52.41 ? 131 ALA A C   1 
ATOM 859  O O   . ALA A 1 134 ? -9.487  -6.504  -8.013  1.00 52.52 ? 131 ALA A O   1 
ATOM 860  C CB  . ALA A 1 134 ? -10.397 -9.015  -6.042  1.00 51.88 ? 131 ALA A CB  1 
ATOM 861  N N   . TYR A 1 135 ? -11.440 -7.471  -8.587  1.00 51.23 ? 132 TYR A N   1 
ATOM 862  C CA  . TYR A 1 135 ? -11.287 -7.150  -10.003 1.00 51.94 ? 132 TYR A CA  1 
ATOM 863  C C   . TYR A 1 135 ? -11.170 -5.639  -10.192 1.00 51.09 ? 132 TYR A C   1 
ATOM 864  O O   . TYR A 1 135 ? -10.739 -5.159  -11.237 1.00 50.92 ? 132 TYR A O   1 
ATOM 865  C CB  . TYR A 1 135 ? -12.476 -7.709  -10.812 1.00 54.24 ? 132 TYR A CB  1 
ATOM 866  C CG  . TYR A 1 135 ? -13.739 -6.875  -10.735 1.00 54.69 ? 132 TYR A CG  1 
ATOM 867  C CD1 . TYR A 1 135 ? -13.924 -5.773  -11.569 1.00 56.40 ? 132 TYR A CD1 1 
ATOM 868  C CD2 . TYR A 1 135 ? -14.719 -7.152  -9.791  1.00 55.96 ? 132 TYR A CD2 1 
ATOM 869  C CE1 . TYR A 1 135 ? -15.059 -4.959  -11.456 1.00 58.25 ? 132 TYR A CE1 1 
ATOM 870  C CE2 . TYR A 1 135 ? -15.856 -6.349  -9.666  1.00 57.43 ? 132 TYR A CE2 1 
ATOM 871  C CZ  . TYR A 1 135 ? -16.019 -5.253  -10.499 1.00 58.00 ? 132 TYR A CZ  1 
ATOM 872  O OH  . TYR A 1 135 ? -17.128 -4.445  -10.356 1.00 57.61 ? 132 TYR A OH  1 
ATOM 873  N N   . LEU A 1 136 ? -11.556 -4.892  -9.168  1.00 49.90 ? 133 LEU A N   1 
ATOM 874  C CA  . LEU A 1 136 ? -11.492 -3.442  -9.217  1.00 48.34 ? 133 LEU A CA  1 
ATOM 875  C C   . LEU A 1 136 ? -10.092 -2.947  -8.867  1.00 48.52 ? 133 LEU A C   1 
ATOM 876  O O   . LEU A 1 136 ? -9.822  -1.742  -8.913  1.00 49.34 ? 133 LEU A O   1 
ATOM 877  C CB  . LEU A 1 136 ? -12.516 -2.856  -8.243  1.00 47.69 ? 133 LEU A CB  1 
ATOM 878  C CG  . LEU A 1 136 ? -13.994 -3.043  -8.598  1.00 45.84 ? 133 LEU A CG  1 
ATOM 879  C CD1 . LEU A 1 136 ? -14.854 -2.956  -7.340  1.00 47.51 ? 133 LEU A CD1 1 
ATOM 880  C CD2 . LEU A 1 136 ? -14.401 -1.982  -9.603  1.00 45.29 ? 133 LEU A CD2 1 
ATOM 881  N N   . PHE A 1 137 ? -9.207  -3.886  -8.525  1.00 47.37 ? 134 PHE A N   1 
ATOM 882  C CA  . PHE A 1 137 ? -7.832  -3.565  -8.140  1.00 46.69 ? 134 PHE A CA  1 
ATOM 883  C C   . PHE A 1 137 ? -6.773  -4.194  -9.032  1.00 46.15 ? 134 PHE A C   1 
ATOM 884  O O   . PHE A 1 137 ? -6.849  -5.382  -9.344  1.00 46.10 ? 134 PHE A O   1 
ATOM 885  C CB  . PHE A 1 137 ? -7.568  -3.994  -6.690  1.00 44.26 ? 134 PHE A CB  1 
ATOM 886  C CG  . PHE A 1 137 ? -8.189  -3.088  -5.669  1.00 44.45 ? 134 PHE A CG  1 
ATOM 887  C CD1 . PHE A 1 137 ? -9.550  -3.132  -5.414  1.00 42.09 ? 134 PHE A CD1 1 
ATOM 888  C CD2 . PHE A 1 137 ? -7.412  -2.151  -4.996  1.00 44.92 ? 134 PHE A CD2 1 
ATOM 889  C CE1 . PHE A 1 137 ? -10.137 -2.266  -4.505  1.00 43.62 ? 134 PHE A CE1 1 
ATOM 890  C CE2 . PHE A 1 137 ? -7.987  -1.274  -4.080  1.00 47.32 ? 134 PHE A CE2 1 
ATOM 891  C CZ  . PHE A 1 137 ? -9.357  -1.330  -3.837  1.00 46.72 ? 134 PHE A CZ  1 
ATOM 892  N N   . SER A 1 138 ? -5.784  -3.388  -9.428  1.00 45.45 ? 135 SER A N   1 
ATOM 893  C CA  . SER A 1 138 ? -4.685  -3.876  -10.262 1.00 45.00 ? 135 SER A CA  1 
ATOM 894  C C   . SER A 1 138 ? -3.372  -3.663  -9.516  1.00 44.75 ? 135 SER A C   1 
ATOM 895  O O   . SER A 1 138 ? -3.068  -2.548  -9.075  1.00 45.47 ? 135 SER A O   1 
ATOM 896  C CB  . SER A 1 138 ? -4.642  -3.144  -11.613 1.00 45.10 ? 135 SER A CB  1 
ATOM 897  O OG  . SER A 1 138 ? -3.918  -1.925  -11.536 1.00 46.01 ? 135 SER A OG  1 
ATOM 898  N N   . LYS A 1 139 ? -2.611  -4.744  -9.375  1.00 43.34 ? 136 LYS A N   1 
ATOM 899  C CA  . LYS A 1 139 ? -1.333  -4.727  -8.683  1.00 43.71 ? 136 LYS A CA  1 
ATOM 900  C C   . LYS A 1 139 ? -0.248  -4.168  -9.589  1.00 43.09 ? 136 LYS A C   1 
ATOM 901  O O   . LYS A 1 139 ? 0.120   -4.792  -10.590 1.00 40.62 ? 136 LYS A O   1 
ATOM 902  C CB  . LYS A 1 139 ? -0.954  -6.143  -8.248  1.00 46.00 ? 136 LYS A CB  1 
ATOM 903  C CG  . LYS A 1 139 ? 0.377   -6.227  -7.528  1.00 49.57 ? 136 LYS A CG  1 
ATOM 904  C CD  . LYS A 1 139 ? 0.816   -7.667  -7.311  1.00 51.64 ? 136 LYS A CD  1 
ATOM 905  C CE  . LYS A 1 139 ? 2.094   -7.713  -6.491  1.00 54.89 ? 136 LYS A CE  1 
ATOM 906  N NZ  . LYS A 1 139 ? 2.626   -9.100  -6.332  1.00 57.95 ? 136 LYS A NZ  1 
ATOM 907  N N   . LYS A 1 140 ? 0.274   -3.000  -9.231  1.00 42.85 ? 137 LYS A N   1 
ATOM 908  C CA  . LYS A 1 140 ? 1.313   -2.366  -10.033 1.00 42.79 ? 137 LYS A CA  1 
ATOM 909  C C   . LYS A 1 140 ? 2.324   -1.587  -9.212  1.00 42.38 ? 137 LYS A C   1 
ATOM 910  O O   . LYS A 1 140 ? 2.048   -1.187  -8.078  1.00 41.91 ? 137 LYS A O   1 
ATOM 911  C CB  . LYS A 1 140 ? 0.677   -1.447  -11.083 1.00 44.50 ? 137 LYS A CB  1 
ATOM 912  C CG  . LYS A 1 140 ? -0.010  -2.215  -12.212 1.00 44.61 ? 137 LYS A CG  1 
ATOM 913  C CD  . LYS A 1 140 ? -0.702  -1.301  -13.207 1.00 46.59 ? 137 LYS A CD  1 
ATOM 914  C CE  . LYS A 1 140 ? -1.373  -2.130  -14.297 1.00 45.89 ? 137 LYS A CE  1 
ATOM 915  N NZ  . LYS A 1 140 ? -0.397  -3.014  -15.015 1.00 45.48 ? 137 LYS A NZ  1 
ATOM 916  N N   . GLY A 1 141 ? 3.512   -1.396  -9.782  1.00 39.98 ? 138 GLY A N   1 
ATOM 917  C CA  . GLY A 1 141 ? 4.541   -0.645  -9.094  1.00 37.02 ? 138 GLY A CA  1 
ATOM 918  C C   . GLY A 1 141 ? 4.237   0.828   -9.264  1.00 34.54 ? 138 GLY A C   1 
ATOM 919  O O   . GLY A 1 141 ? 3.784   1.238   -10.326 1.00 37.27 ? 138 GLY A O   1 
ATOM 920  N N   . VAL A 1 142 ? 4.476   1.617   -8.224  1.00 32.84 ? 139 VAL A N   1 
ATOM 921  C CA  . VAL A 1 142 ? 4.241   3.056   -8.232  1.00 30.66 ? 139 VAL A CA  1 
ATOM 922  C C   . VAL A 1 142 ? 5.514   3.766   -7.755  1.00 32.72 ? 139 VAL A C   1 
ATOM 923  O O   . VAL A 1 142 ? 6.018   3.488   -6.656  1.00 34.09 ? 139 VAL A O   1 
ATOM 924  C CB  . VAL A 1 142 ? 3.063   3.433   -7.274  1.00 29.27 ? 139 VAL A CB  1 
ATOM 925  C CG1 . VAL A 1 142 ? 2.906   4.926   -7.164  1.00 25.96 ? 139 VAL A CG1 1 
ATOM 926  C CG2 . VAL A 1 142 ? 1.794   2.803   -7.755  1.00 29.50 ? 139 VAL A CG2 1 
ATOM 927  N N   . ILE A 1 143 ? 6.042   4.664   -8.585  1.00 31.39 ? 140 ILE A N   1 
ATOM 928  C CA  . ILE A 1 143 ? 7.234   5.431   -8.252  1.00 30.48 ? 140 ILE A CA  1 
ATOM 929  C C   . ILE A 1 143 ? 6.738   6.875   -8.129  1.00 32.63 ? 140 ILE A C   1 
ATOM 930  O O   . ILE A 1 143 ? 6.257   7.473   -9.102  1.00 33.63 ? 140 ILE A O   1 
ATOM 931  C CB  . ILE A 1 143 ? 8.289   5.314   -9.346  1.00 27.35 ? 140 ILE A CB  1 
ATOM 932  C CG1 . ILE A 1 143 ? 8.585   3.842   -9.621  1.00 25.93 ? 140 ILE A CG1 1 
ATOM 933  C CG2 . ILE A 1 143 ? 9.549   5.999   -8.918  1.00 25.33 ? 140 ILE A CG2 1 
ATOM 934  C CD1 . ILE A 1 143 ? 9.056   3.587   -11.026 1.00 20.20 ? 140 ILE A CD1 1 
ATOM 935  N N   . SER A 1 144 ? 6.853   7.425   -6.929  1.00 32.27 ? 141 SER A N   1 
ATOM 936  C CA  . SER A 1 144 ? 6.332   8.753   -6.649  1.00 34.56 ? 141 SER A CA  1 
ATOM 937  C C   . SER A 1 144 ? 7.337   9.873   -6.516  1.00 33.90 ? 141 SER A C   1 
ATOM 938  O O   . SER A 1 144 ? 8.390   9.716   -5.905  1.00 36.26 ? 141 SER A O   1 
ATOM 939  C CB  . SER A 1 144 ? 5.502   8.719   -5.351  1.00 34.16 ? 141 SER A CB  1 
ATOM 940  O OG  . SER A 1 144 ? 4.464   7.763   -5.413  1.00 36.26 ? 141 SER A OG  1 
ATOM 941  N N   . PHE A 1 145 ? 6.982   11.019  -7.072  1.00 33.82 ? 142 PHE A N   1 
ATOM 942  C CA  . PHE A 1 145 ? 7.808   12.210  -6.974  1.00 36.43 ? 142 PHE A CA  1 
ATOM 943  C C   . PHE A 1 145 ? 6.918   13.262  -6.327  1.00 38.43 ? 142 PHE A C   1 
ATOM 944  O O   . PHE A 1 145 ? 5.818   13.539  -6.813  1.00 36.94 ? 142 PHE A O   1 
ATOM 945  C CB  . PHE A 1 145 ? 8.250   12.709  -8.354  1.00 34.10 ? 142 PHE A CB  1 
ATOM 946  C CG  . PHE A 1 145 ? 9.201   11.787  -9.057  1.00 35.97 ? 142 PHE A CG  1 
ATOM 947  C CD1 . PHE A 1 145 ? 8.776   10.537  -9.513  1.00 36.57 ? 142 PHE A CD1 1 
ATOM 948  C CD2 . PHE A 1 145 ? 10.520  12.167  -9.278  1.00 35.17 ? 142 PHE A CD2 1 
ATOM 949  C CE1 . PHE A 1 145 ? 9.658   9.688   -10.184 1.00 35.80 ? 142 PHE A CE1 1 
ATOM 950  C CE2 . PHE A 1 145 ? 11.398  11.325  -9.943  1.00 34.57 ? 142 PHE A CE2 1 
ATOM 951  C CZ  . PHE A 1 145 ? 10.964  10.084  -10.397 1.00 34.38 ? 142 PHE A CZ  1 
ATOM 952  N N   . GLU A 1 146 ? 7.388   13.832  -5.222  1.00 41.09 ? 143 GLU A N   1 
ATOM 953  C CA  . GLU A 1 146 ? 6.630   14.866  -4.528  1.00 42.69 ? 143 GLU A CA  1 
ATOM 954  C C   . GLU A 1 146 ? 6.804   16.194  -5.245  1.00 41.37 ? 143 GLU A C   1 
ATOM 955  O O   . GLU A 1 146 ? 6.126   17.163  -4.926  1.00 40.33 ? 143 GLU A O   1 
ATOM 956  C CB  . GLU A 1 146 ? 7.107   15.020  -3.078  1.00 45.08 ? 143 GLU A CB  1 
ATOM 957  C CG  . GLU A 1 146 ? 6.542   13.976  -2.123  1.00 50.03 ? 143 GLU A CG  1 
ATOM 958  C CD  . GLU A 1 146 ? 7.560   12.928  -1.720  1.00 52.60 ? 143 GLU A CD  1 
ATOM 959  O OE1 . GLU A 1 146 ? 8.544   13.292  -1.029  1.00 54.12 ? 143 GLU A OE1 1 
ATOM 960  O OE2 . GLU A 1 146 ? 7.375   11.748  -2.096  1.00 51.77 ? 143 GLU A OE2 1 
ATOM 961  N N   . LYS A 1 147 ? 7.710   16.230  -6.220  1.00 39.83 ? 144 LYS A N   1 
ATOM 962  C CA  . LYS A 1 147 ? 7.998   17.462  -6.949  1.00 40.92 ? 144 LYS A CA  1 
ATOM 963  C C   . LYS A 1 147 ? 8.899   17.162  -8.144  1.00 40.44 ? 144 LYS A C   1 
ATOM 964  O O   . LYS A 1 147 ? 9.460   16.078  -8.241  1.00 41.59 ? 144 LYS A O   1 
ATOM 965  C CB  . LYS A 1 147 ? 8.717   18.454  -6.017  1.00 41.27 ? 144 LYS A CB  1 
ATOM 966  C CG  . LYS A 1 147 ? 10.106  17.972  -5.567  1.00 42.20 ? 144 LYS A CG  1 
ATOM 967  C CD  . LYS A 1 147 ? 10.784  18.915  -4.566  1.00 42.99 ? 144 LYS A CD  1 
ATOM 968  C CE  . LYS A 1 147 ? 10.160  18.856  -3.168  1.00 44.56 ? 144 LYS A CE  1 
ATOM 969  N NZ  . LYS A 1 147 ? 10.361  17.552  -2.443  1.00 45.20 ? 144 LYS A NZ  1 
ATOM 970  N N   . GLY A 1 148 ? 9.040   18.130  -9.042  1.00 40.66 ? 145 GLY A N   1 
ATOM 971  C CA  . GLY A 1 148 ? 9.900   17.950  -10.198 1.00 40.40 ? 145 GLY A CA  1 
ATOM 972  C C   . GLY A 1 148 ? 9.346   18.497  -11.498 1.00 40.48 ? 145 GLY A C   1 
ATOM 973  O O   . GLY A 1 148 ? 8.262   19.098  -11.529 1.00 38.83 ? 145 GLY A O   1 
ATOM 974  N N   . ASP A 1 149 ? 10.107  18.284  -12.572 1.00 40.11 ? 146 ASP A N   1 
ATOM 975  C CA  . ASP A 1 149 ? 9.729   18.715  -13.923 1.00 40.75 ? 146 ASP A CA  1 
ATOM 976  C C   . ASP A 1 149 ? 8.863   17.592  -14.485 1.00 38.86 ? 146 ASP A C   1 
ATOM 977  O O   . ASP A 1 149 ? 9.338   16.465  -14.648 1.00 38.47 ? 146 ASP A O   1 
ATOM 978  C CB  . ASP A 1 149 ? 10.980  18.894  -14.804 1.00 39.29 ? 146 ASP A CB  1 
ATOM 979  C CG  . ASP A 1 149 ? 10.692  19.662  -16.079 1.00 42.02 ? 146 ASP A CG  1 
ATOM 980  O OD1 . ASP A 1 149 ? 10.686  20.915  -16.023 1.00 46.46 ? 146 ASP A OD1 1 
ATOM 981  O OD2 . ASP A 1 149 ? 10.459  19.029  -17.132 1.00 37.66 ? 146 ASP A OD2 1 
ATOM 982  N N   . GLU A 1 150 ? 7.603   17.894  -14.781 1.00 38.00 ? 147 GLU A N   1 
ATOM 983  C CA  . GLU A 1 150 ? 6.670   16.882  -15.280 1.00 38.26 ? 147 GLU A CA  1 
ATOM 984  C C   . GLU A 1 150 ? 7.006   16.226  -16.614 1.00 35.62 ? 147 GLU A C   1 
ATOM 985  O O   . GLU A 1 150 ? 7.078   15.001  -16.711 1.00 32.70 ? 147 GLU A O   1 
ATOM 986  C CB  . GLU A 1 150 ? 5.262   17.457  -15.367 1.00 38.57 ? 147 GLU A CB  1 
ATOM 987  C CG  . GLU A 1 150 ? 4.210   16.413  -15.718 1.00 43.17 ? 147 GLU A CG  1 
ATOM 988  C CD  . GLU A 1 150 ? 2.869   17.042  -16.057 1.00 44.66 ? 147 GLU A CD  1 
ATOM 989  O OE1 . GLU A 1 150 ? 2.348   17.805  -15.222 1.00 42.12 ? 147 GLU A OE1 1 
ATOM 990  O OE2 . GLU A 1 150 ? 2.348   16.772  -17.159 1.00 47.29 ? 147 GLU A OE2 1 
ATOM 991  N N   . ASP A 1 151 ? 7.181   17.041  -17.644 1.00 36.22 ? 148 ASP A N   1 
ATOM 992  C CA  . ASP A 1 151 ? 7.494   16.519  -18.968 1.00 37.55 ? 148 ASP A CA  1 
ATOM 993  C C   . ASP A 1 151 ? 8.849   15.809  -19.030 1.00 34.56 ? 148 ASP A C   1 
ATOM 994  O O   . ASP A 1 151 ? 9.039   14.906  -19.840 1.00 33.84 ? 148 ASP A O   1 
ATOM 995  C CB  . ASP A 1 151 ? 7.434   17.633  -20.026 1.00 39.34 ? 148 ASP A CB  1 
ATOM 996  C CG  . ASP A 1 151 ? 6.031   18.248  -20.158 1.00 43.07 ? 148 ASP A CG  1 
ATOM 997  O OD1 . ASP A 1 151 ? 5.038   17.517  -19.962 1.00 44.23 ? 148 ASP A OD1 1 
ATOM 998  O OD2 . ASP A 1 151 ? 5.919   19.453  -20.466 1.00 43.60 ? 148 ASP A OD2 1 
ATOM 999  N N   . THR A 1 152 ? 9.787   16.179  -18.169 1.00 32.73 ? 149 THR A N   1 
ATOM 1000 C CA  . THR A 1 152 ? 11.079  15.518  -18.243 1.00 32.54 ? 149 THR A CA  1 
ATOM 1001 C C   . THR A 1 152 ? 11.002  14.157  -17.560 1.00 31.48 ? 149 THR A C   1 
ATOM 1002 O O   . THR A 1 152 ? 11.544  13.169  -18.064 1.00 30.39 ? 149 THR A O   1 
ATOM 1003 C CB  . THR A 1 152 ? 12.204  16.392  -17.635 1.00 32.07 ? 149 THR A CB  1 
ATOM 1004 O OG1 . THR A 1 152 ? 12.299  17.615  -18.377 1.00 34.79 ? 149 THR A OG1 1 
ATOM 1005 C CG2 . THR A 1 152 ? 13.552  15.680  -17.709 1.00 27.34 ? 149 THR A CG2 1 
ATOM 1006 N N   . ILE A 1 153 ? 10.300  14.112  -16.433 1.00 31.09 ? 150 ILE A N   1 
ATOM 1007 C CA  . ILE A 1 153 ? 10.118  12.884  -15.665 1.00 29.62 ? 150 ILE A CA  1 
ATOM 1008 C C   . ILE A 1 153 ? 9.233   11.913  -16.437 1.00 29.66 ? 150 ILE A C   1 
ATOM 1009 O O   . ILE A 1 153 ? 9.531   10.723  -16.494 1.00 29.09 ? 150 ILE A O   1 
ATOM 1010 C CB  . ILE A 1 153 ? 9.483   13.163  -14.261 1.00 30.11 ? 150 ILE A CB  1 
ATOM 1011 C CG1 . ILE A 1 153 ? 10.458  13.987  -13.404 1.00 32.55 ? 150 ILE A CG1 1 
ATOM 1012 C CG2 . ILE A 1 153 ? 9.159   11.831  -13.553 1.00 29.29 ? 150 ILE A CG2 1 
ATOM 1013 C CD1 . ILE A 1 153 ? 10.014  14.227  -11.953 1.00 34.29 ? 150 ILE A CD1 1 
ATOM 1014 N N   . MET A 1 154 ? 8.158   12.428  -17.033 1.00 27.76 ? 151 MET A N   1 
ATOM 1015 C CA  . MET A 1 154 ? 7.255   11.593  -17.812 1.00 30.42 ? 151 MET A CA  1 
ATOM 1016 C C   . MET A 1 154 ? 7.944   10.842  -18.953 1.00 32.60 ? 151 MET A C   1 
ATOM 1017 O O   . MET A 1 154 ? 7.752   9.626   -19.119 1.00 35.15 ? 151 MET A O   1 
ATOM 1018 C CB  . MET A 1 154 ? 6.125   12.436  -18.394 1.00 29.70 ? 151 MET A CB  1 
ATOM 1019 C CG  . MET A 1 154 ? 5.188   11.646  -19.272 1.00 27.45 ? 151 MET A CG  1 
ATOM 1020 S SD  . MET A 1 154 ? 3.500   12.245  -19.221 1.00 22.72 ? 151 MET A SD  1 
ATOM 1021 C CE  . MET A 1 154 ? 3.603   13.682  -19.957 1.00 18.62 ? 151 MET A CE  1 
ATOM 1022 N N   . GLU A 1 155 ? 8.727   11.573  -19.746 1.00 32.11 ? 152 GLU A N   1 
ATOM 1023 C CA  . GLU A 1 155 ? 9.434   10.983  -20.874 1.00 31.44 ? 152 GLU A CA  1 
ATOM 1024 C C   . GLU A 1 155 ? 10.464  9.957   -20.413 1.00 31.46 ? 152 GLU A C   1 
ATOM 1025 O O   . GLU A 1 155 ? 10.548  8.862   -20.969 1.00 31.89 ? 152 GLU A O   1 
ATOM 1026 C CB  . GLU A 1 155 ? 10.132  12.066  -21.687 1.00 34.00 ? 152 GLU A CB  1 
ATOM 1027 C CG  . GLU A 1 155 ? 9.206   12.934  -22.525 1.00 37.13 ? 152 GLU A CG  1 
ATOM 1028 C CD  . GLU A 1 155 ? 8.471   12.161  -23.607 1.00 38.12 ? 152 GLU A CD  1 
ATOM 1029 O OE1 . GLU A 1 155 ? 9.111   11.518  -24.467 1.00 41.60 ? 152 GLU A OE1 1 
ATOM 1030 O OE2 . GLU A 1 155 ? 7.234   12.201  -23.600 1.00 41.80 ? 152 GLU A OE2 1 
ATOM 1031 N N   . ALA A 1 156 ? 11.251  10.306  -19.396 1.00 28.16 ? 153 ALA A N   1 
ATOM 1032 C CA  . ALA A 1 156 ? 12.248  9.379   -18.897 1.00 26.40 ? 153 ALA A CA  1 
ATOM 1033 C C   . ALA A 1 156 ? 11.554  8.114   -18.384 1.00 26.99 ? 153 ALA A C   1 
ATOM 1034 O O   . ALA A 1 156 ? 12.063  7.013   -18.555 1.00 27.63 ? 153 ALA A O   1 
ATOM 1035 C CB  . ALA A 1 156 ? 13.080  10.028  -17.788 1.00 22.33 ? 153 ALA A CB  1 
ATOM 1036 N N   . ALA A 1 157 ? 10.378  8.288   -17.781 1.00 25.92 ? 154 ALA A N   1 
ATOM 1037 C CA  . ALA A 1 157 ? 9.603   7.175   -17.250 1.00 28.35 ? 154 ALA A CA  1 
ATOM 1038 C C   . ALA A 1 157 ? 9.050   6.274   -18.357 1.00 29.84 ? 154 ALA A C   1 
ATOM 1039 O O   . ALA A 1 157 ? 9.266   5.062   -18.329 1.00 31.69 ? 154 ALA A O   1 
ATOM 1040 C CB  . ALA A 1 157 ? 8.456   7.706   -16.377 1.00 26.53 ? 154 ALA A CB  1 
ATOM 1041 N N   . LEU A 1 158 ? 8.331   6.862   -19.320 1.00 28.72 ? 155 LEU A N   1 
ATOM 1042 C CA  . LEU A 1 158 ? 7.763   6.080   -20.430 1.00 29.13 ? 155 LEU A CA  1 
ATOM 1043 C C   . LEU A 1 158 ? 8.929   5.434   -21.178 1.00 27.05 ? 155 LEU A C   1 
ATOM 1044 O O   . LEU A 1 158 ? 8.868   4.278   -21.558 1.00 25.45 ? 155 LEU A O   1 
ATOM 1045 C CB  . LEU A 1 158 ? 6.941   6.977   -21.384 1.00 27.36 ? 155 LEU A CB  1 
ATOM 1046 C CG  . LEU A 1 158 ? 5.687   7.679   -20.834 1.00 27.02 ? 155 LEU A CG  1 
ATOM 1047 C CD1 . LEU A 1 158 ? 5.262   8.798   -21.770 1.00 26.97 ? 155 LEU A CD1 1 
ATOM 1048 C CD2 . LEU A 1 158 ? 4.568   6.677   -20.653 1.00 23.78 ? 155 LEU A CD2 1 
ATOM 1049 N N   . GLU A 1 159 ? 9.996   6.191   -21.361 1.00 28.52 ? 156 GLU A N   1 
ATOM 1050 C CA  . GLU A 1 159 ? 11.193  5.683   -22.020 1.00 31.79 ? 156 GLU A CA  1 
ATOM 1051 C C   . GLU A 1 159 ? 11.667  4.408   -21.324 1.00 34.70 ? 156 GLU A C   1 
ATOM 1052 O O   . GLU A 1 159 ? 11.953  3.408   -21.975 1.00 33.98 ? 156 GLU A O   1 
ATOM 1053 C CB  . GLU A 1 159 ? 12.311  6.706   -21.930 1.00 32.03 ? 156 GLU A CB  1 
ATOM 1054 C CG  . GLU A 1 159 ? 13.041  6.964   -23.226 1.00 32.68 ? 156 GLU A CG  1 
ATOM 1055 C CD  . GLU A 1 159 ? 13.140  8.437   -23.520 1.00 31.20 ? 156 GLU A CD  1 
ATOM 1056 O OE1 . GLU A 1 159 ? 13.696  9.178   -22.682 1.00 38.56 ? 156 GLU A OE1 1 
ATOM 1057 O OE2 . GLU A 1 159 ? 12.660  8.861   -24.579 1.00 30.25 ? 156 GLU A OE2 1 
ATOM 1058 N N   . ALA A 1 160 ? 11.730  4.450   -19.995 1.00 35.00 ? 157 ALA A N   1 
ATOM 1059 C CA  . ALA A 1 160 ? 12.201  3.297   -19.238 1.00 37.56 ? 157 ALA A CA  1 
ATOM 1060 C C   . ALA A 1 160 ? 11.245  2.110   -19.301 1.00 38.11 ? 157 ALA A C   1 
ATOM 1061 O O   . ALA A 1 160 ? 11.620  1.004   -18.931 1.00 36.18 ? 157 ALA A O   1 
ATOM 1062 C CB  . ALA A 1 160 ? 12.471  3.689   -17.778 1.00 36.36 ? 157 ALA A CB  1 
ATOM 1063 N N   . GLY A 1 161 ? 10.014  2.343   -19.764 1.00 39.32 ? 158 GLY A N   1 
ATOM 1064 C CA  . GLY A 1 161 ? 9.045   1.265   -19.868 1.00 38.03 ? 158 GLY A CA  1 
ATOM 1065 C C   . GLY A 1 161 ? 7.752   1.471   -19.102 1.00 37.89 ? 158 GLY A C   1 
ATOM 1066 O O   . GLY A 1 161 ? 6.820   0.669   -19.227 1.00 37.94 ? 158 GLY A O   1 
ATOM 1067 N N   . ALA A 1 162 ? 7.687   2.542   -18.318 1.00 36.94 ? 159 ALA A N   1 
ATOM 1068 C CA  . ALA A 1 162 ? 6.500   2.866   -17.522 1.00 36.83 ? 159 ALA A CA  1 
ATOM 1069 C C   . ALA A 1 162 ? 5.201   2.647   -18.288 1.00 37.79 ? 159 ALA A C   1 
ATOM 1070 O O   . ALA A 1 162 ? 5.170   2.789   -19.517 1.00 38.46 ? 159 ALA A O   1 
ATOM 1071 C CB  . ALA A 1 162 ? 6.570   4.315   -17.057 1.00 36.08 ? 159 ALA A CB  1 
ATOM 1072 N N   . GLU A 1 163 ? 4.134   2.320   -17.556 1.00 35.59 ? 160 GLU A N   1 
ATOM 1073 C CA  . GLU A 1 163 ? 2.819   2.092   -18.146 1.00 36.77 ? 160 GLU A CA  1 
ATOM 1074 C C   . GLU A 1 163 ? 1.939   3.329   -18.191 1.00 38.87 ? 160 GLU A C   1 
ATOM 1075 O O   . GLU A 1 163 ? 0.998   3.400   -18.997 1.00 39.01 ? 160 GLU A O   1 
ATOM 1076 C CB  . GLU A 1 163 ? 2.074   0.991   -17.396 1.00 34.66 ? 160 GLU A CB  1 
ATOM 1077 C CG  . GLU A 1 163 ? 2.134   -0.347  -18.077 1.00 35.27 ? 160 GLU A CG  1 
ATOM 1078 C CD  . GLU A 1 163 ? 1.904   -1.503  -17.111 1.00 41.07 ? 160 GLU A CD  1 
ATOM 1079 O OE1 . GLU A 1 163 ? 1.223   -1.290  -16.075 1.00 40.05 ? 160 GLU A OE1 1 
ATOM 1080 O OE2 . GLU A 1 163 ? 2.403   -2.624  -17.394 1.00 40.10 ? 160 GLU A OE2 1 
ATOM 1081 N N   . ASP A 1 164 ? 2.233   4.297   -17.327 1.00 39.33 ? 161 ASP A N   1 
ATOM 1082 C CA  . ASP A 1 164 ? 1.456   5.524   -17.276 1.00 39.27 ? 161 ASP A CA  1 
ATOM 1083 C C   . ASP A 1 164 ? 2.096   6.474   -16.260 1.00 39.58 ? 161 ASP A C   1 
ATOM 1084 O O   . ASP A 1 164 ? 2.925   6.055   -15.439 1.00 40.60 ? 161 ASP A O   1 
ATOM 1085 C CB  . ASP A 1 164 ? 0.009   5.205   -16.868 1.00 40.72 ? 161 ASP A CB  1 
ATOM 1086 C CG  . ASP A 1 164 ? -1.001  6.231   -17.392 1.00 45.06 ? 161 ASP A CG  1 
ATOM 1087 O OD1 . ASP A 1 164 ? -2.219  5.982   -17.263 1.00 47.64 ? 161 ASP A OD1 1 
ATOM 1088 O OD2 . ASP A 1 164 ? -0.588  7.284   -17.936 1.00 46.59 ? 161 ASP A OD2 1 
ATOM 1089 N N   . VAL A 1 165 ? 1.704   7.744   -16.325 1.00 35.78 ? 162 VAL A N   1 
ATOM 1090 C CA  . VAL A 1 165 ? 2.209   8.768   -15.425 1.00 36.17 ? 162 VAL A CA  1 
ATOM 1091 C C   . VAL A 1 165 ? 1.066   9.685   -14.982 1.00 38.32 ? 162 VAL A C   1 
ATOM 1092 O O   . VAL A 1 165 ? 0.300   10.184  -15.807 1.00 40.95 ? 162 VAL A O   1 
ATOM 1093 C CB  . VAL A 1 165 ? 3.291   9.643   -16.109 1.00 32.51 ? 162 VAL A CB  1 
ATOM 1094 C CG1 . VAL A 1 165 ? 3.816   10.683  -15.128 1.00 28.56 ? 162 VAL A CG1 1 
ATOM 1095 C CG2 . VAL A 1 165 ? 4.430   8.761   -16.636 1.00 32.04 ? 162 VAL A CG2 1 
ATOM 1096 N N   . VAL A 1 166 ? 0.952   9.914   -13.682 1.00 39.53 ? 163 VAL A N   1 
ATOM 1097 C CA  . VAL A 1 166 ? -0.106  10.785  -13.174 1.00 40.73 ? 163 VAL A CA  1 
ATOM 1098 C C   . VAL A 1 166 ? 0.429   12.024  -12.461 1.00 40.72 ? 163 VAL A C   1 
ATOM 1099 O O   . VAL A 1 166 ? 1.239   11.921  -11.541 1.00 40.37 ? 163 VAL A O   1 
ATOM 1100 C CB  . VAL A 1 166 ? -1.020  10.035  -12.195 1.00 39.40 ? 163 VAL A CB  1 
ATOM 1101 C CG1 . VAL A 1 166 ? -1.981  11.013  -11.542 1.00 38.01 ? 163 VAL A CG1 1 
ATOM 1102 C CG2 . VAL A 1 166 ? -1.774  8.937   -12.923 1.00 39.63 ? 163 VAL A CG2 1 
ATOM 1103 N N   . THR A 1 167 ? -0.042  13.192  -12.882 1.00 43.32 ? 164 THR A N   1 
ATOM 1104 C CA  . THR A 1 167 ? 0.373   14.452  -12.267 1.00 45.05 ? 164 THR A CA  1 
ATOM 1105 C C   . THR A 1 167 ? -0.805  15.062  -11.529 1.00 45.45 ? 164 THR A C   1 
ATOM 1106 O O   . THR A 1 167 ? -1.829  15.398  -12.131 1.00 45.93 ? 164 THR A O   1 
ATOM 1107 C CB  . THR A 1 167 ? 0.868   15.459  -13.313 1.00 45.98 ? 164 THR A CB  1 
ATOM 1108 O OG1 . THR A 1 167 ? 1.972   14.898  -14.033 1.00 46.13 ? 164 THR A OG1 1 
ATOM 1109 C CG2 . THR A 1 167 ? 1.312   16.747  -12.635 1.00 48.74 ? 164 THR A CG2 1 
ATOM 1110 N N   . TYR A 1 168 ? -0.647  15.208  -10.220 1.00 46.03 ? 165 TYR A N   1 
ATOM 1111 C CA  . TYR A 1 168 ? -1.691  15.752  -9.370  1.00 45.79 ? 165 TYR A CA  1 
ATOM 1112 C C   . TYR A 1 168 ? -1.633  17.273  -9.263  1.00 46.74 ? 165 TYR A C   1 
ATOM 1113 O O   . TYR A 1 168 ? -0.660  17.895  -9.692  1.00 47.08 ? 165 TYR A O   1 
ATOM 1114 C CB  . TYR A 1 168 ? -1.581  15.138  -7.973  1.00 46.01 ? 165 TYR A CB  1 
ATOM 1115 C CG  . TYR A 1 168 ? -1.544  13.627  -7.962  1.00 46.23 ? 165 TYR A CG  1 
ATOM 1116 C CD1 . TYR A 1 168 ? -0.374  12.932  -8.263  1.00 45.34 ? 165 TYR A CD1 1 
ATOM 1117 C CD2 . TYR A 1 168 ? -2.682  12.887  -7.643  1.00 46.67 ? 165 TYR A CD2 1 
ATOM 1118 C CE1 . TYR A 1 168 ? -0.338  11.535  -8.238  1.00 44.77 ? 165 TYR A CE1 1 
ATOM 1119 C CE2 . TYR A 1 168 ? -2.656  11.494  -7.618  1.00 44.72 ? 165 TYR A CE2 1 
ATOM 1120 C CZ  . TYR A 1 168 ? -1.486  10.827  -7.911  1.00 43.41 ? 165 TYR A CZ  1 
ATOM 1121 O OH  . TYR A 1 168 ? -1.463  9.458   -7.851  1.00 39.74 ? 165 TYR A OH  1 
ATOM 1122 N N   . ASP A 1 169 ? -2.683  17.850  -8.671  1.00 47.66 ? 166 ASP A N   1 
ATOM 1123 C CA  . ASP A 1 169 ? -2.811  19.294  -8.477  1.00 46.99 ? 166 ASP A CA  1 
ATOM 1124 C C   . ASP A 1 169 ? -1.704  19.913  -7.629  1.00 46.67 ? 166 ASP A C   1 
ATOM 1125 O O   . ASP A 1 169 ? -1.473  21.124  -7.680  1.00 48.45 ? 166 ASP A O   1 
ATOM 1126 C CB  . ASP A 1 169 ? -4.156  19.626  -7.822  1.00 47.77 ? 166 ASP A CB  1 
ATOM 1127 C CG  . ASP A 1 169 ? -5.338  19.305  -8.708  1.00 47.09 ? 166 ASP A CG  1 
ATOM 1128 O OD1 . ASP A 1 169 ? -5.262  19.555  -9.932  1.00 47.67 ? 166 ASP A OD1 1 
ATOM 1129 O OD2 . ASP A 1 169 ? -6.352  18.820  -8.167  1.00 47.09 ? 166 ASP A OD2 1 
ATOM 1130 N N   . ASP A 1 170 ? -1.037  19.095  -6.828  1.00 45.29 ? 167 ASP A N   1 
ATOM 1131 C CA  . ASP A 1 170 ? 0.037   19.595  -5.983  1.00 44.62 ? 167 ASP A CA  1 
ATOM 1132 C C   . ASP A 1 170 ? 1.404   19.328  -6.614  1.00 44.02 ? 167 ASP A C   1 
ATOM 1133 O O   . ASP A 1 170 ? 2.425   19.317  -5.926  1.00 44.96 ? 167 ASP A O   1 
ATOM 1134 C CB  . ASP A 1 170 ? -0.051  18.965  -4.584  1.00 43.35 ? 167 ASP A CB  1 
ATOM 1135 C CG  . ASP A 1 170 ? -0.059  17.444  -4.620  1.00 43.81 ? 167 ASP A CG  1 
ATOM 1136 O OD1 . ASP A 1 170 ? -0.659  16.860  -5.545  1.00 43.28 ? 167 ASP A OD1 1 
ATOM 1137 O OD2 . ASP A 1 170 ? 0.525   16.827  -3.712  1.00 44.20 ? 167 ASP A OD2 1 
ATOM 1138 N N   . GLY A 1 171 ? 1.416   19.116  -7.926  1.00 43.13 ? 168 GLY A N   1 
ATOM 1139 C CA  . GLY A 1 171 ? 2.666   18.859  -8.621  1.00 40.87 ? 168 GLY A CA  1 
ATOM 1140 C C   . GLY A 1 171 ? 3.325   17.524  -8.320  1.00 39.56 ? 168 GLY A C   1 
ATOM 1141 O O   . GLY A 1 171 ? 4.411   17.247  -8.835  1.00 40.64 ? 168 GLY A O   1 
ATOM 1142 N N   . ALA A 1 172 ? 2.698   16.695  -7.486  1.00 37.44 ? 169 ALA A N   1 
ATOM 1143 C CA  . ALA A 1 172 ? 3.267   15.389  -7.166  1.00 35.92 ? 169 ALA A CA  1 
ATOM 1144 C C   . ALA A 1 172 ? 3.111   14.522  -8.399  1.00 34.06 ? 169 ALA A C   1 
ATOM 1145 O O   . ALA A 1 172 ? 2.142   14.668  -9.131  1.00 32.57 ? 169 ALA A O   1 
ATOM 1146 C CB  . ALA A 1 172 ? 2.541   14.755  -5.987  1.00 37.49 ? 169 ALA A CB  1 
ATOM 1147 N N   . ILE A 1 173 ? 4.056   13.614  -8.626  1.00 33.70 ? 170 ILE A N   1 
ATOM 1148 C CA  . ILE A 1 173 ? 3.998   12.760  -9.808  1.00 33.17 ? 170 ILE A CA  1 
ATOM 1149 C C   . ILE A 1 173 ? 4.061   11.272  -9.485  1.00 33.41 ? 170 ILE A C   1 
ATOM 1150 O O   . ILE A 1 173 ? 4.961   10.829  -8.769  1.00 33.72 ? 170 ILE A O   1 
ATOM 1151 C CB  . ILE A 1 173 ? 5.171   13.070  -10.782 1.00 34.54 ? 170 ILE A CB  1 
ATOM 1152 C CG1 . ILE A 1 173 ? 5.120   14.535  -11.212 1.00 35.26 ? 170 ILE A CG1 1 
ATOM 1153 C CG2 . ILE A 1 173 ? 5.107   12.129  -12.010 1.00 30.32 ? 170 ILE A CG2 1 
ATOM 1154 C CD1 . ILE A 1 173 ? 6.336   14.971  -11.985 1.00 39.17 ? 170 ILE A CD1 1 
ATOM 1155 N N   . ASP A 1 174 ? 3.124   10.494  -10.025 1.00 32.38 ? 171 ASP A N   1 
ATOM 1156 C CA  . ASP A 1 174 ? 3.146   9.052   -9.805  1.00 32.53 ? 171 ASP A CA  1 
ATOM 1157 C C   . ASP A 1 174 ? 3.364   8.261   -11.108 1.00 32.97 ? 171 ASP A C   1 
ATOM 1158 O O   . ASP A 1 174 ? 2.597   8.395   -12.077 1.00 30.18 ? 171 ASP A O   1 
ATOM 1159 C CB  . ASP A 1 174 ? 1.857   8.580   -9.131  1.00 33.61 ? 171 ASP A CB  1 
ATOM 1160 C CG  . ASP A 1 174 ? 1.855   8.824   -7.633  1.00 34.70 ? 171 ASP A CG  1 
ATOM 1161 O OD1 . ASP A 1 174 ? 2.953   8.968   -7.048  1.00 35.33 ? 171 ASP A OD1 1 
ATOM 1162 O OD2 . ASP A 1 174 ? 0.757   8.845   -7.047  1.00 32.48 ? 171 ASP A OD2 1 
ATOM 1163 N N   . VAL A 1 175 ? 4.418   7.445   -11.115 1.00 32.12 ? 172 VAL A N   1 
ATOM 1164 C CA  . VAL A 1 175 ? 4.758   6.622   -12.263 1.00 28.99 ? 172 VAL A CA  1 
ATOM 1165 C C   . VAL A 1 175 ? 4.312   5.202   -11.992 1.00 31.90 ? 172 VAL A C   1 
ATOM 1166 O O   . VAL A 1 175 ? 4.730   4.570   -11.009 1.00 32.33 ? 172 VAL A O   1 
ATOM 1167 C CB  . VAL A 1 175 ? 6.294   6.611   -12.535 1.00 29.02 ? 172 VAL A CB  1 
ATOM 1168 C CG1 . VAL A 1 175 ? 6.611   5.717   -13.765 1.00 21.46 ? 172 VAL A CG1 1 
ATOM 1169 C CG2 . VAL A 1 175 ? 6.799   8.048   -12.752 1.00 21.91 ? 172 VAL A CG2 1 
ATOM 1170 N N   . TYR A 1 176 ? 3.456   4.694   -12.863 1.00 32.96 ? 173 TYR A N   1 
ATOM 1171 C CA  . TYR A 1 176 ? 2.967   3.332   -12.714 1.00 33.37 ? 173 TYR A CA  1 
ATOM 1172 C C   . TYR A 1 176 ? 3.712   2.406   -13.661 1.00 34.10 ? 173 TYR A C   1 
ATOM 1173 O O   . TYR A 1 176 ? 3.954   2.745   -14.823 1.00 34.61 ? 173 TYR A O   1 
ATOM 1174 C CB  . TYR A 1 176 ? 1.456   3.283   -12.974 1.00 31.71 ? 173 TYR A CB  1 
ATOM 1175 C CG  . TYR A 1 176 ? 0.668   4.104   -11.980 1.00 32.13 ? 173 TYR A CG  1 
ATOM 1176 C CD1 . TYR A 1 176 ? 0.352   5.439   -12.233 1.00 34.88 ? 173 TYR A CD1 1 
ATOM 1177 C CD2 . TYR A 1 176 ? 0.279   3.560   -10.758 1.00 34.38 ? 173 TYR A CD2 1 
ATOM 1178 C CE1 . TYR A 1 176 ? -0.335  6.215   -11.282 1.00 34.33 ? 173 TYR A CE1 1 
ATOM 1179 C CE2 . TYR A 1 176 ? -0.403  4.322   -9.808  1.00 35.61 ? 173 TYR A CE2 1 
ATOM 1180 C CZ  . TYR A 1 176 ? -0.704  5.643   -10.074 1.00 36.28 ? 173 TYR A CZ  1 
ATOM 1181 O OH  . TYR A 1 176 ? -1.355  6.386   -9.112  1.00 41.51 ? 173 TYR A OH  1 
ATOM 1182 N N   . THR A 1 177 ? 4.091   1.238   -13.161 1.00 34.80 ? 174 THR A N   1 
ATOM 1183 C CA  . THR A 1 177 ? 4.810   0.275   -13.975 1.00 34.83 ? 174 THR A CA  1 
ATOM 1184 C C   . THR A 1 177 ? 4.175   -1.077  -13.732 1.00 36.54 ? 174 THR A C   1 
ATOM 1185 O O   . THR A 1 177 ? 3.359   -1.223  -12.831 1.00 38.34 ? 174 THR A O   1 
ATOM 1186 C CB  . THR A 1 177 ? 6.287   0.165   -13.538 1.00 35.81 ? 174 THR A CB  1 
ATOM 1187 O OG1 . THR A 1 177 ? 6.351   -0.488  -12.258 1.00 36.13 ? 174 THR A OG1 1 
ATOM 1188 C CG2 . THR A 1 177 ? 6.930   1.545   -13.434 1.00 34.98 ? 174 THR A CG2 1 
ATOM 1189 N N   . ALA A 1 178 ? 4.545   -2.073  -14.524 1.00 38.56 ? 175 ALA A N   1 
ATOM 1190 C CA  . ALA A 1 178 ? 4.024   -3.410  -14.284 1.00 41.11 ? 175 ALA A CA  1 
ATOM 1191 C C   . ALA A 1 178 ? 4.644   -3.770  -12.928 1.00 43.64 ? 175 ALA A C   1 
ATOM 1192 O O   . ALA A 1 178 ? 5.869   -3.722  -12.768 1.00 42.14 ? 175 ALA A O   1 
ATOM 1193 C CB  . ALA A 1 178 ? 4.500   -4.354  -15.355 1.00 38.61 ? 175 ALA A CB  1 
ATOM 1194 N N   . TRP A 1 179 ? 3.797   -4.101  -11.956 1.00 46.22 ? 176 TRP A N   1 
ATOM 1195 C CA  . TRP A 1 179 ? 4.249   -4.415  -10.601 1.00 49.04 ? 176 TRP A CA  1 
ATOM 1196 C C   . TRP A 1 179 ? 5.665   -4.985  -10.499 1.00 49.63 ? 176 TRP A C   1 
ATOM 1197 O O   . TRP A 1 179 ? 6.428   -4.604  -9.604  1.00 46.86 ? 176 TRP A O   1 
ATOM 1198 C CB  . TRP A 1 179 ? 3.251   -5.359  -9.901  1.00 53.09 ? 176 TRP A CB  1 
ATOM 1199 C CG  . TRP A 1 179 ? 3.201   -6.745  -10.470 1.00 58.54 ? 176 TRP A CG  1 
ATOM 1200 C CD1 . TRP A 1 179 ? 2.697   -7.116  -11.683 1.00 61.27 ? 176 TRP A CD1 1 
ATOM 1201 C CD2 . TRP A 1 179 ? 3.745   -7.931  -9.883  1.00 60.63 ? 176 TRP A CD2 1 
ATOM 1202 N NE1 . TRP A 1 179 ? 2.905   -8.458  -11.892 1.00 61.83 ? 176 TRP A NE1 1 
ATOM 1203 C CE2 . TRP A 1 179 ? 3.549   -8.982  -10.803 1.00 61.38 ? 176 TRP A CE2 1 
ATOM 1204 C CE3 . TRP A 1 179 ? 4.392   -8.206  -8.671  1.00 62.59 ? 176 TRP A CE3 1 
ATOM 1205 C CZ2 . TRP A 1 179 ? 3.967   -10.293 -10.551 1.00 63.89 ? 176 TRP A CZ2 1 
ATOM 1206 C CZ3 . TRP A 1 179 ? 4.810   -9.513  -8.416  1.00 63.81 ? 176 TRP A CZ3 1 
ATOM 1207 C CH2 . TRP A 1 179 ? 4.599   -10.538 -9.355  1.00 63.95 ? 176 TRP A CH2 1 
ATOM 1208 N N   . GLU A 1 180 ? 6.029   -5.865  -11.428 1.00 50.00 ? 177 GLU A N   1 
ATOM 1209 C CA  . GLU A 1 180 ? 7.348   -6.499  -11.404 1.00 51.82 ? 177 GLU A CA  1 
ATOM 1210 C C   . GLU A 1 180 ? 8.472   -5.798  -12.158 1.00 50.65 ? 177 GLU A C   1 
ATOM 1211 O O   . GLU A 1 180 ? 9.503   -6.407  -12.435 1.00 50.92 ? 177 GLU A O   1 
ATOM 1212 C CB  . GLU A 1 180 ? 7.235   -7.953  -11.891 1.00 54.56 ? 177 GLU A CB  1 
ATOM 1213 C CG  . GLU A 1 180 ? 6.426   -8.124  -13.174 1.00 58.73 ? 177 GLU A CG  1 
ATOM 1214 C CD  . GLU A 1 180 ? 7.147   -7.606  -14.409 1.00 61.18 ? 177 GLU A CD  1 
ATOM 1215 O OE1 . GLU A 1 180 ? 6.471   -7.329  -15.425 1.00 60.72 ? 177 GLU A OE1 1 
ATOM 1216 O OE2 . GLU A 1 180 ? 8.392   -7.493  -14.372 1.00 63.84 ? 177 GLU A OE2 1 
ATOM 1217 N N   . GLU A 1 181 ? 8.288   -4.524  -12.479 1.00 49.53 ? 178 GLU A N   1 
ATOM 1218 C CA  . GLU A 1 181 ? 9.314   -3.764  -13.195 1.00 46.19 ? 178 GLU A CA  1 
ATOM 1219 C C   . GLU A 1 181 ? 9.598   -2.451  -12.478 1.00 43.29 ? 178 GLU A C   1 
ATOM 1220 O O   . GLU A 1 181 ? 10.475  -1.692  -12.865 1.00 43.81 ? 178 GLU A O   1 
ATOM 1221 C CB  . GLU A 1 181 ? 8.851   -3.452  -14.605 1.00 47.97 ? 178 GLU A CB  1 
ATOM 1222 C CG  . GLU A 1 181 ? 8.519   -4.641  -15.430 1.00 48.77 ? 178 GLU A CG  1 
ATOM 1223 C CD  . GLU A 1 181 ? 7.544   -4.271  -16.514 1.00 50.76 ? 178 GLU A CD  1 
ATOM 1224 O OE1 . GLU A 1 181 ? 7.667   -3.142  -17.042 1.00 49.52 ? 178 GLU A OE1 1 
ATOM 1225 O OE2 . GLU A 1 181 ? 6.664   -5.100  -16.837 1.00 51.03 ? 178 GLU A OE2 1 
ATOM 1226 N N   . MET A 1 182 ? 8.820   -2.185  -11.446 1.00 39.70 ? 179 MET A N   1 
ATOM 1227 C CA  . MET A 1 182 ? 8.977   -0.990  -10.647 1.00 38.68 ? 179 MET A CA  1 
ATOM 1228 C C   . MET A 1 182 ? 10.474  -0.762  -10.396 1.00 38.66 ? 179 MET A C   1 
ATOM 1229 O O   . MET A 1 182 ? 10.947  0.373   -10.397 1.00 39.88 ? 179 MET A O   1 
ATOM 1230 C CB  . MET A 1 182 ? 8.179   -1.185  -9.343  1.00 36.74 ? 179 MET A CB  1 
ATOM 1231 C CG  . MET A 1 182 ? 8.351   -0.154  -8.239  1.00 29.69 ? 179 MET A CG  1 
ATOM 1232 S SD  . MET A 1 182 ? 9.964   -0.231  -7.533  1.00 25.61 ? 179 MET A SD  1 
ATOM 1233 C CE  . MET A 1 182 ? 9.860   -1.753  -6.573  1.00 29.86 ? 179 MET A CE  1 
ATOM 1234 N N   . GLY A 1 183 ? 11.213  -1.849  -10.209 1.00 37.37 ? 180 GLY A N   1 
ATOM 1235 C CA  . GLY A 1 183 ? 12.642  -1.764  -9.955  1.00 38.82 ? 180 GLY A CA  1 
ATOM 1236 C C   . GLY A 1 183 ? 13.499  -1.245  -11.102 1.00 38.59 ? 180 GLY A C   1 
ATOM 1237 O O   . GLY A 1 183 ? 14.332  -0.358  -10.909 1.00 39.33 ? 180 GLY A O   1 
ATOM 1238 N N   . LYS A 1 184 ? 13.303  -1.804  -12.292 1.00 37.76 ? 181 LYS A N   1 
ATOM 1239 C CA  . LYS A 1 184 ? 14.045  -1.393  -13.477 1.00 35.63 ? 181 LYS A CA  1 
ATOM 1240 C C   . LYS A 1 184 ? 13.780  0.092   -13.744 1.00 34.70 ? 181 LYS A C   1 
ATOM 1241 O O   . LYS A 1 184 ? 14.700  0.880   -13.972 1.00 35.59 ? 181 LYS A O   1 
ATOM 1242 C CB  . LYS A 1 184 ? 13.585  -2.220  -14.687 1.00 36.43 ? 181 LYS A CB  1 
ATOM 1243 C CG  . LYS A 1 184 ? 14.503  -2.165  -15.904 1.00 36.11 ? 181 LYS A CG  1 
ATOM 1244 C CD  . LYS A 1 184 ? 13.829  -2.697  -17.172 1.00 33.66 ? 181 LYS A CD  1 
ATOM 1245 C CE  . LYS A 1 184 ? 12.866  -1.681  -17.773 1.00 33.64 ? 181 LYS A CE  1 
ATOM 1246 N NZ  . LYS A 1 184 ? 13.531  -0.368  -18.106 1.00 29.59 ? 181 LYS A NZ  1 
ATOM 1247 N N   . VAL A 1 185 ? 12.508  0.460   -13.712 1.00 34.85 ? 182 VAL A N   1 
ATOM 1248 C CA  . VAL A 1 185 ? 12.079  1.838   -13.961 1.00 34.46 ? 182 VAL A CA  1 
ATOM 1249 C C   . VAL A 1 185 ? 12.667  2.792   -12.936 1.00 34.85 ? 182 VAL A C   1 
ATOM 1250 O O   . VAL A 1 185 ? 13.223  3.844   -13.296 1.00 34.86 ? 182 VAL A O   1 
ATOM 1251 C CB  . VAL A 1 185 ? 10.537  1.960   -13.907 1.00 33.78 ? 182 VAL A CB  1 
ATOM 1252 C CG1 . VAL A 1 185 ? 10.101  3.381   -14.307 1.00 33.78 ? 182 VAL A CG1 1 
ATOM 1253 C CG2 . VAL A 1 185 ? 9.906   0.918   -14.819 1.00 34.65 ? 182 VAL A CG2 1 
ATOM 1254 N N   . ARG A 1 186 ? 12.522  2.432   -11.662 1.00 33.42 ? 183 ARG A N   1 
ATOM 1255 C CA  . ARG A 1 186 ? 13.040  3.245   -10.567 1.00 32.79 ? 183 ARG A CA  1 
ATOM 1256 C C   . ARG A 1 186 ? 14.507  3.506   -10.824 1.00 31.09 ? 183 ARG A C   1 
ATOM 1257 O O   . ARG A 1 186 ? 14.970  4.646   -10.820 1.00 29.56 ? 183 ARG A O   1 
ATOM 1258 C CB  . ARG A 1 186 ? 12.873  2.512   -9.232  1.00 32.71 ? 183 ARG A CB  1 
ATOM 1259 C CG  . ARG A 1 186 ? 13.525  3.217   -8.056  1.00 36.75 ? 183 ARG A CG  1 
ATOM 1260 C CD  . ARG A 1 186 ? 13.287  2.491   -6.708  1.00 38.79 ? 183 ARG A CD  1 
ATOM 1261 N NE  . ARG A 1 186 ? 13.632  1.064   -6.710  1.00 41.73 ? 183 ARG A NE  1 
ATOM 1262 C CZ  . ARG A 1 186 ? 14.818  0.555   -7.053  1.00 42.17 ? 183 ARG A CZ  1 
ATOM 1263 N NH1 . ARG A 1 186 ? 15.808  1.358   -7.434  1.00 41.79 ? 183 ARG A NH1 1 
ATOM 1264 N NH2 . ARG A 1 186 ? 15.010  -0.765  -7.032  1.00 38.36 ? 183 ARG A NH2 1 
ATOM 1265 N N   . ASP A 1 187 ? 15.244  2.432   -11.053 1.00 31.40 ? 184 ASP A N   1 
ATOM 1266 C CA  . ASP A 1 187 ? 16.659  2.579   -11.312 1.00 31.43 ? 184 ASP A CA  1 
ATOM 1267 C C   . ASP A 1 187 ? 16.950  3.451   -12.539 1.00 27.87 ? 184 ASP A C   1 
ATOM 1268 O O   . ASP A 1 187 ? 17.862  4.266   -12.510 1.00 28.47 ? 184 ASP A O   1 
ATOM 1269 C CB  . ASP A 1 187 ? 17.301  1.195   -11.444 1.00 33.87 ? 184 ASP A CB  1 
ATOM 1270 C CG  . ASP A 1 187 ? 17.222  0.400   -10.148 1.00 39.17 ? 184 ASP A CG  1 
ATOM 1271 O OD1 . ASP A 1 187 ? 17.467  0.993   -9.079  1.00 39.18 ? 184 ASP A OD1 1 
ATOM 1272 O OD2 . ASP A 1 187 ? 16.917  -0.813  -10.192 1.00 42.84 ? 184 ASP A OD2 1 
ATOM 1273 N N   . ALA A 1 188 ? 16.167  3.305   -13.604 1.00 26.71 ? 185 ALA A N   1 
ATOM 1274 C CA  . ALA A 1 188 ? 16.407  4.102   -14.809 1.00 24.95 ? 185 ALA A CA  1 
ATOM 1275 C C   . ALA A 1 188 ? 16.275  5.587   -14.505 1.00 24.54 ? 185 ALA A C   1 
ATOM 1276 O O   . ALA A 1 188 ? 17.110  6.394   -14.918 1.00 26.86 ? 185 ALA A O   1 
ATOM 1277 C CB  . ALA A 1 188 ? 15.445  3.704   -15.927 1.00 22.03 ? 185 ALA A CB  1 
ATOM 1278 N N   . LEU A 1 189 ? 15.225  5.957   -13.792 1.00 25.17 ? 186 LEU A N   1 
ATOM 1279 C CA  . LEU A 1 189 ? 15.050  7.343   -13.450 1.00 25.86 ? 186 LEU A CA  1 
ATOM 1280 C C   . LEU A 1 189 ? 16.246  7.870   -12.624 1.00 26.80 ? 186 LEU A C   1 
ATOM 1281 O O   . LEU A 1 189 ? 16.690  8.999   -12.828 1.00 21.49 ? 186 LEU A O   1 
ATOM 1282 C CB  . LEU A 1 189 ? 13.723  7.518   -12.704 1.00 25.65 ? 186 LEU A CB  1 
ATOM 1283 C CG  . LEU A 1 189 ? 12.506  7.084   -13.526 1.00 30.24 ? 186 LEU A CG  1 
ATOM 1284 C CD1 . LEU A 1 189 ? 11.222  7.277   -12.716 1.00 31.20 ? 186 LEU A CD1 1 
ATOM 1285 C CD2 . LEU A 1 189 ? 12.447  7.872   -14.829 1.00 27.75 ? 186 LEU A CD2 1 
ATOM 1286 N N   . GLU A 1 190 ? 16.777  7.043   -11.717 1.00 28.75 ? 187 GLU A N   1 
ATOM 1287 C CA  . GLU A 1 190 ? 17.915  7.441   -10.885 1.00 31.42 ? 187 GLU A CA  1 
ATOM 1288 C C   . GLU A 1 190 ? 19.204  7.635   -11.693 1.00 32.07 ? 187 GLU A C   1 
ATOM 1289 O O   . GLU A 1 190 ? 19.891  8.663   -11.571 1.00 32.09 ? 187 GLU A O   1 
ATOM 1290 C CB  . GLU A 1 190 ? 18.212  6.390   -9.812  1.00 34.21 ? 187 GLU A CB  1 
ATOM 1291 C CG  . GLU A 1 190 ? 17.322  6.375   -8.600  1.00 39.18 ? 187 GLU A CG  1 
ATOM 1292 C CD  . GLU A 1 190 ? 17.896  5.465   -7.523  1.00 41.83 ? 187 GLU A CD  1 
ATOM 1293 O OE1 . GLU A 1 190 ? 19.090  5.646   -7.185  1.00 40.34 ? 187 GLU A OE1 1 
ATOM 1294 O OE2 . GLU A 1 190 ? 17.165  4.577   -7.024  1.00 41.12 ? 187 GLU A OE2 1 
ATOM 1295 N N   . ALA A 1 191 ? 19.544  6.629   -12.495 1.00 31.17 ? 188 ALA A N   1 
ATOM 1296 C CA  . ALA A 1 191 ? 20.754  6.676   -13.311 1.00 32.16 ? 188 ALA A CA  1 
ATOM 1297 C C   . ALA A 1 191 ? 20.635  7.847   -14.271 1.00 32.04 ? 188 ALA A C   1 
ATOM 1298 O O   . ALA A 1 191 ? 21.614  8.290   -14.872 1.00 31.21 ? 188 ALA A O   1 
ATOM 1299 C CB  . ALA A 1 191 ? 20.915  5.374   -14.093 1.00 31.36 ? 188 ALA A CB  1 
ATOM 1300 N N   . ALA A 1 192 ? 19.412  8.332   -14.414 1.00 31.28 ? 189 ALA A N   1 
ATOM 1301 C CA  . ALA A 1 192 ? 19.126  9.444   -15.297 1.00 31.10 ? 189 ALA A CA  1 
ATOM 1302 C C   . ALA A 1 192 ? 19.085  10.771  -14.547 1.00 30.92 ? 189 ALA A C   1 
ATOM 1303 O O   . ALA A 1 192 ? 18.691  11.785  -15.114 1.00 31.22 ? 189 ALA A O   1 
ATOM 1304 C CB  . ALA A 1 192 ? 17.801  9.208   -15.983 1.00 31.34 ? 189 ALA A CB  1 
ATOM 1305 N N   . GLY A 1 193 ? 19.494  10.767  -13.279 1.00 32.36 ? 190 GLY A N   1 
ATOM 1306 C CA  . GLY A 1 193 ? 19.461  11.988  -12.495 1.00 31.81 ? 190 GLY A CA  1 
ATOM 1307 C C   . GLY A 1 193 ? 18.025  12.381  -12.139 1.00 34.22 ? 190 GLY A C   1 
ATOM 1308 O O   . GLY A 1 193 ? 17.723  13.561  -11.925 1.00 30.44 ? 190 GLY A O   1 
ATOM 1309 N N   . LEU A 1 194 ? 17.133  11.389  -12.073 1.00 33.47 ? 191 LEU A N   1 
ATOM 1310 C CA  . LEU A 1 194 ? 15.723  11.637  -11.750 1.00 33.97 ? 191 LEU A CA  1 
ATOM 1311 C C   . LEU A 1 194 ? 15.247  10.727  -10.623 1.00 33.23 ? 191 LEU A C   1 
ATOM 1312 O O   . LEU A 1 194 ? 14.425  9.835   -10.820 1.00 31.47 ? 191 LEU A O   1 
ATOM 1313 C CB  . LEU A 1 194 ? 14.863  11.436  -13.001 1.00 34.36 ? 191 LEU A CB  1 
ATOM 1314 C CG  . LEU A 1 194 ? 15.090  12.511  -14.066 1.00 34.20 ? 191 LEU A CG  1 
ATOM 1315 C CD1 . LEU A 1 194 ? 14.381  12.146  -15.348 1.00 35.00 ? 191 LEU A CD1 1 
ATOM 1316 C CD2 . LEU A 1 194 ? 14.583  13.840  -13.542 1.00 35.44 ? 191 LEU A CD2 1 
ATOM 1317 N N   . LYS A 1 195 ? 15.789  10.980  -9.438  1.00 34.46 ? 192 LYS A N   1 
ATOM 1318 C CA  . LYS A 1 195 ? 15.505  10.206  -8.239  1.00 35.27 ? 192 LYS A CA  1 
ATOM 1319 C C   . LYS A 1 195 ? 14.082  10.361  -7.701  1.00 35.34 ? 192 LYS A C   1 
ATOM 1320 O O   . LYS A 1 195 ? 13.617  11.467  -7.416  1.00 32.38 ? 192 LYS A O   1 
ATOM 1321 C CB  . LYS A 1 195 ? 16.513  10.598  -7.155  1.00 38.19 ? 192 LYS A CB  1 
ATOM 1322 C CG  . LYS A 1 195 ? 16.503  9.726   -5.911  1.00 41.00 ? 192 LYS A CG  1 
ATOM 1323 C CD  . LYS A 1 195 ? 17.451  8.553   -6.042  1.00 41.10 ? 192 LYS A CD  1 
ATOM 1324 C CE  . LYS A 1 195 ? 17.389  7.675   -4.802  1.00 42.51 ? 192 LYS A CE  1 
ATOM 1325 N NZ  . LYS A 1 195 ? 18.244  6.459   -4.914  1.00 43.29 ? 192 LYS A NZ  1 
ATOM 1326 N N   . ALA A 1 196 ? 13.404  9.230   -7.550  1.00 36.33 ? 193 ALA A N   1 
ATOM 1327 C CA  . ALA A 1 196 ? 12.049  9.207   -7.023  1.00 38.43 ? 193 ALA A CA  1 
ATOM 1328 C C   . ALA A 1 196 ? 12.115  9.340   -5.506  1.00 39.35 ? 193 ALA A C   1 
ATOM 1329 O O   . ALA A 1 196 ? 13.086  8.920   -4.872  1.00 41.14 ? 193 ALA A O   1 
ATOM 1330 C CB  . ALA A 1 196 ? 11.370  7.908   -7.389  1.00 37.14 ? 193 ALA A CB  1 
ATOM 1331 N N   . ASP A 1 197 ? 11.080  9.920   -4.922  1.00 38.36 ? 194 ASP A N   1 
ATOM 1332 C CA  . ASP A 1 197 ? 11.056  10.087  -3.482  1.00 41.17 ? 194 ASP A CA  1 
ATOM 1333 C C   . ASP A 1 197 ? 10.646  8.769   -2.827  1.00 42.17 ? 194 ASP A C   1 
ATOM 1334 O O   . ASP A 1 197 ? 11.073  8.452   -1.722  1.00 42.82 ? 194 ASP A O   1 
ATOM 1335 C CB  . ASP A 1 197 ? 10.118  11.238  -3.124  1.00 40.96 ? 194 ASP A CB  1 
ATOM 1336 C CG  . ASP A 1 197 ? 10.512  12.543  -3.825  1.00 41.32 ? 194 ASP A CG  1 
ATOM 1337 O OD1 . ASP A 1 197 ? 11.682  12.950  -3.700  1.00 45.62 ? 194 ASP A OD1 1 
ATOM 1338 O OD2 . ASP A 1 197 ? 9.668   13.164  -4.508  1.00 41.87 ? 194 ASP A OD2 1 
ATOM 1339 N N   . SER A 1 198 ? 9.839   7.985   -3.536  1.00 42.70 ? 195 SER A N   1 
ATOM 1340 C CA  . SER A 1 198 ? 9.392   6.691   -3.044  1.00 43.52 ? 195 SER A CA  1 
ATOM 1341 C C   . SER A 1 198 ? 9.075   5.823   -4.249  1.00 43.99 ? 195 SER A C   1 
ATOM 1342 O O   . SER A 1 198 ? 8.756   6.341   -5.324  1.00 45.14 ? 195 SER A O   1 
ATOM 1343 C CB  . SER A 1 198 ? 8.146   6.842   -2.144  1.00 44.66 ? 195 SER A CB  1 
ATOM 1344 O OG  . SER A 1 198 ? 7.079   7.515   -2.806  1.00 43.28 ? 195 SER A OG  1 
ATOM 1345 N N   . ALA A 1 199 ? 9.181   4.511   -4.075  1.00 44.09 ? 196 ALA A N   1 
ATOM 1346 C CA  . ALA A 1 199 ? 8.903   3.565   -5.146  1.00 46.57 ? 196 ALA A CA  1 
ATOM 1347 C C   . ALA A 1 199 ? 8.443   2.248   -4.530  1.00 48.68 ? 196 ALA A C   1 
ATOM 1348 O O   . ALA A 1 199 ? 9.268   1.403   -4.167  1.00 47.88 ? 196 ALA A O   1 
ATOM 1349 C CB  . ALA A 1 199 ? 10.160  3.337   -5.989  1.00 46.84 ? 196 ALA A CB  1 
ATOM 1350 N N   . GLU A 1 200 ? 7.126   2.080   -4.425  1.00 50.08 ? 197 GLU A N   1 
ATOM 1351 C CA  . GLU A 1 200 ? 6.540   0.877   -3.837  1.00 50.79 ? 197 GLU A CA  1 
ATOM 1352 C C   . GLU A 1 200 ? 5.694   0.091   -4.837  1.00 50.85 ? 197 GLU A C   1 
ATOM 1353 O O   . GLU A 1 200 ? 5.621   0.426   -6.020  1.00 51.24 ? 197 GLU A O   1 
ATOM 1354 C CB  . GLU A 1 200 ? 5.652   1.262   -2.662  1.00 51.49 ? 197 GLU A CB  1 
ATOM 1355 C CG  . GLU A 1 200 ? 4.333   1.855   -3.117  1.00 53.84 ? 197 GLU A CG  1 
ATOM 1356 C CD  . GLU A 1 200 ? 3.598   2.571   -2.011  1.00 55.22 ? 197 GLU A CD  1 
ATOM 1357 O OE1 . GLU A 1 200 ? 3.325   1.941   -0.967  1.00 57.42 ? 197 GLU A OE1 1 
ATOM 1358 O OE2 . GLU A 1 200 ? 3.290   3.766   -2.190  1.00 55.81 ? 197 GLU A OE2 1 
ATOM 1359 N N   . VAL A 1 201 ? 5.046   -0.950  -4.321  1.00 50.06 ? 198 VAL A N   1 
ATOM 1360 C CA  . VAL A 1 201 ? 4.173   -1.832  -5.094  1.00 49.20 ? 198 VAL A CA  1 
ATOM 1361 C C   . VAL A 1 201 ? 2.837   -1.971  -4.365  1.00 49.04 ? 198 VAL A C   1 
ATOM 1362 O O   . VAL A 1 201 ? 2.755   -2.645  -3.341  1.00 51.28 ? 198 VAL A O   1 
ATOM 1363 C CB  . VAL A 1 201 ? 4.784   -3.241  -5.228  1.00 47.63 ? 198 VAL A CB  1 
ATOM 1364 C CG1 . VAL A 1 201 ? 3.742   -4.212  -5.774  1.00 47.84 ? 198 VAL A CG1 1 
ATOM 1365 C CG2 . VAL A 1 201 ? 6.000   -3.190  -6.141  1.00 47.18 ? 198 VAL A CG2 1 
ATOM 1366 N N   . SER A 1 202 ? 1.792   -1.340  -4.884  1.00 47.05 ? 199 SER A N   1 
ATOM 1367 C CA  . SER A 1 202 ? 0.487   -1.424  -4.252  1.00 44.87 ? 199 SER A CA  1 
ATOM 1368 C C   . SER A 1 202 ? -0.597  -1.980  -5.162  1.00 45.26 ? 199 SER A C   1 
ATOM 1369 O O   . SER A 1 202 ? -0.307  -2.544  -6.221  1.00 43.76 ? 199 SER A O   1 
ATOM 1370 C CB  . SER A 1 202 ? 0.075   -0.050  -3.701  1.00 44.34 ? 199 SER A CB  1 
ATOM 1371 O OG  . SER A 1 202 ? 0.558   1.015   -4.499  1.00 43.20 ? 199 SER A OG  1 
ATOM 1372 N N   . MET A 1 203 ? -1.843  -1.860  -4.712  1.00 46.25 ? 200 MET A N   1 
ATOM 1373 C CA  . MET A 1 203 ? -2.999  -2.328  -5.472  1.00 46.43 ? 200 MET A CA  1 
ATOM 1374 C C   . MET A 1 203 ? -3.769  -1.062  -5.828  1.00 48.22 ? 200 MET A C   1 
ATOM 1375 O O   . MET A 1 203 ? -4.297  -0.377  -4.950  1.00 47.17 ? 200 MET A O   1 
ATOM 1376 C CB  . MET A 1 203 ? -3.865  -3.250  -4.614  1.00 46.35 ? 200 MET A CB  1 
ATOM 1377 C CG  . MET A 1 203 ? -4.345  -4.517  -5.325  1.00 46.10 ? 200 MET A CG  1 
ATOM 1378 S SD  . MET A 1 203 ? -3.057  -5.758  -5.619  1.00 42.23 ? 200 MET A SD  1 
ATOM 1379 C CE  . MET A 1 203 ? -3.934  -6.792  -6.715  1.00 45.27 ? 200 MET A CE  1 
ATOM 1380 N N   . ILE A 1 204 ? -3.823  -0.751  -7.119  1.00 50.07 ? 201 ILE A N   1 
ATOM 1381 C CA  . ILE A 1 204 ? -4.487  0.461   -7.579  1.00 51.33 ? 201 ILE A CA  1 
ATOM 1382 C C   . ILE A 1 204 ? -5.916  0.255   -8.055  1.00 52.77 ? 201 ILE A C   1 
ATOM 1383 O O   . ILE A 1 204 ? -6.192  -0.605  -8.899  1.00 53.12 ? 201 ILE A O   1 
ATOM 1384 C CB  . ILE A 1 204 ? -3.666  1.132   -8.704  1.00 51.11 ? 201 ILE A CB  1 
ATOM 1385 C CG1 . ILE A 1 204 ? -2.237  1.374   -8.216  1.00 50.14 ? 201 ILE A CG1 1 
ATOM 1386 C CG2 . ILE A 1 204 ? -4.314  2.454   -9.116  1.00 51.57 ? 201 ILE A CG2 1 
ATOM 1387 C CD1 . ILE A 1 204 ? -2.158  2.191   -6.940  1.00 49.46 ? 201 ILE A CD1 1 
ATOM 1388 N N   . PRO A 1 205 ? -6.849  1.046   -7.509  1.00 54.76 ? 202 PRO A N   1 
ATOM 1389 C CA  . PRO A 1 205 ? -8.263  0.959   -7.874  1.00 56.98 ? 202 PRO A CA  1 
ATOM 1390 C C   . PRO A 1 205 ? -8.544  1.675   -9.195  1.00 59.11 ? 202 PRO A C   1 
ATOM 1391 O O   . PRO A 1 205 ? -8.009  2.756   -9.460  1.00 59.26 ? 202 PRO A O   1 
ATOM 1392 C CB  . PRO A 1 205 ? -8.957  1.630   -6.693  1.00 57.09 ? 202 PRO A CB  1 
ATOM 1393 C CG  . PRO A 1 205 ? -7.996  2.728   -6.347  1.00 54.94 ? 202 PRO A CG  1 
ATOM 1394 C CD  . PRO A 1 205 ? -6.654  2.010   -6.409  1.00 55.17 ? 202 PRO A CD  1 
ATOM 1395 N N   . SER A 1 206 ? -9.390  1.060   -10.015 1.00 61.79 ? 203 SER A N   1 
ATOM 1396 C CA  . SER A 1 206 ? -9.767  1.615   -11.313 1.00 63.12 ? 203 SER A CA  1 
ATOM 1397 C C   . SER A 1 206 ? -11.100 2.338   -11.194 1.00 64.10 ? 203 SER A C   1 
ATOM 1398 O O   . SER A 1 206 ? -11.833 2.463   -12.173 1.00 65.37 ? 203 SER A O   1 
ATOM 1399 C CB  . SER A 1 206 ? -9.900  0.491   -12.338 1.00 63.22 ? 203 SER A CB  1 
ATOM 1400 O OG  . SER A 1 206 ? -10.877 -0.447  -11.923 1.00 63.28 ? 203 SER A OG  1 
ATOM 1401 N N   . THR A 1 207 ? -11.410 2.811   -9.990  1.00 64.95 ? 204 THR A N   1 
ATOM 1402 C CA  . THR A 1 207 ? -12.667 3.503   -9.729  1.00 65.09 ? 204 THR A CA  1 
ATOM 1403 C C   . THR A 1 207 ? -12.524 4.443   -8.535  1.00 65.71 ? 204 THR A C   1 
ATOM 1404 O O   . THR A 1 207 ? -11.625 4.281   -7.716  1.00 66.24 ? 204 THR A O   1 
ATOM 1405 C CB  . THR A 1 207 ? -13.798 2.491   -9.440  1.00 65.19 ? 204 THR A CB  1 
ATOM 1406 O OG1 . THR A 1 207 ? -13.363 1.555   -8.440  1.00 64.61 ? 204 THR A OG1 1 
ATOM 1407 C CG2 . THR A 1 207 ? -14.171 1.732   -10.710 1.00 64.39 ? 204 THR A CG2 1 
ATOM 1408 N N   . LYS A 1 208 ? -13.417 5.421   -8.437  1.00 66.15 ? 205 LYS A N   1 
ATOM 1409 C CA  . LYS A 1 208 ? -13.356 6.387   -7.349  1.00 65.84 ? 205 LYS A CA  1 
ATOM 1410 C C   . LYS A 1 208 ? -14.530 6.309   -6.398  1.00 65.43 ? 205 LYS A C   1 
ATOM 1411 O O   . LYS A 1 208 ? -15.682 6.194   -6.817  1.00 65.45 ? 205 LYS A O   1 
ATOM 1412 C CB  . LYS A 1 208 ? -13.266 7.813   -7.904  1.00 66.94 ? 205 LYS A CB  1 
ATOM 1413 C CG  . LYS A 1 208 ? -13.403 8.905   -6.845  1.00 68.11 ? 205 LYS A CG  1 
ATOM 1414 C CD  . LYS A 1 208 ? -14.778 9.574   -6.859  1.00 68.85 ? 205 LYS A CD  1 
ATOM 1415 C CE  . LYS A 1 208 ? -14.979 10.394  -8.132  1.00 70.43 ? 205 LYS A CE  1 
ATOM 1416 N NZ  . LYS A 1 208 ? -16.159 11.311  -8.061  1.00 71.19 ? 205 LYS A NZ  1 
ATOM 1417 N N   . ALA A 1 209 ? -14.218 6.390   -5.109  1.00 64.38 ? 206 ALA A N   1 
ATOM 1418 C CA  . ALA A 1 209 ? -15.226 6.359   -4.063  1.00 63.94 ? 206 ALA A CA  1 
ATOM 1419 C C   . ALA A 1 209 ? -15.278 7.719   -3.377  1.00 62.90 ? 206 ALA A C   1 
ATOM 1420 O O   . ALA A 1 209 ? -14.560 7.949   -2.401  1.00 63.75 ? 206 ALA A O   1 
ATOM 1421 C CB  . ALA A 1 209 ? -14.890 5.274   -3.039  1.00 64.75 ? 206 ALA A CB  1 
ATOM 1422 N N   . ASP A 1 210 ? -16.105 8.623   -3.894  1.00 61.08 ? 207 ASP A N   1 
ATOM 1423 C CA  . ASP A 1 210 ? -16.243 9.948   -3.288  1.00 59.54 ? 207 ASP A CA  1 
ATOM 1424 C C   . ASP A 1 210 ? -16.384 9.776   -1.777  1.00 56.68 ? 207 ASP A C   1 
ATOM 1425 O O   . ASP A 1 210 ? -16.874 8.749   -1.317  1.00 56.31 ? 207 ASP A O   1 
ATOM 1426 C CB  . ASP A 1 210 ? -17.486 10.661  -3.832  1.00 61.10 ? 207 ASP A CB  1 
ATOM 1427 C CG  . ASP A 1 210 ? -17.255 11.313  -5.194  1.00 62.49 ? 207 ASP A CG  1 
ATOM 1428 O OD1 . ASP A 1 210 ? -16.481 12.301  -5.267  1.00 61.91 ? 207 ASP A OD1 1 
ATOM 1429 O OD2 . ASP A 1 210 ? -17.857 10.846  -6.186  1.00 61.59 ? 207 ASP A OD2 1 
ATOM 1430 N N   . MET A 1 211 ? -15.956 10.778  -1.018  1.00 54.03 ? 208 MET A N   1 
ATOM 1431 C CA  . MET A 1 211 ? -16.040 10.746  0.443   1.00 53.02 ? 208 MET A CA  1 
ATOM 1432 C C   . MET A 1 211 ? -16.360 12.137  1.009   1.00 53.07 ? 208 MET A C   1 
ATOM 1433 O O   . MET A 1 211 ? -15.929 13.162  0.469   1.00 52.58 ? 208 MET A O   1 
ATOM 1434 C CB  . MET A 1 211 ? -14.709 10.277  1.055   1.00 53.15 ? 208 MET A CB  1 
ATOM 1435 C CG  . MET A 1 211 ? -14.237 8.875   0.663   1.00 50.53 ? 208 MET A CG  1 
ATOM 1436 S SD  . MET A 1 211 ? -15.068 7.572   1.559   1.00 49.20 ? 208 MET A SD  1 
ATOM 1437 C CE  . MET A 1 211 ? -15.196 6.323   0.254   1.00 48.19 ? 208 MET A CE  1 
ATOM 1438 N N   . ASP A 1 212 ? -17.103 12.171  2.109   1.00 52.35 ? 209 ASP A N   1 
ATOM 1439 C CA  . ASP A 1 212 ? -17.450 13.432  2.751   1.00 51.98 ? 209 ASP A CA  1 
ATOM 1440 C C   . ASP A 1 212 ? -16.897 13.418  4.174   1.00 51.66 ? 209 ASP A C   1 
ATOM 1441 O O   . ASP A 1 212 ? -16.365 12.399  4.624   1.00 50.37 ? 209 ASP A O   1 
ATOM 1442 C CB  . ASP A 1 212 ? -18.967 13.611  2.772   1.00 51.84 ? 209 ASP A CB  1 
ATOM 1443 C CG  . ASP A 1 212 ? -19.691 12.353  3.193   1.00 52.27 ? 209 ASP A CG  1 
ATOM 1444 O OD1 . ASP A 1 212 ? -19.750 11.401  2.381   1.00 52.79 ? 209 ASP A OD1 1 
ATOM 1445 O OD2 . ASP A 1 212 ? -20.187 12.310  4.335   1.00 51.52 ? 209 ASP A OD2 1 
ATOM 1446 N N   . ALA A 1 213 ? -17.020 14.540  4.881   1.00 51.52 ? 210 ALA A N   1 
ATOM 1447 C CA  . ALA A 1 213 ? -16.512 14.641  6.254   1.00 52.17 ? 210 ALA A CA  1 
ATOM 1448 C C   . ALA A 1 213 ? -17.162 13.623  7.171   1.00 52.87 ? 210 ALA A C   1 
ATOM 1449 O O   . ALA A 1 213 ? -16.760 13.465  8.325   1.00 52.70 ? 210 ALA A O   1 
ATOM 1450 C CB  . ALA A 1 213 ? -16.739 16.035  6.799   1.00 51.50 ? 210 ALA A CB  1 
ATOM 1451 N N   . GLU A 1 214 ? -18.166 12.927  6.650   1.00 54.11 ? 211 GLU A N   1 
ATOM 1452 C CA  . GLU A 1 214 ? -18.875 11.925  7.435   1.00 55.53 ? 211 GLU A CA  1 
ATOM 1453 C C   . GLU A 1 214 ? -18.449 10.492  7.169   1.00 53.94 ? 211 GLU A C   1 
ATOM 1454 O O   . GLU A 1 214 ? -18.288 9.716   8.100   1.00 54.21 ? 211 GLU A O   1 
ATOM 1455 C CB  . GLU A 1 214 ? -20.383 12.042  7.208   1.00 56.92 ? 211 GLU A CB  1 
ATOM 1456 C CG  . GLU A 1 214 ? -20.990 13.307  7.770   1.00 60.68 ? 211 GLU A CG  1 
ATOM 1457 C CD  . GLU A 1 214 ? -22.501 13.262  7.740   1.00 62.14 ? 211 GLU A CD  1 
ATOM 1458 O OE1 . GLU A 1 214 ? -23.065 13.133  6.632   1.00 62.03 ? 211 GLU A OE1 1 
ATOM 1459 O OE2 . GLU A 1 214 ? -23.116 13.347  8.828   1.00 63.28 ? 211 GLU A OE2 1 
ATOM 1460 N N   . THR A 1 215 ? -18.276 10.141  5.901   1.00 53.41 ? 212 THR A N   1 
ATOM 1461 C CA  . THR A 1 215 ? -17.895 8.785   5.546   1.00 52.77 ? 212 THR A CA  1 
ATOM 1462 C C   . THR A 1 215 ? -16.395 8.646   5.277   1.00 53.21 ? 212 THR A C   1 
ATOM 1463 O O   . THR A 1 215 ? -15.961 7.712   4.599   1.00 53.19 ? 212 THR A O   1 
ATOM 1464 C CB  . THR A 1 215 ? -18.674 8.314   4.309   1.00 51.52 ? 212 THR A CB  1 
ATOM 1465 O OG1 . THR A 1 215 ? -17.987 8.727   3.123   1.00 54.36 ? 212 THR A OG1 1 
ATOM 1466 C CG2 . THR A 1 215 ? -20.066 8.924   4.306   1.00 50.95 ? 212 THR A CG2 1 
ATOM 1467 N N   . ALA A 1 216 ? -15.607 9.576   5.807   1.00 53.30 ? 213 ALA A N   1 
ATOM 1468 C CA  . ALA A 1 216 ? -14.160 9.523   5.629   1.00 53.21 ? 213 ALA A CA  1 
ATOM 1469 C C   . ALA A 1 216 ? -13.489 9.151   6.946   1.00 53.27 ? 213 ALA A C   1 
ATOM 1470 O O   . ALA A 1 216 ? -12.824 8.120   7.033   1.00 53.83 ? 213 ALA A O   1 
ATOM 1471 C CB  . ALA A 1 216 ? -13.630 10.852  5.127   1.00 54.13 ? 213 ALA A CB  1 
ATOM 1472 N N   . PRO A 1 217 ? -13.667 9.976   7.996   1.00 52.79 ? 214 PRO A N   1 
ATOM 1473 C CA  . PRO A 1 217 ? -13.033 9.640   9.278   1.00 52.26 ? 214 PRO A CA  1 
ATOM 1474 C C   . PRO A 1 217 ? -13.521 8.274   9.749   1.00 51.75 ? 214 PRO A C   1 
ATOM 1475 O O   . PRO A 1 217 ? -12.848 7.592   10.522  1.00 51.84 ? 214 PRO A O   1 
ATOM 1476 C CB  . PRO A 1 217 ? -13.483 10.782  10.198  1.00 51.98 ? 214 PRO A CB  1 
ATOM 1477 C CG  . PRO A 1 217 ? -14.829 11.143  9.649   1.00 51.90 ? 214 PRO A CG  1 
ATOM 1478 C CD  . PRO A 1 217 ? -14.592 11.116  8.151   1.00 51.73 ? 214 PRO A CD  1 
ATOM 1479 N N   . LYS A 1 218 ? -14.699 7.896   9.260   1.00 52.25 ? 215 LYS A N   1 
ATOM 1480 C CA  . LYS A 1 218 ? -15.335 6.618   9.576   1.00 53.42 ? 215 LYS A CA  1 
ATOM 1481 C C   . LYS A 1 218 ? -14.529 5.524   8.874   1.00 51.96 ? 215 LYS A C   1 
ATOM 1482 O O   . LYS A 1 218 ? -14.150 4.527   9.481   1.00 50.51 ? 215 LYS A O   1 
ATOM 1483 C CB  . LYS A 1 218 ? -16.791 6.642   9.078   1.00 55.23 ? 215 LYS A CB  1 
ATOM 1484 C CG  . LYS A 1 218 ? -17.682 5.516   9.583   1.00 56.53 ? 215 LYS A CG  1 
ATOM 1485 C CD  . LYS A 1 218 ? -19.161 5.923   9.490   1.00 55.90 ? 215 LYS A CD  1 
ATOM 1486 C CE  . LYS A 1 218 ? -20.108 4.720   9.601   1.00 55.16 ? 215 LYS A CE  1 
ATOM 1487 N NZ  . LYS A 1 218 ? -20.138 3.898   8.351   1.00 50.64 ? 215 LYS A NZ  1 
ATOM 1488 N N   . LEU A 1 219 ? -14.260 5.733   7.589   1.00 50.89 ? 216 LEU A N   1 
ATOM 1489 C CA  . LEU A 1 219 ? -13.466 4.793   6.818   1.00 50.52 ? 216 LEU A CA  1 
ATOM 1490 C C   . LEU A 1 219 ? -12.067 4.746   7.452   1.00 49.71 ? 216 LEU A C   1 
ATOM 1491 O O   . LEU A 1 219 ? -11.519 3.675   7.717   1.00 49.82 ? 216 LEU A O   1 
ATOM 1492 C CB  . LEU A 1 219 ? -13.362 5.270   5.365   1.00 50.77 ? 216 LEU A CB  1 
ATOM 1493 C CG  . LEU A 1 219 ? -12.748 4.324   4.326   1.00 52.04 ? 216 LEU A CG  1 
ATOM 1494 C CD1 . LEU A 1 219 ? -12.736 5.008   2.966   1.00 52.69 ? 216 LEU A CD1 1 
ATOM 1495 C CD2 . LEU A 1 219 ? -11.340 3.945   4.726   1.00 52.25 ? 216 LEU A CD2 1 
ATOM 1496 N N   . MET A 1 220 ? -11.501 5.923   7.700   1.00 48.08 ? 217 MET A N   1 
ATOM 1497 C CA  . MET A 1 220 ? -10.177 6.013   8.288   1.00 47.74 ? 217 MET A CA  1 
ATOM 1498 C C   . MET A 1 220 ? -10.090 5.264   9.615   1.00 48.15 ? 217 MET A C   1 
ATOM 1499 O O   . MET A 1 220 ? -9.014  4.849   10.018  1.00 49.05 ? 217 MET A O   1 
ATOM 1500 C CB  . MET A 1 220 ? -9.766  7.482   8.467   1.00 43.63 ? 217 MET A CB  1 
ATOM 1501 C CG  . MET A 1 220 ? -9.621  8.254   7.154   1.00 40.33 ? 217 MET A CG  1 
ATOM 1502 S SD  . MET A 1 220 ? -8.361  7.596   6.010   1.00 33.98 ? 217 MET A SD  1 
ATOM 1503 C CE  . MET A 1 220 ? -6.960  7.762   7.009   1.00 28.87 ? 217 MET A CE  1 
ATOM 1504 N N   . ARG A 1 221 ? -11.218 5.092   10.298  1.00 49.75 ? 218 ARG A N   1 
ATOM 1505 C CA  . ARG A 1 221 ? -11.211 4.356   11.562  1.00 49.74 ? 218 ARG A CA  1 
ATOM 1506 C C   . ARG A 1 221 ? -11.146 2.870   11.272  1.00 47.03 ? 218 ARG A C   1 
ATOM 1507 O O   . ARG A 1 221 ? -10.635 2.084   12.071  1.00 44.65 ? 218 ARG A O   1 
ATOM 1508 C CB  . ARG A 1 221 ? -12.467 4.651   12.389  1.00 52.82 ? 218 ARG A CB  1 
ATOM 1509 C CG  . ARG A 1 221 ? -12.323 5.842   13.315  1.00 57.87 ? 218 ARG A CG  1 
ATOM 1510 C CD  . ARG A 1 221 ? -11.193 5.629   14.325  1.00 62.59 ? 218 ARG A CD  1 
ATOM 1511 N NE  . ARG A 1 221 ? -10.910 6.844   15.093  1.00 65.15 ? 218 ARG A NE  1 
ATOM 1512 C CZ  . ARG A 1 221 ? -9.996  6.928   16.059  1.00 67.64 ? 218 ARG A CZ  1 
ATOM 1513 N NH1 . ARG A 1 221 ? -9.262  5.863   16.386  1.00 68.75 ? 218 ARG A NH1 1 
ATOM 1514 N NH2 . ARG A 1 221 ? -9.813  8.077   16.706  1.00 68.18 ? 218 ARG A NH2 1 
ATOM 1515 N N   . LEU A 1 222 ? -11.685 2.488   10.121  1.00 44.41 ? 219 LEU A N   1 
ATOM 1516 C CA  . LEU A 1 222 ? -11.685 1.097   9.743   1.00 42.70 ? 219 LEU A CA  1 
ATOM 1517 C C   . LEU A 1 222 ? -10.273 0.691   9.343   1.00 42.11 ? 219 LEU A C   1 
ATOM 1518 O O   . LEU A 1 222 ? -9.772  -0.351  9.759   1.00 41.43 ? 219 LEU A O   1 
ATOM 1519 C CB  . LEU A 1 222 ? -12.652 0.864   8.586   1.00 41.10 ? 219 LEU A CB  1 
ATOM 1520 C CG  . LEU A 1 222 ? -12.671 -0.574  8.072   1.00 35.88 ? 219 LEU A CG  1 
ATOM 1521 C CD1 . LEU A 1 222 ? -12.801 -1.561  9.224   1.00 36.11 ? 219 LEU A CD1 1 
ATOM 1522 C CD2 . LEU A 1 222 ? -13.799 -0.708  7.105   1.00 36.57 ? 219 LEU A CD2 1 
ATOM 1523 N N   . ILE A 1 223 ? -9.632  1.518   8.529   1.00 42.16 ? 220 ILE A N   1 
ATOM 1524 C CA  . ILE A 1 223 ? -8.276  1.220   8.113   1.00 41.57 ? 220 ILE A CA  1 
ATOM 1525 C C   . ILE A 1 223 ? -7.415  1.113   9.368   1.00 41.70 ? 220 ILE A C   1 
ATOM 1526 O O   . ILE A 1 223 ? -6.535  0.264   9.454   1.00 41.84 ? 220 ILE A O   1 
ATOM 1527 C CB  . ILE A 1 223 ? -7.719  2.327   7.206   1.00 43.71 ? 220 ILE A CB  1 
ATOM 1528 C CG1 . ILE A 1 223 ? -8.396  2.265   5.834   1.00 43.12 ? 220 ILE A CG1 1 
ATOM 1529 C CG2 . ILE A 1 223 ? -6.218  2.166   7.066   1.00 43.69 ? 220 ILE A CG2 1 
ATOM 1530 C CD1 . ILE A 1 223 ? -7.996  3.383   4.922   1.00 45.98 ? 220 ILE A CD1 1 
ATOM 1531 N N   . ASP A 1 224 ? -7.687  1.975   10.344  1.00 40.74 ? 221 ASP A N   1 
ATOM 1532 C CA  . ASP A 1 224 ? -6.939  1.968   11.586  1.00 40.73 ? 221 ASP A CA  1 
ATOM 1533 C C   . ASP A 1 224 ? -7.117  0.692   12.398  1.00 40.25 ? 221 ASP A C   1 
ATOM 1534 O O   . ASP A 1 224 ? -6.148  0.159   12.926  1.00 38.83 ? 221 ASP A O   1 
ATOM 1535 C CB  . ASP A 1 224 ? -7.315  3.164   12.449  1.00 42.76 ? 221 ASP A CB  1 
ATOM 1536 C CG  . ASP A 1 224 ? -6.568  4.406   12.057  1.00 45.48 ? 221 ASP A CG  1 
ATOM 1537 O OD1 . ASP A 1 224 ? -6.943  5.051   11.055  1.00 46.63 ? 221 ASP A OD1 1 
ATOM 1538 O OD2 . ASP A 1 224 ? -5.579  4.724   12.747  1.00 49.37 ? 221 ASP A OD2 1 
ATOM 1539 N N   . MET A 1 225 ? -8.350  0.207   12.515  1.00 39.98 ? 222 MET A N   1 
ATOM 1540 C CA  . MET A 1 225 ? -8.583  -1.013  13.261  1.00 37.88 ? 222 MET A CA  1 
ATOM 1541 C C   . MET A 1 225 ? -7.946  -2.175  12.510  1.00 39.04 ? 222 MET A C   1 
ATOM 1542 O O   . MET A 1 225 ? -7.189  -2.946  13.079  1.00 37.61 ? 222 MET A O   1 
ATOM 1543 C CB  . MET A 1 225 ? -10.075 -1.271  13.436  1.00 36.60 ? 222 MET A CB  1 
ATOM 1544 C CG  . MET A 1 225 ? -10.717 -0.536  14.598  1.00 33.72 ? 222 MET A CG  1 
ATOM 1545 S SD  . MET A 1 225 ? -12.475 -0.920  14.676  1.00 27.56 ? 222 MET A SD  1 
ATOM 1546 C CE  . MET A 1 225 ? -12.402 -2.508  15.495  1.00 26.21 ? 222 MET A CE  1 
ATOM 1547 N N   . LEU A 1 226 ? -8.255  -2.289  11.225  1.00 39.92 ? 223 LEU A N   1 
ATOM 1548 C CA  . LEU A 1 226 ? -7.695  -3.354  10.403  1.00 40.68 ? 223 LEU A CA  1 
ATOM 1549 C C   . LEU A 1 226 ? -6.156  -3.404  10.494  1.00 40.47 ? 223 LEU A C   1 
ATOM 1550 O O   . LEU A 1 226 ? -5.577  -4.466  10.720  1.00 39.93 ? 223 LEU A O   1 
ATOM 1551 C CB  . LEU A 1 226 ? -8.133  -3.167  8.946   1.00 40.05 ? 223 LEU A CB  1 
ATOM 1552 C CG  . LEU A 1 226 ? -9.617  -3.388  8.648   1.00 38.89 ? 223 LEU A CG  1 
ATOM 1553 C CD1 . LEU A 1 226 ? -9.906  -3.091  7.194   1.00 39.20 ? 223 LEU A CD1 1 
ATOM 1554 C CD2 . LEU A 1 226 ? -9.985  -4.829  8.970   1.00 42.38 ? 223 LEU A CD2 1 
ATOM 1555 N N   . GLU A 1 227 ? -5.510  -2.252  10.321  1.00 40.38 ? 224 GLU A N   1 
ATOM 1556 C CA  . GLU A 1 227 ? -4.049  -2.159  10.383  1.00 38.36 ? 224 GLU A CA  1 
ATOM 1557 C C   . GLU A 1 227 ? -3.515  -2.411  11.785  1.00 37.72 ? 224 GLU A C   1 
ATOM 1558 O O   . GLU A 1 227 ? -2.317  -2.665  11.975  1.00 32.69 ? 224 GLU A O   1 
ATOM 1559 C CB  . GLU A 1 227 ? -3.580  -0.783  9.903   1.00 37.06 ? 224 GLU A CB  1 
ATOM 1560 C CG  . GLU A 1 227 ? -3.798  -0.552  8.418   1.00 38.06 ? 224 GLU A CG  1 
ATOM 1561 C CD  . GLU A 1 227 ? -3.374  0.840   7.973   1.00 41.47 ? 224 GLU A CD  1 
ATOM 1562 O OE1 . GLU A 1 227 ? -3.463  1.778   8.805   1.00 42.92 ? 224 GLU A OE1 1 
ATOM 1563 O OE2 . GLU A 1 227 ? -2.970  0.999   6.792   1.00 38.55 ? 224 GLU A OE2 1 
ATOM 1564 N N   . ASP A 1 228 ? -4.412  -2.322  12.765  1.00 37.69 ? 225 ASP A N   1 
ATOM 1565 C CA  . ASP A 1 228 ? -4.064  -2.545  14.152  1.00 38.84 ? 225 ASP A CA  1 
ATOM 1566 C C   . ASP A 1 228 ? -3.853  -4.025  14.392  1.00 37.78 ? 225 ASP A C   1 
ATOM 1567 O O   . ASP A 1 228 ? -3.125  -4.399  15.307  1.00 36.74 ? 225 ASP A O   1 
ATOM 1568 C CB  . ASP A 1 228 ? -5.170  -2.017  15.078  1.00 43.70 ? 225 ASP A CB  1 
ATOM 1569 C CG  . ASP A 1 228 ? -5.223  -0.501  15.113  1.00 49.07 ? 225 ASP A CG  1 
ATOM 1570 O OD1 . ASP A 1 228 ? -6.221  0.050   15.632  1.00 53.11 ? 225 ASP A OD1 1 
ATOM 1571 O OD2 . ASP A 1 228 ? -4.267  0.147   14.618  1.00 52.32 ? 225 ASP A OD2 1 
ATOM 1572 N N   . CYS A 1 229 ? -4.499  -4.863  13.579  1.00 38.43 ? 226 CYS A N   1 
ATOM 1573 C CA  . CYS A 1 229 ? -4.359  -6.315  13.718  1.00 40.62 ? 226 CYS A CA  1 
ATOM 1574 C C   . CYS A 1 229 ? -2.949  -6.662  13.269  1.00 40.26 ? 226 CYS A C   1 
ATOM 1575 O O   . CYS A 1 229 ? -2.431  -6.056  12.336  1.00 39.69 ? 226 CYS A O   1 
ATOM 1576 C CB  . CYS A 1 229 ? -5.380  -7.042  12.851  1.00 41.41 ? 226 CYS A CB  1 
ATOM 1577 S SG  . CYS A 1 229 ? -7.050  -6.303  12.927  1.00 48.69 ? 226 CYS A SG  1 
ATOM 1578 N N   . ASP A 1 230 ? -2.325  -7.621  13.942  1.00 40.61 ? 227 ASP A N   1 
ATOM 1579 C CA  . ASP A 1 230 ? -0.954  -8.006  13.612  1.00 41.54 ? 227 ASP A CA  1 
ATOM 1580 C C   . ASP A 1 230 ? -0.902  -8.868  12.363  1.00 40.91 ? 227 ASP A C   1 
ATOM 1581 O O   . ASP A 1 230 ? 0.146   -8.974  11.707  1.00 42.94 ? 227 ASP A O   1 
ATOM 1582 C CB  . ASP A 1 230 ? -0.317  -8.766  14.774  1.00 43.09 ? 227 ASP A CB  1 
ATOM 1583 C CG  . ASP A 1 230 ? -0.817  -8.295  16.125  1.00 47.10 ? 227 ASP A CG  1 
ATOM 1584 O OD1 . ASP A 1 230 ? 0.029   -8.116  17.036  1.00 46.90 ? 227 ASP A OD1 1 
ATOM 1585 O OD2 . ASP A 1 230 ? -2.055  -8.117  16.276  1.00 46.13 ? 227 ASP A OD2 1 
ATOM 1586 N N   . ASP A 1 231 ? -2.032  -9.483  12.034  1.00 38.68 ? 228 ASP A N   1 
ATOM 1587 C CA  . ASP A 1 231 ? -2.116  -10.338 10.860  1.00 37.99 ? 228 ASP A CA  1 
ATOM 1588 C C   . ASP A 1 231 ? -2.283  -9.542  9.578   1.00 36.70 ? 228 ASP A C   1 
ATOM 1589 O O   . ASP A 1 231 ? -1.988  -10.027 8.496   1.00 36.21 ? 228 ASP A O   1 
ATOM 1590 C CB  . ASP A 1 231 ? -3.286  -11.314 10.995  1.00 38.56 ? 228 ASP A CB  1 
ATOM 1591 C CG  . ASP A 1 231 ? -3.024  -12.390 12.011  1.00 37.79 ? 228 ASP A CG  1 
ATOM 1592 O OD1 . ASP A 1 231 ? -1.912  -12.943 11.991  1.00 36.97 ? 228 ASP A OD1 1 
ATOM 1593 O OD2 . ASP A 1 231 ? -3.927  -12.693 12.821  1.00 40.66 ? 228 ASP A OD2 1 
ATOM 1594 N N   . VAL A 1 232 ? -2.752  -8.313  9.704   1.00 35.49 ? 229 VAL A N   1 
ATOM 1595 C CA  . VAL A 1 232 ? -2.986  -7.480  8.532   1.00 35.54 ? 229 VAL A CA  1 
ATOM 1596 C C   . VAL A 1 232 ? -1.695  -6.913  7.929   1.00 36.18 ? 229 VAL A C   1 
ATOM 1597 O O   . VAL A 1 232 ? -1.107  -5.987  8.479   1.00 36.24 ? 229 VAL A O   1 
ATOM 1598 C CB  . VAL A 1 232 ? -3.967  -6.335  8.901   1.00 33.96 ? 229 VAL A CB  1 
ATOM 1599 C CG1 . VAL A 1 232 ? -4.249  -5.454  7.717   1.00 30.62 ? 229 VAL A CG1 1 
ATOM 1600 C CG2 . VAL A 1 232 ? -5.268  -6.942  9.412   1.00 35.60 ? 229 VAL A CG2 1 
ATOM 1601 N N   . GLN A 1 233 ? -1.252  -7.485  6.810   1.00 35.47 ? 230 GLN A N   1 
ATOM 1602 C CA  . GLN A 1 233 ? -0.042  -7.008  6.136   1.00 35.78 ? 230 GLN A CA  1 
ATOM 1603 C C   . GLN A 1 233 ? -0.337  -5.764  5.284   1.00 35.41 ? 230 GLN A C   1 
ATOM 1604 O O   . GLN A 1 233 ? 0.378   -4.760  5.368   1.00 33.64 ? 230 GLN A O   1 
ATOM 1605 C CB  . GLN A 1 233 ? 0.556   -8.109  5.252   1.00 35.12 ? 230 GLN A CB  1 
ATOM 1606 C CG  . GLN A 1 233 ? 1.435   -9.143  5.978   1.00 35.25 ? 230 GLN A CG  1 
ATOM 1607 C CD  . GLN A 1 233 ? 2.827   -8.618  6.321   1.00 36.32 ? 230 GLN A CD  1 
ATOM 1608 O OE1 . GLN A 1 233 ? 3.494   -8.004  5.486   1.00 41.50 ? 230 GLN A OE1 1 
ATOM 1609 N NE2 . GLN A 1 233 ? 3.278   -8.876  7.546   1.00 34.31 ? 230 GLN A NE2 1 
ATOM 1610 N N   . GLU A 1 234 ? -1.402  -5.817  4.486   1.00 35.11 ? 231 GLU A N   1 
ATOM 1611 C CA  . GLU A 1 234 ? -1.739  -4.679  3.634   1.00 36.96 ? 231 GLU A CA  1 
ATOM 1612 C C   . GLU A 1 234 ? -3.240  -4.358  3.522   1.00 36.59 ? 231 GLU A C   1 
ATOM 1613 O O   . GLU A 1 234 ? -4.061  -5.262  3.448   1.00 36.68 ? 231 GLU A O   1 
ATOM 1614 C CB  . GLU A 1 234 ? -1.172  -4.919  2.232   1.00 38.13 ? 231 GLU A CB  1 
ATOM 1615 C CG  . GLU A 1 234 ? -0.372  -3.757  1.694   1.00 41.23 ? 231 GLU A CG  1 
ATOM 1616 C CD  . GLU A 1 234 ? 1.025   -3.677  2.272   1.00 42.38 ? 231 GLU A CD  1 
ATOM 1617 O OE1 . GLU A 1 234 ? 1.532   -2.540  2.384   1.00 40.06 ? 231 GLU A OE1 1 
ATOM 1618 O OE2 . GLU A 1 234 ? 1.612   -4.740  2.591   1.00 40.01 ? 231 GLU A OE2 1 
ATOM 1619 N N   . VAL A 1 235 ? -3.570  -3.066  3.508   1.00 37.23 ? 232 VAL A N   1 
ATOM 1620 C CA  . VAL A 1 235 ? -4.945  -2.584  3.371   1.00 38.10 ? 232 VAL A CA  1 
ATOM 1621 C C   . VAL A 1 235 ? -5.058  -1.522  2.249   1.00 40.24 ? 232 VAL A C   1 
ATOM 1622 O O   . VAL A 1 235 ? -4.481  -0.428  2.357   1.00 39.19 ? 232 VAL A O   1 
ATOM 1623 C CB  . VAL A 1 235 ? -5.481  -1.930  4.685   1.00 38.12 ? 232 VAL A CB  1 
ATOM 1624 C CG1 . VAL A 1 235 ? -6.968  -1.547  4.505   1.00 36.25 ? 232 VAL A CG1 1 
ATOM 1625 C CG2 . VAL A 1 235 ? -5.321  -2.875  5.861   1.00 35.50 ? 232 VAL A CG2 1 
ATOM 1626 N N   . TYR A 1 236 ? -5.810  -1.848  1.193   1.00 40.66 ? 233 TYR A N   1 
ATOM 1627 C CA  . TYR A 1 236 ? -6.029  -0.949  0.046   1.00 42.44 ? 233 TYR A CA  1 
ATOM 1628 C C   . TYR A 1 236 ? -7.508  -0.538  -0.134  1.00 43.34 ? 233 TYR A C   1 
ATOM 1629 O O   . TYR A 1 236 ? -8.417  -1.334  0.127   1.00 45.20 ? 233 TYR A O   1 
ATOM 1630 C CB  . TYR A 1 236 ? -5.562  -1.613  -1.257  1.00 41.04 ? 233 TYR A CB  1 
ATOM 1631 C CG  . TYR A 1 236 ? -4.138  -2.101  -1.248  1.00 41.20 ? 233 TYR A CG  1 
ATOM 1632 C CD1 . TYR A 1 236 ? -3.846  -3.458  -1.090  1.00 43.14 ? 233 TYR A CD1 1 
ATOM 1633 C CD2 . TYR A 1 236 ? -3.073  -1.210  -1.389  1.00 41.94 ? 233 TYR A CD2 1 
ATOM 1634 C CE1 . TYR A 1 236 ? -2.531  -3.913  -1.072  1.00 40.92 ? 233 TYR A CE1 1 
ATOM 1635 C CE2 . TYR A 1 236 ? -1.751  -1.657  -1.369  1.00 42.70 ? 233 TYR A CE2 1 
ATOM 1636 C CZ  . TYR A 1 236 ? -1.490  -3.008  -1.210  1.00 42.87 ? 233 TYR A CZ  1 
ATOM 1637 O OH  . TYR A 1 236 ? -0.187  -3.453  -1.168  1.00 44.07 ? 233 TYR A OH  1 
ATOM 1638 N N   . HIS A 1 237 ? -7.746  0.690   -0.596  1.00 43.10 ? 234 HIS A N   1 
ATOM 1639 C CA  . HIS A 1 237 ? -9.109  1.163   -0.809  1.00 43.99 ? 234 HIS A CA  1 
ATOM 1640 C C   . HIS A 1 237 ? -9.228  2.224   -1.911  1.00 46.56 ? 234 HIS A C   1 
ATOM 1641 O O   . HIS A 1 237 ? -8.239  2.856   -2.296  1.00 46.21 ? 234 HIS A O   1 
ATOM 1642 C CB  . HIS A 1 237 ? -9.667  1.742   0.486   1.00 42.81 ? 234 HIS A CB  1 
ATOM 1643 C CG  . HIS A 1 237 ? -9.094  3.075   0.833   1.00 40.63 ? 234 HIS A CG  1 
ATOM 1644 N ND1 . HIS A 1 237 ? -7.891  3.223   1.490   1.00 42.64 ? 234 HIS A ND1 1 
ATOM 1645 C CD2 . HIS A 1 237 ? -9.536  4.330   0.569   1.00 37.65 ? 234 HIS A CD2 1 
ATOM 1646 C CE1 . HIS A 1 237 ? -7.617  4.511   1.618   1.00 38.49 ? 234 HIS A CE1 1 
ATOM 1647 N NE2 . HIS A 1 237 ? -8.602  5.200   1.067   1.00 37.64 ? 234 HIS A NE2 1 
ATOM 1648 N N   . ASN A 1 238 ? -10.454 2.433   -2.395  1.00 48.24 ? 235 ASN A N   1 
ATOM 1649 C CA  . ASN A 1 238 ? -10.713 3.408   -3.451  1.00 50.27 ? 235 ASN A CA  1 
ATOM 1650 C C   . ASN A 1 238 ? -11.420 4.669   -2.944  1.00 51.59 ? 235 ASN A C   1 
ATOM 1651 O O   . ASN A 1 238 ? -11.975 5.437   -3.734  1.00 51.20 ? 235 ASN A O   1 
ATOM 1652 C CB  . ASN A 1 238 ? -11.559 2.780   -4.569  1.00 51.78 ? 235 ASN A CB  1 
ATOM 1653 C CG  . ASN A 1 238 ? -13.033 2.590   -4.173  1.00 53.85 ? 235 ASN A CG  1 
ATOM 1654 O OD1 . ASN A 1 238 ? -13.894 2.389   -5.033  1.00 53.88 ? 235 ASN A OD1 1 
ATOM 1655 N ND2 . ASN A 1 238 ? -13.322 2.651   -2.873  1.00 53.38 ? 235 ASN A ND2 1 
ATOM 1656 N N   . GLY A 1 239 ? -11.395 4.878   -1.631  1.00 53.07 ? 236 GLY A N   1 
ATOM 1657 C CA  . GLY A 1 239 ? -12.041 6.042   -1.049  1.00 55.07 ? 236 GLY A CA  1 
ATOM 1658 C C   . GLY A 1 239 ? -11.361 7.352   -1.404  1.00 56.82 ? 236 GLY A C   1 
ATOM 1659 O O   . GLY A 1 239 ? -10.774 8.010   -0.543  1.00 57.82 ? 236 GLY A O   1 
ATOM 1660 N N   . GLU A 1 240 ? -11.437 7.752   -2.668  1.00 57.88 ? 237 GLU A N   1 
ATOM 1661 C CA  . GLU A 1 240 ? -10.799 8.992   -3.064  1.00 58.80 ? 237 GLU A CA  1 
ATOM 1662 C C   . GLU A 1 240 ? -11.346 10.111  -2.205  1.00 59.41 ? 237 GLU A C   1 
ATOM 1663 O O   . GLU A 1 240 ? -12.522 10.114  -1.851  1.00 59.89 ? 237 GLU A O   1 
ATOM 1664 C CB  . GLU A 1 240 ? -11.052 9.286   -4.537  1.00 59.87 ? 237 GLU A CB  1 
ATOM 1665 C CG  . GLU A 1 240 ? -10.107 10.321  -5.103  1.00 59.90 ? 237 GLU A CG  1 
ATOM 1666 C CD  . GLU A 1 240 ? -9.973  10.221  -6.608  1.00 61.15 ? 237 GLU A CD  1 
ATOM 1667 O OE1 . GLU A 1 240 ? -10.977 10.471  -7.312  1.00 61.82 ? 237 GLU A OE1 1 
ATOM 1668 O OE2 . GLU A 1 240 ? -8.864  9.885   -7.082  1.00 61.58 ? 237 GLU A OE2 1 
ATOM 1669 N N   . ILE A 1 241 ? -10.474 11.047  -1.855  1.00 59.82 ? 238 ILE A N   1 
ATOM 1670 C CA  . ILE A 1 241 ? -10.836 12.184  -1.026  1.00 60.84 ? 238 ILE A CA  1 
ATOM 1671 C C   . ILE A 1 241 ? -10.488 13.477  -1.767  1.00 62.34 ? 238 ILE A C   1 
ATOM 1672 O O   . ILE A 1 241 ? -9.858  13.439  -2.833  1.00 62.02 ? 238 ILE A O   1 
ATOM 1673 C CB  . ILE A 1 241 ? -10.082 12.111  0.326   1.00 60.96 ? 238 ILE A CB  1 
ATOM 1674 C CG1 . ILE A 1 241 ? -10.557 10.879  1.100   1.00 62.21 ? 238 ILE A CG1 1 
ATOM 1675 C CG2 . ILE A 1 241 ? -10.304 13.367  1.144   1.00 60.74 ? 238 ILE A CG2 1 
ATOM 1676 C CD1 . ILE A 1 241 ? -9.933  10.723  2.471   1.00 62.95 ? 238 ILE A CD1 1 
ATOM 1677 N N   . SER A 1 242 ? -10.911 14.612  -1.211  1.00 62.72 ? 239 SER A N   1 
ATOM 1678 C CA  . SER A 1 242 ? -10.640 15.914  -1.808  1.00 63.94 ? 239 SER A CA  1 
ATOM 1679 C C   . SER A 1 242 ? -9.912  16.811  -0.810  1.00 65.14 ? 239 SER A C   1 
ATOM 1680 O O   . SER A 1 242 ? -10.053 16.649  0.404   1.00 65.00 ? 239 SER A O   1 
ATOM 1681 C CB  . SER A 1 242 ? -11.949 16.586  -2.243  1.00 63.52 ? 239 SER A CB  1 
ATOM 1682 O OG  . SER A 1 242 ? -12.773 16.903  -1.130  1.00 61.93 ? 239 SER A OG  1 
ATOM 1683 N N   . ASP A 1 243 ? -9.132  17.756  -1.330  1.00 66.45 ? 240 ASP A N   1 
ATOM 1684 C CA  . ASP A 1 243 ? -8.386  18.692  -0.495  1.00 67.42 ? 240 ASP A CA  1 
ATOM 1685 C C   . ASP A 1 243 ? -9.351  19.437  0.413   1.00 69.16 ? 240 ASP A C   1 
ATOM 1686 O O   . ASP A 1 243 ? -9.015  19.775  1.547   1.00 69.74 ? 240 ASP A O   1 
ATOM 1687 C CB  . ASP A 1 243 ? -7.630  19.687  -1.380  1.00 66.55 ? 240 ASP A CB  1 
ATOM 1688 C CG  . ASP A 1 243 ? -6.541  19.025  -2.208  1.00 64.59 ? 240 ASP A CG  1 
ATOM 1689 O OD1 . ASP A 1 243 ? -6.729  17.867  -2.636  1.00 64.76 ? 240 ASP A OD1 1 
ATOM 1690 O OD2 . ASP A 1 243 ? -5.501  19.669  -2.438  1.00 64.27 ? 240 ASP A OD2 1 
ATOM 1691 N N   . GLU A 1 244 ? -10.558 19.678  -0.099  1.00 71.29 ? 241 GLU A N   1 
ATOM 1692 C CA  . GLU A 1 244 ? -11.616 20.379  0.632   1.00 71.86 ? 241 GLU A CA  1 
ATOM 1693 C C   . GLU A 1 244 ? -11.966 19.660  1.932   1.00 72.15 ? 241 GLU A C   1 
ATOM 1694 O O   . GLU A 1 244 ? -11.937 20.255  3.013   1.00 72.52 ? 241 GLU A O   1 
ATOM 1695 C CB  . GLU A 1 244 ? -12.878 20.471  -0.230  1.00 72.50 ? 241 GLU A CB  1 
ATOM 1696 C CG  . GLU A 1 244 ? -13.702 21.727  -0.001  1.00 73.26 ? 241 GLU A CG  1 
ATOM 1697 C CD  . GLU A 1 244 ? -13.102 22.945  -0.684  1.00 74.30 ? 241 GLU A CD  1 
ATOM 1698 O OE1 . GLU A 1 244 ? -13.622 24.063  -0.476  1.00 74.06 ? 241 GLU A OE1 1 
ATOM 1699 O OE2 . GLU A 1 244 ? -12.114 22.782  -1.436  1.00 74.70 ? 241 GLU A OE2 1 
ATOM 1700 N N   . VAL A 1 245 ? -12.304 18.378  1.813   1.00 71.66 ? 242 VAL A N   1 
ATOM 1701 C CA  . VAL A 1 245 ? -12.668 17.558  2.966   1.00 71.48 ? 242 VAL A CA  1 
ATOM 1702 C C   . VAL A 1 245 ? -11.458 17.069  3.755   1.00 71.72 ? 242 VAL A C   1 
ATOM 1703 O O   . VAL A 1 245 ? -11.506 16.995  4.983   1.00 71.95 ? 242 VAL A O   1 
ATOM 1704 C CB  . VAL A 1 245 ? -13.492 16.327  2.537   1.00 71.42 ? 242 VAL A CB  1 
ATOM 1705 C CG1 . VAL A 1 245 ? -12.677 15.458  1.607   1.00 70.25 ? 242 VAL A CG1 1 
ATOM 1706 C CG2 . VAL A 1 245 ? -13.921 15.540  3.759   1.00 71.88 ? 242 VAL A CG2 1 
ATOM 1707 N N   . ALA A 1 246 ? -10.376 16.733  3.052   1.00 71.26 ? 243 ALA A N   1 
ATOM 1708 C CA  . ALA A 1 246 ? -9.157  16.255  3.700   1.00 70.91 ? 243 ALA A CA  1 
ATOM 1709 C C   . ALA A 1 246 ? -8.715  17.210  4.811   1.00 70.87 ? 243 ALA A C   1 
ATOM 1710 O O   . ALA A 1 246 ? -7.909  16.850  5.674   1.00 70.90 ? 243 ALA A O   1 
ATOM 1711 C CB  . ALA A 1 246 ? -8.042  16.097  2.665   1.00 70.04 ? 243 ALA A CB  1 
ATOM 1712 N N   . ALA A 1 247 ? -9.252  18.428  4.781   1.00 70.85 ? 244 ALA A N   1 
ATOM 1713 C CA  . ALA A 1 247 ? -8.934  19.441  5.780   1.00 69.87 ? 244 ALA A CA  1 
ATOM 1714 C C   . ALA A 1 247 ? -10.011 19.491  6.859   1.00 69.72 ? 244 ALA A C   1 
ATOM 1715 O O   . ALA A 1 247 ? -10.438 20.565  7.274   1.00 71.08 ? 244 ALA A O   1 
ATOM 1716 C CB  . ALA A 1 247 ? -8.799  20.805  5.115   1.00 69.36 ? 244 ALA A CB  1 
ATOM 1717 N N   . THR A 1 248 ? -10.453 18.324  7.307   1.00 69.02 ? 245 THR A N   1 
ATOM 1718 C CA  . THR A 1 248 ? -11.476 18.240  8.347   1.00 67.48 ? 245 THR A CA  1 
ATOM 1719 C C   . THR A 1 248 ? -11.014 17.205  9.358   1.00 66.59 ? 245 THR A C   1 
ATOM 1720 O O   . THR A 1 248 ? -11.249 17.338  10.561  1.00 66.45 ? 245 THR A O   1 
ATOM 1721 C CB  . THR A 1 248 ? -12.839 17.774  7.778   1.00 68.01 ? 245 THR A CB  1 
ATOM 1722 O OG1 . THR A 1 248 ? -12.718 16.434  7.280   1.00 66.23 ? 245 THR A OG1 1 
ATOM 1723 C CG2 . THR A 1 248 ? -13.295 18.697  6.651   1.00 68.07 ? 245 THR A CG2 1 
ATOM 1724 N N   . LEU A 1 249 ? -10.350 16.175  8.843   1.00 64.63 ? 246 LEU A N   1 
ATOM 1725 C CA  . LEU A 1 249 ? -9.832  15.072  9.641   1.00 63.06 ? 246 LEU A CA  1 
ATOM 1726 C C   . LEU A 1 249 ? -8.869  15.534  10.734  1.00 62.41 ? 246 LEU A C   1 
ATOM 1727 O O   . LEU A 1 249 ? -8.829  16.746  11.024  1.00 61.71 ? 246 LEU A O   1 
ATOM 1728 C CB  . LEU A 1 249 ? -9.134  14.074  8.720   1.00 62.69 ? 246 LEU A CB  1 
ATOM 1729 C CG  . LEU A 1 249 ? -9.907  13.642  7.469   1.00 62.29 ? 246 LEU A CG  1 
ATOM 1730 C CD1 . LEU A 1 249 ? -8.963  12.901  6.536   1.00 61.60 ? 246 LEU A CD1 1 
ATOM 1731 C CD2 . LEU A 1 249 ? -11.099 12.759  7.848   1.00 60.80 ? 246 LEU A CD2 1 
ATOM 1732 O OXT . LEU A 1 249 ? -8.172  14.671  11.303  1.00 62.23 ? 246 LEU A OXT 1 
# 
